data_6X0Q
#
_entry.id   6X0Q
#
_cell.length_a   218.015
_cell.length_b   176.136
_cell.length_c   100.235
_cell.angle_alpha   90.000
_cell.angle_beta   98.530
_cell.angle_gamma   90.000
#
_symmetry.space_group_name_H-M   'C 1 2 1'
#
loop_
_entity.id
_entity.type
_entity.pdbx_description
1 polymer 'Capsid protein Circular Permutant'
2 non-polymer 'PROTOPORPHYRIN IX CONTAINING FE'
#
_entity_poly.entity_id   1
_entity_poly.type   'polypeptide(L)'
_entity_poly.pdbx_seq_one_letter_code
;GANPTTAETLDATRRVDDATVAIRSAINNLIVELIRGTGSYNRSSFESSSGLVWTSGPAGEGSYSITTPSQFVFLSSAWA
DPIELINLCTNALGNQFQTQHARTVVQRQFSEVWKPSPQVTVRFPDSDFKVYRYNAVLDPLVTALLGAFDTRNRIIEVEN
Q
;
_entity_poly.pdbx_strand_id   A,B,C,D,E,F,G,H,I,J,K,L,M,N,O,P,Q
#
# COMPACT_ATOMS: atom_id res chain seq x y z
N ARG A 14 33.31 3.90 14.86
CA ARG A 14 33.82 3.66 16.21
C ARG A 14 35.27 3.17 16.17
N ARG A 15 35.72 2.78 14.99
CA ARG A 15 37.10 2.35 14.80
C ARG A 15 38.04 3.50 14.45
N VAL A 16 37.52 4.64 14.02
CA VAL A 16 38.38 5.77 13.70
C VAL A 16 39.08 6.28 14.96
N ASP A 17 38.41 6.22 16.10
CA ASP A 17 39.03 6.62 17.36
C ASP A 17 40.19 5.69 17.71
N ASP A 18 39.99 4.39 17.57
CA ASP A 18 41.05 3.43 17.82
C ASP A 18 42.22 3.64 16.87
N ALA A 19 41.93 3.89 15.59
CA ALA A 19 43.00 4.15 14.63
C ALA A 19 43.80 5.39 15.01
N THR A 20 43.10 6.47 15.40
CA THR A 20 43.79 7.69 15.80
C THR A 20 44.67 7.44 17.03
N VAL A 21 44.13 6.76 18.03
CA VAL A 21 44.89 6.50 19.25
C VAL A 21 46.12 5.65 18.94
N ALA A 22 45.97 4.63 18.09
CA ALA A 22 47.11 3.78 17.74
C ALA A 22 48.18 4.57 17.00
N ILE A 23 47.76 5.41 16.05
CA ILE A 23 48.71 6.25 15.31
C ILE A 23 49.47 7.15 16.28
N ARG A 24 48.75 7.82 17.18
CA ARG A 24 49.40 8.71 18.13
C ARG A 24 50.36 7.96 19.05
N SER A 25 49.97 6.76 19.48
CA SER A 25 50.84 5.97 20.35
C SER A 25 52.13 5.57 19.62
N ALA A 26 52.00 5.16 18.34
CA ALA A 26 53.19 4.78 17.59
C ALA A 26 54.11 5.98 17.37
N ILE A 27 53.53 7.15 17.07
CA ILE A 27 54.33 8.35 16.89
C ILE A 27 55.04 8.71 18.18
N ASN A 28 54.33 8.61 19.31
CA ASN A 28 54.92 8.95 20.60
C ASN A 28 56.04 8.00 20.97
N ASN A 29 55.89 6.70 20.67
CA ASN A 29 56.96 5.76 20.99
C ASN A 29 58.19 6.03 20.12
N LEU A 30 57.99 6.27 18.83
CA LEU A 30 59.10 6.64 17.97
C LEU A 30 59.79 7.92 18.46
N ILE A 31 59.00 8.90 18.92
CA ILE A 31 59.56 10.14 19.45
C ILE A 31 60.37 9.86 20.71
N VAL A 32 59.84 9.01 21.60
CA VAL A 32 60.55 8.67 22.82
C VAL A 32 61.92 8.08 22.50
N GLU A 33 61.99 7.19 21.51
CA GLU A 33 63.28 6.60 21.19
C GLU A 33 64.18 7.55 20.39
N LEU A 34 63.60 8.47 19.60
CA LEU A 34 64.42 9.42 18.85
C LEU A 34 65.01 10.50 19.76
N ILE A 35 64.30 10.86 20.84
CA ILE A 35 64.82 11.86 21.77
C ILE A 35 66.11 11.38 22.41
N ARG A 36 66.16 10.11 22.79
CA ARG A 36 67.35 9.52 23.39
C ARG A 36 68.50 9.38 22.39
N GLY A 37 68.25 9.63 21.11
CA GLY A 37 69.28 9.57 20.09
C GLY A 37 69.59 8.19 19.56
N THR A 38 68.89 7.16 20.02
CA THR A 38 69.20 5.79 19.58
C THR A 38 68.91 5.63 18.10
N GLY A 39 69.73 4.79 17.45
CA GLY A 39 69.61 4.58 16.03
C GLY A 39 70.28 5.62 15.15
N SER A 40 71.10 6.49 15.72
CA SER A 40 71.80 7.52 14.96
C SER A 40 73.26 7.12 14.78
N TYR A 41 73.75 7.20 13.54
CA TYR A 41 75.09 6.76 13.18
C TYR A 41 75.82 7.87 12.45
N ASN A 42 77.11 8.01 12.74
CA ASN A 42 78.02 8.77 11.91
C ASN A 42 78.86 7.78 11.09
N ARG A 43 79.86 8.30 10.37
CA ARG A 43 80.69 7.41 9.56
C ARG A 43 81.40 6.38 10.43
N SER A 44 81.93 6.82 11.57
CA SER A 44 82.68 5.94 12.45
C SER A 44 81.80 4.81 12.99
N SER A 45 80.67 5.17 13.61
CA SER A 45 79.81 4.15 14.21
C SER A 45 79.18 3.26 13.14
N PHE A 46 78.82 3.83 11.99
CA PHE A 46 78.28 3.03 10.90
C PHE A 46 79.28 1.99 10.42
N GLU A 47 80.48 2.44 10.04
CA GLU A 47 81.46 1.50 9.52
C GLU A 47 81.98 0.54 10.58
N SER A 48 81.84 0.87 11.86
CA SER A 48 82.26 -0.06 12.91
C SER A 48 81.20 -1.11 13.19
N SER A 49 79.94 -0.70 13.33
CA SER A 49 78.89 -1.63 13.72
C SER A 49 78.40 -2.47 12.55
N SER A 50 78.52 -1.97 11.33
CA SER A 50 78.11 -2.72 10.15
C SER A 50 79.19 -3.63 9.59
N GLY A 51 80.43 -3.49 10.07
CA GLY A 51 81.54 -4.27 9.55
C GLY A 51 81.98 -3.91 8.15
N LEU A 52 81.39 -2.88 7.54
CA LEU A 52 81.76 -2.49 6.19
C LEU A 52 83.06 -1.71 6.24
N VAL A 53 84.07 -2.17 5.50
CA VAL A 53 85.39 -1.58 5.47
C VAL A 53 85.55 -0.83 4.16
N TRP A 54 85.96 0.43 4.24
CA TRP A 54 86.11 1.26 3.05
C TRP A 54 87.55 1.14 2.56
N THR A 55 87.71 0.59 1.35
CA THR A 55 89.02 0.48 0.71
C THR A 55 89.11 1.51 -0.41
N SER A 56 90.21 2.23 -0.44
CA SER A 56 90.41 3.34 -1.37
C SER A 56 91.17 2.82 -2.59
N GLY A 57 90.42 2.23 -3.52
CA GLY A 57 90.98 1.76 -4.76
C GLY A 57 91.55 2.89 -5.58
N PRO A 58 92.27 2.56 -6.66
CA PRO A 58 92.89 3.60 -7.50
C PRO A 58 91.83 4.45 -8.19
N ALA A 59 91.88 5.76 -7.93
CA ALA A 59 92.84 6.35 -7.03
C ALA A 59 92.16 7.35 -6.09
N GLY A 60 91.22 8.11 -6.65
CA GLY A 60 90.48 9.09 -5.89
C GLY A 60 89.14 8.60 -5.40
N GLU A 61 88.71 7.42 -5.87
CA GLU A 61 87.46 6.84 -5.42
C GLU A 61 87.72 5.67 -4.46
N GLY A 62 86.79 4.72 -4.42
CA GLY A 62 86.92 3.60 -3.51
C GLY A 62 85.60 2.86 -3.43
N SER A 63 85.55 1.90 -2.50
CA SER A 63 84.36 1.08 -2.36
C SER A 63 84.39 0.38 -1.01
N TYR A 64 83.21 -0.07 -0.58
CA TYR A 64 83.09 -0.89 0.63
C TYR A 64 83.31 -2.36 0.28
N SER A 65 83.98 -3.07 1.17
CA SER A 65 84.26 -4.49 1.00
C SER A 65 83.18 -5.28 1.73
N ILE A 66 82.34 -5.97 0.97
CA ILE A 66 81.23 -6.73 1.53
C ILE A 66 81.73 -8.10 1.93
N THR A 67 81.56 -8.44 3.21
CA THR A 67 82.02 -9.71 3.75
C THR A 67 80.88 -10.70 4.03
N THR A 68 79.69 -10.21 4.32
CA THR A 68 78.50 -11.04 4.48
C THR A 68 77.34 -10.32 3.80
N PRO A 69 76.35 -11.07 3.28
CA PRO A 69 75.26 -10.42 2.55
C PRO A 69 74.33 -9.60 3.44
N SER A 70 74.31 -9.87 4.75
CA SER A 70 73.49 -9.07 5.66
C SER A 70 73.83 -7.59 5.54
N GLN A 71 75.11 -7.28 5.34
CA GLN A 71 75.54 -5.89 5.20
C GLN A 71 74.80 -5.13 4.11
N PHE A 72 74.20 -5.85 3.15
CA PHE A 72 73.46 -5.17 2.09
C PHE A 72 72.32 -4.33 2.66
N VAL A 73 71.76 -4.74 3.79
CA VAL A 73 70.69 -3.96 4.42
C VAL A 73 71.20 -2.56 4.77
N PHE A 74 72.46 -2.45 5.20
CA PHE A 74 73.03 -1.14 5.51
C PHE A 74 73.17 -0.26 4.29
N LEU A 75 73.16 -0.83 3.08
CA LEU A 75 73.36 -0.07 1.87
C LEU A 75 72.07 0.17 1.09
N SER A 76 70.92 -0.05 1.72
CA SER A 76 69.64 0.17 1.07
C SER A 76 69.15 1.59 1.34
N SER A 77 67.94 1.89 0.86
CA SER A 77 67.31 3.19 1.10
C SER A 77 66.64 3.13 2.47
N ALA A 78 67.46 3.34 3.50
CA ALA A 78 67.00 3.14 4.87
C ALA A 78 67.69 4.12 5.82
N TRP A 79 67.87 5.37 5.37
CA TRP A 79 68.53 6.38 6.19
C TRP A 79 67.80 7.71 6.07
N ALA A 80 67.65 8.39 7.21
CA ALA A 80 66.96 9.67 7.27
C ALA A 80 67.74 10.64 8.14
N ASP A 81 67.64 11.92 7.81
CA ASP A 81 68.26 12.96 8.63
C ASP A 81 67.54 13.06 9.97
N PRO A 82 68.27 13.12 11.09
CA PRO A 82 67.59 13.16 12.39
C PRO A 82 66.68 14.36 12.57
N ILE A 83 67.15 15.55 12.18
CA ILE A 83 66.33 16.76 12.34
C ILE A 83 65.10 16.69 11.47
N GLU A 84 65.26 16.24 10.22
CA GLU A 84 64.11 16.09 9.33
C GLU A 84 63.10 15.10 9.89
N LEU A 85 63.56 14.00 10.47
CA LEU A 85 62.65 12.98 10.98
C LEU A 85 61.91 13.47 12.22
N ILE A 86 62.62 14.15 13.14
CA ILE A 86 61.94 14.63 14.34
C ILE A 86 61.00 15.78 14.00
N ASN A 87 61.33 16.60 13.00
CA ASN A 87 60.40 17.62 12.54
C ASN A 87 59.17 16.98 11.91
N LEU A 88 59.36 15.88 11.17
CA LEU A 88 58.23 15.16 10.62
C LEU A 88 57.32 14.65 11.73
N CYS A 89 57.90 14.10 12.80
CA CYS A 89 57.11 13.66 13.94
C CYS A 89 56.33 14.82 14.56
N THR A 90 57.02 15.94 14.79
CA THR A 90 56.38 17.10 15.39
C THR A 90 55.18 17.56 14.56
N ASN A 91 55.38 17.72 13.25
CA ASN A 91 54.29 18.18 12.39
C ASN A 91 53.20 17.13 12.24
N ALA A 92 53.56 15.84 12.30
CA ALA A 92 52.56 14.78 12.17
C ALA A 92 51.64 14.73 13.38
N LEU A 93 52.18 15.03 14.58
CA LEU A 93 51.33 15.01 15.76
C LEU A 93 50.22 16.05 15.70
N GLY A 94 50.30 17.02 14.79
CA GLY A 94 49.28 18.03 14.67
C GLY A 94 48.41 17.87 13.43
N ASN A 95 47.99 16.63 13.15
CA ASN A 95 47.17 16.33 12.00
C ASN A 95 45.81 15.79 12.44
N GLN A 96 44.83 15.88 11.54
CA GLN A 96 43.49 15.35 11.79
C GLN A 96 43.44 13.91 11.26
N PHE A 97 43.91 12.99 12.10
CA PHE A 97 43.95 11.58 11.74
C PHE A 97 42.58 10.92 11.75
N GLN A 98 41.53 11.65 12.13
CA GLN A 98 40.18 11.17 11.93
C GLN A 98 39.87 11.01 10.44
N THR A 99 40.55 11.76 9.59
CA THR A 99 40.37 11.66 8.15
C THR A 99 41.32 10.62 7.57
N GLN A 100 40.85 9.92 6.54
CA GLN A 100 41.69 8.94 5.85
C GLN A 100 42.81 9.63 5.07
N HIS A 101 42.54 10.82 4.54
CA HIS A 101 43.50 11.52 3.71
C HIS A 101 44.77 11.84 4.48
N ALA A 102 44.62 12.39 5.69
CA ALA A 102 45.79 12.72 6.51
C ALA A 102 46.59 11.47 6.84
N ARG A 103 45.90 10.37 7.15
CA ARG A 103 46.59 9.12 7.42
C ARG A 103 47.44 8.69 6.23
N THR A 104 46.85 8.68 5.04
CA THR A 104 47.59 8.32 3.82
C THR A 104 48.79 9.23 3.62
N VAL A 105 48.58 10.55 3.77
CA VAL A 105 49.63 11.51 3.47
C VAL A 105 50.81 11.34 4.43
N VAL A 106 50.54 11.28 5.74
CA VAL A 106 51.64 11.15 6.69
C VAL A 106 52.26 9.76 6.62
N GLN A 107 51.51 8.74 6.20
CA GLN A 107 52.12 7.44 5.95
C GLN A 107 53.14 7.53 4.82
N ARG A 108 52.76 8.18 3.71
CA ARG A 108 53.71 8.39 2.62
C ARG A 108 54.90 9.22 3.09
N GLN A 109 54.67 10.18 3.99
CA GLN A 109 55.78 10.99 4.50
C GLN A 109 56.75 10.15 5.32
N PHE A 110 56.23 9.29 6.19
CA PHE A 110 57.10 8.40 6.97
C PHE A 110 57.74 7.33 6.11
N SER A 111 57.16 7.03 4.95
CA SER A 111 57.76 6.03 4.06
C SER A 111 58.85 6.62 3.19
N GLU A 112 58.70 7.88 2.76
CA GLU A 112 59.65 8.50 1.86
C GLU A 112 60.81 9.18 2.58
N VAL A 113 60.73 9.31 3.91
CA VAL A 113 61.81 9.96 4.64
C VAL A 113 63.08 9.12 4.64
N TRP A 114 62.96 7.82 4.38
CA TRP A 114 64.11 6.92 4.37
C TRP A 114 64.72 6.91 2.96
N LYS A 115 65.87 7.54 2.82
CA LYS A 115 66.60 7.62 1.57
C LYS A 115 67.94 6.92 1.69
N PRO A 116 68.58 6.58 0.59
CA PRO A 116 69.91 5.97 0.67
C PRO A 116 70.99 7.02 0.89
N SER A 117 72.00 6.63 1.66
CA SER A 117 73.18 7.46 1.85
C SER A 117 74.45 6.65 1.61
N PRO A 118 74.68 5.52 2.31
CA PRO A 118 75.84 4.70 1.98
C PRO A 118 75.50 3.73 0.86
N GLN A 119 76.43 3.61 -0.08
CA GLN A 119 76.29 2.70 -1.20
C GLN A 119 77.60 1.94 -1.38
N VAL A 120 77.61 1.01 -2.34
CA VAL A 120 78.81 0.21 -2.58
C VAL A 120 79.97 1.09 -3.01
N THR A 121 79.69 2.11 -3.83
CA THR A 121 80.71 3.03 -4.32
C THR A 121 80.58 4.42 -3.73
N VAL A 122 79.72 4.61 -2.74
CA VAL A 122 79.49 5.92 -2.10
C VAL A 122 79.65 5.74 -0.60
N ARG A 123 80.69 6.36 -0.03
CA ARG A 123 80.96 6.23 1.38
C ARG A 123 79.98 7.04 2.21
N PHE A 124 79.76 6.57 3.45
CA PHE A 124 78.95 7.29 4.41
C PHE A 124 79.44 8.73 4.56
N PRO A 125 78.55 9.71 4.71
CA PRO A 125 78.98 11.10 4.83
C PRO A 125 80.01 11.32 5.94
N ASP A 126 80.89 12.30 5.72
CA ASP A 126 82.06 12.47 6.58
C ASP A 126 81.67 12.89 7.99
N SER A 127 80.79 13.88 8.12
CA SER A 127 80.48 14.45 9.43
C SER A 127 79.02 14.38 9.83
N ASP A 128 78.11 14.15 8.89
CA ASP A 128 76.69 14.15 9.23
C ASP A 128 76.31 12.88 9.99
N PHE A 129 75.14 12.91 10.61
CA PHE A 129 74.55 11.77 11.27
C PHE A 129 73.32 11.30 10.49
N LYS A 130 73.02 10.01 10.61
CA LYS A 130 71.90 9.42 9.89
C LYS A 130 71.16 8.47 10.81
N VAL A 131 69.86 8.30 10.55
CA VAL A 131 68.98 7.44 11.33
C VAL A 131 68.76 6.15 10.55
N TYR A 132 69.01 5.02 11.20
CA TYR A 132 68.97 3.72 10.54
C TYR A 132 67.56 3.14 10.65
N ARG A 133 66.93 2.93 9.48
CA ARG A 133 65.56 2.41 9.46
C ARG A 133 65.47 1.03 10.10
N TYR A 134 66.52 0.22 9.99
CA TYR A 134 66.49 -1.15 10.50
C TYR A 134 67.38 -1.31 11.73
N ASN A 135 67.55 -0.25 12.51
CA ASN A 135 68.17 -0.36 13.81
C ASN A 135 67.33 -1.27 14.71
N ALA A 136 68.00 -2.04 15.56
CA ALA A 136 67.32 -3.07 16.34
C ALA A 136 66.19 -2.49 17.19
N VAL A 137 66.31 -1.23 17.59
CA VAL A 137 65.28 -0.60 18.43
C VAL A 137 64.25 0.14 17.58
N LEU A 138 64.70 0.88 16.56
CA LEU A 138 63.80 1.69 15.76
C LEU A 138 62.98 0.89 14.76
N ASP A 139 63.47 -0.28 14.34
CA ASP A 139 62.77 -1.05 13.31
C ASP A 139 61.34 -1.42 13.72
N PRO A 140 61.08 -2.04 14.87
CA PRO A 140 59.70 -2.37 15.20
C PRO A 140 58.81 -1.15 15.39
N LEU A 141 59.36 -0.06 15.93
CA LEU A 141 58.56 1.15 16.12
C LEU A 141 58.15 1.75 14.78
N VAL A 142 59.09 1.85 13.84
CA VAL A 142 58.76 2.40 12.53
C VAL A 142 57.80 1.48 11.78
N THR A 143 57.97 0.16 11.92
CA THR A 143 57.06 -0.77 11.26
C THR A 143 55.65 -0.63 11.82
N ALA A 144 55.50 -0.60 13.15
CA ALA A 144 54.19 -0.44 13.75
C ALA A 144 53.57 0.91 13.39
N LEU A 145 54.40 1.95 13.30
CA LEU A 145 53.91 3.26 12.91
C LEU A 145 53.35 3.23 11.49
N LEU A 146 54.12 2.67 10.55
CA LEU A 146 53.64 2.58 9.17
C LEU A 146 52.39 1.72 9.07
N GLY A 147 52.28 0.68 9.91
CA GLY A 147 51.10 -0.15 9.90
C GLY A 147 49.89 0.47 10.55
N ALA A 148 50.08 1.43 11.46
CA ALA A 148 48.96 2.05 12.14
C ALA A 148 48.12 2.89 11.19
N PHE A 149 48.73 3.44 10.14
CA PHE A 149 47.96 4.23 9.17
C PHE A 149 47.08 3.37 8.29
N ASP A 150 47.32 2.06 8.24
CA ASP A 150 46.58 1.16 7.36
C ASP A 150 45.26 0.77 8.04
N THR A 151 44.36 1.75 8.08
CA THR A 151 43.03 1.54 8.66
C THR A 151 42.03 2.41 7.90
N ARG A 152 41.06 1.76 7.26
CA ARG A 152 40.03 2.45 6.51
C ARG A 152 38.67 2.17 7.12
N ASN A 153 37.68 2.93 6.69
CA ASN A 153 36.31 2.76 7.18
C ASN A 153 35.34 2.44 6.06
N ARG B 14 35.14 -6.58 6.95
CA ARG B 14 35.74 -7.07 8.19
C ARG B 14 36.92 -8.00 7.87
N ARG B 15 36.98 -8.44 6.61
CA ARG B 15 38.09 -9.28 6.17
C ARG B 15 39.26 -8.48 5.65
N VAL B 16 39.06 -7.20 5.33
CA VAL B 16 40.15 -6.36 4.85
C VAL B 16 41.17 -6.14 5.96
N ASP B 17 40.72 -6.05 7.22
CA ASP B 17 41.65 -5.90 8.34
C ASP B 17 42.53 -7.14 8.48
N ASP B 18 41.92 -8.33 8.40
CA ASP B 18 42.70 -9.56 8.45
C ASP B 18 43.67 -9.65 7.29
N ALA B 19 43.24 -9.26 6.09
CA ALA B 19 44.13 -9.27 4.93
C ALA B 19 45.31 -8.34 5.15
N THR B 20 45.05 -7.14 5.67
CA THR B 20 46.13 -6.18 5.93
C THR B 20 47.10 -6.73 6.95
N VAL B 21 46.60 -7.29 8.04
CA VAL B 21 47.47 -7.82 9.09
C VAL B 21 48.32 -8.96 8.54
N ALA B 22 47.72 -9.85 7.75
CA ALA B 22 48.48 -10.98 7.19
C ALA B 22 49.55 -10.49 6.22
N ILE B 23 49.21 -9.51 5.37
CA ILE B 23 50.19 -8.94 4.45
C ILE B 23 51.36 -8.35 5.21
N ARG B 24 51.06 -7.54 6.24
CA ARG B 24 52.12 -6.91 7.02
C ARG B 24 52.99 -7.95 7.72
N SER B 25 52.38 -9.00 8.27
CA SER B 25 53.15 -10.04 8.93
C SER B 25 54.06 -10.77 7.96
N ALA B 26 53.56 -11.08 6.75
CA ALA B 26 54.38 -11.75 5.76
C ALA B 26 55.54 -10.87 5.31
N ILE B 27 55.27 -9.58 5.11
CA ILE B 27 56.33 -8.65 4.73
C ILE B 27 57.38 -8.57 5.82
N ASN B 28 56.94 -8.50 7.09
CA ASN B 28 57.87 -8.41 8.20
C ASN B 28 58.73 -9.66 8.32
N ASN B 29 58.13 -10.84 8.11
CA ASN B 29 58.93 -12.07 8.19
C ASN B 29 59.95 -12.14 7.05
N LEU B 30 59.52 -11.81 5.84
CA LEU B 30 60.47 -11.76 4.72
C LEU B 30 61.59 -10.76 4.99
N ILE B 31 61.25 -9.61 5.58
CA ILE B 31 62.27 -8.61 5.92
C ILE B 31 63.23 -9.17 6.96
N VAL B 32 62.70 -9.84 7.98
CA VAL B 32 63.55 -10.41 9.02
C VAL B 32 64.55 -11.38 8.42
N GLU B 33 64.11 -12.23 7.50
CA GLU B 33 65.05 -13.18 6.93
C GLU B 33 65.97 -12.57 5.89
N LEU B 34 65.54 -11.52 5.18
CA LEU B 34 66.41 -10.85 4.22
C LEU B 34 67.48 -10.03 4.92
N ILE B 35 67.17 -9.50 6.11
CA ILE B 35 68.13 -8.71 6.87
C ILE B 35 69.32 -9.56 7.26
N ARG B 36 69.05 -10.80 7.71
CA ARG B 36 70.11 -11.72 8.08
C ARG B 36 70.94 -12.19 6.90
N GLY B 37 70.54 -11.83 5.68
CA GLY B 37 71.26 -12.19 4.48
C GLY B 37 70.99 -13.57 3.94
N THR B 38 70.10 -14.34 4.56
CA THR B 38 69.82 -15.69 4.11
C THR B 38 69.20 -15.67 2.73
N GLY B 39 69.54 -16.67 1.91
CA GLY B 39 69.06 -16.74 0.55
C GLY B 39 69.83 -15.88 -0.43
N SER B 40 70.94 -15.30 -0.03
CA SER B 40 71.77 -14.48 -0.91
C SER B 40 73.01 -15.26 -1.30
N TYR B 41 73.31 -15.27 -2.60
CA TYR B 41 74.39 -16.09 -3.15
C TYR B 41 75.35 -15.22 -3.96
N ASN B 42 76.63 -15.51 -3.82
CA ASN B 42 77.65 -15.05 -4.75
C ASN B 42 77.99 -16.20 -5.70
N ARG B 43 79.00 -16.01 -6.55
CA ARG B 43 79.38 -17.06 -7.48
C ARG B 43 79.81 -18.32 -6.75
N SER B 44 80.61 -18.17 -5.69
CA SER B 44 81.11 -19.32 -4.94
C SER B 44 79.96 -20.11 -4.32
N SER B 45 79.11 -19.44 -3.55
CA SER B 45 78.03 -20.14 -2.86
C SER B 45 77.03 -20.74 -3.85
N PHE B 46 76.75 -20.03 -4.94
CA PHE B 46 75.84 -20.55 -5.95
C PHE B 46 76.39 -21.83 -6.57
N GLU B 47 77.63 -21.77 -7.09
CA GLU B 47 78.21 -22.94 -7.73
C GLU B 47 78.50 -24.07 -6.74
N SER B 48 78.58 -23.76 -5.44
CA SER B 48 78.80 -24.80 -4.44
C SER B 48 77.50 -25.50 -4.07
N SER B 49 76.44 -24.74 -3.81
CA SER B 49 75.19 -25.34 -3.35
C SER B 49 74.38 -25.95 -4.47
N SER B 50 74.55 -25.47 -5.70
CA SER B 50 73.83 -26.02 -6.84
C SER B 50 74.55 -27.18 -7.50
N GLY B 51 75.82 -27.42 -7.16
CA GLY B 51 76.58 -28.47 -7.80
C GLY B 51 76.98 -28.20 -9.23
N LEU B 52 76.64 -27.03 -9.77
CA LEU B 52 76.95 -26.70 -11.15
C LEU B 52 78.41 -26.28 -11.25
N VAL B 53 79.17 -26.96 -12.11
CA VAL B 53 80.59 -26.68 -12.33
C VAL B 53 80.72 -25.99 -13.68
N TRP B 54 81.44 -24.87 -13.69
CA TRP B 54 81.61 -24.07 -14.89
C TRP B 54 82.87 -24.52 -15.63
N THR B 55 82.70 -25.02 -16.85
CA THR B 55 83.80 -25.39 -17.71
C THR B 55 83.95 -24.34 -18.81
N SER B 56 85.18 -23.90 -19.03
CA SER B 56 85.47 -22.81 -19.96
C SER B 56 85.84 -23.39 -21.31
N GLY B 57 84.81 -23.73 -22.09
CA GLY B 57 84.99 -24.24 -23.42
C GLY B 57 85.63 -23.24 -24.35
N PRO B 58 86.01 -23.67 -25.55
CA PRO B 58 86.68 -22.76 -26.50
C PRO B 58 85.73 -21.67 -26.96
N ALA B 59 86.11 -20.42 -26.73
CA ALA B 59 87.35 -20.09 -26.04
C ALA B 59 87.11 -19.01 -24.99
N GLY B 60 86.26 -18.03 -25.34
CA GLY B 60 85.94 -16.96 -24.44
C GLY B 60 84.64 -17.17 -23.68
N GLU B 61 83.88 -18.18 -24.07
CA GLU B 61 82.65 -18.50 -23.37
C GLU B 61 82.81 -19.74 -22.51
N GLY B 62 81.74 -20.47 -22.29
CA GLY B 62 81.78 -21.65 -21.44
C GLY B 62 80.36 -22.08 -21.10
N SER B 63 80.27 -23.04 -20.19
CA SER B 63 78.96 -23.58 -19.83
C SER B 63 79.03 -24.30 -18.50
N TYR B 64 77.86 -24.44 -17.88
CA TYR B 64 77.72 -25.23 -16.67
C TYR B 64 77.45 -26.68 -17.03
N SER B 65 78.00 -27.60 -16.23
CA SER B 65 77.83 -29.02 -16.45
C SER B 65 76.65 -29.51 -15.61
N ILE B 66 75.57 -29.88 -16.28
CA ILE B 66 74.34 -30.30 -15.60
C ILE B 66 74.44 -31.77 -15.25
N THR B 67 74.31 -32.08 -13.96
CA THR B 67 74.40 -33.45 -13.47
C THR B 67 73.06 -34.04 -13.05
N THR B 68 72.13 -33.21 -12.60
CA THR B 68 70.76 -33.61 -12.30
C THR B 68 69.82 -32.53 -12.80
N PRO B 69 68.58 -32.89 -13.18
CA PRO B 69 67.66 -31.88 -13.71
C PRO B 69 67.18 -30.89 -12.67
N SER B 70 67.27 -31.22 -11.39
CA SER B 70 66.87 -30.27 -10.35
C SER B 70 67.61 -28.95 -10.49
N GLN B 71 68.88 -29.00 -10.90
CA GLN B 71 69.69 -27.80 -11.08
C GLN B 71 69.05 -26.80 -12.03
N PHE B 72 68.12 -27.26 -12.89
CA PHE B 72 67.45 -26.32 -13.80
C PHE B 72 66.70 -25.23 -13.04
N VAL B 73 66.21 -25.55 -11.84
CA VAL B 73 65.55 -24.54 -11.02
C VAL B 73 66.51 -23.40 -10.71
N PHE B 74 67.79 -23.73 -10.47
CA PHE B 74 68.80 -22.71 -10.22
C PHE B 74 69.03 -21.81 -11.42
N LEU B 75 68.67 -22.26 -12.62
CA LEU B 75 68.93 -21.51 -13.85
C LEU B 75 67.67 -20.84 -14.40
N SER B 76 66.61 -20.77 -13.61
CA SER B 76 65.37 -20.15 -14.04
C SER B 76 65.35 -18.67 -13.66
N SER B 77 64.21 -18.02 -13.94
CA SER B 77 64.01 -16.62 -13.58
C SER B 77 63.57 -16.56 -12.12
N ALA B 78 64.56 -16.65 -11.23
CA ALA B 78 64.29 -16.77 -9.79
C ALA B 78 65.38 -16.09 -8.99
N TRP B 79 65.87 -14.95 -9.48
CA TRP B 79 66.94 -14.22 -8.82
C TRP B 79 66.63 -12.73 -8.81
N ALA B 80 66.90 -12.08 -7.68
CA ALA B 80 66.63 -10.66 -7.52
C ALA B 80 67.80 -9.97 -6.85
N ASP B 81 68.00 -8.70 -7.16
CA ASP B 81 69.03 -7.91 -6.53
C ASP B 81 68.69 -7.69 -5.05
N PRO B 82 69.62 -7.90 -4.13
CA PRO B 82 69.27 -7.76 -2.69
C PRO B 82 68.81 -6.37 -2.31
N ILE B 83 69.51 -5.33 -2.77
CA ILE B 83 69.14 -3.97 -2.42
C ILE B 83 67.77 -3.62 -3.01
N GLU B 84 67.52 -4.00 -4.26
CA GLU B 84 66.22 -3.75 -4.88
C GLU B 84 65.10 -4.43 -4.09
N LEU B 85 65.34 -5.67 -3.65
CA LEU B 85 64.29 -6.40 -2.94
C LEU B 85 64.03 -5.81 -1.56
N ILE B 86 65.08 -5.45 -0.82
CA ILE B 86 64.87 -4.90 0.51
C ILE B 86 64.26 -3.50 0.42
N ASN B 87 64.61 -2.72 -0.62
CA ASN B 87 63.94 -1.44 -0.84
C ASN B 87 62.48 -1.64 -1.20
N LEU B 88 62.18 -2.68 -1.98
CA LEU B 88 60.79 -2.99 -2.30
C LEU B 88 60.01 -3.30 -1.03
N CYS B 89 60.59 -4.08 -0.13
CA CYS B 89 59.94 -4.37 1.15
C CYS B 89 59.72 -3.10 1.97
N THR B 90 60.77 -2.27 2.07
CA THR B 90 60.68 -1.03 2.83
C THR B 90 59.54 -0.15 2.30
N ASN B 91 59.51 0.07 0.99
CA ASN B 91 58.48 0.92 0.41
C ASN B 91 57.09 0.27 0.48
N ALA B 92 57.03 -1.06 0.43
CA ALA B 92 55.75 -1.75 0.53
C ALA B 92 55.14 -1.61 1.91
N LEU B 93 55.98 -1.59 2.95
CA LEU B 93 55.45 -1.43 4.30
C LEU B 93 54.71 -0.11 4.50
N GLY B 94 54.90 0.85 3.59
CA GLY B 94 54.22 2.13 3.69
C GLY B 94 53.11 2.32 2.68
N ASN B 95 52.28 1.29 2.50
CA ASN B 95 51.19 1.33 1.53
C ASN B 95 49.85 1.21 2.25
N GLN B 96 48.79 1.62 1.56
CA GLN B 96 47.42 1.50 2.06
C GLN B 96 46.86 0.17 1.58
N PHE B 97 47.19 -0.90 2.32
CA PHE B 97 46.76 -2.24 1.95
C PHE B 97 45.29 -2.50 2.26
N GLN B 98 44.59 -1.53 2.85
CA GLN B 98 43.14 -1.61 2.92
C GLN B 98 42.52 -1.60 1.53
N THR B 99 43.21 -1.02 0.55
CA THR B 99 42.74 -0.98 -0.82
C THR B 99 43.20 -2.21 -1.59
N GLN B 100 42.35 -2.67 -2.51
CA GLN B 100 42.71 -3.79 -3.37
C GLN B 100 43.80 -3.40 -4.37
N HIS B 101 43.81 -2.15 -4.80
CA HIS B 101 44.75 -1.70 -5.81
C HIS B 101 46.19 -1.84 -5.34
N ALA B 102 46.47 -1.38 -4.11
CA ALA B 102 47.82 -1.49 -3.56
C ALA B 102 48.23 -2.96 -3.42
N ARG B 103 47.30 -3.80 -2.99
CA ARG B 103 47.60 -5.23 -2.88
C ARG B 103 48.01 -5.81 -4.22
N THR B 104 47.21 -5.55 -5.26
CA THR B 104 47.54 -6.03 -6.60
C THR B 104 48.91 -5.52 -7.07
N VAL B 105 49.15 -4.22 -6.87
CA VAL B 105 50.38 -3.61 -7.39
C VAL B 105 51.61 -4.20 -6.71
N VAL B 106 51.61 -4.24 -5.38
CA VAL B 106 52.79 -4.76 -4.68
C VAL B 106 52.91 -6.27 -4.83
N GLN B 107 51.81 -6.98 -5.07
CA GLN B 107 51.90 -8.40 -5.41
C GLN B 107 52.61 -8.59 -6.74
N ARG B 108 52.24 -7.80 -7.75
CA ARG B 108 52.94 -7.87 -9.03
C ARG B 108 54.40 -7.48 -8.88
N GLN B 109 54.69 -6.54 -7.99
CA GLN B 109 56.08 -6.13 -7.77
C GLN B 109 56.89 -7.26 -7.13
N PHE B 110 56.32 -7.93 -6.12
CA PHE B 110 57.01 -9.06 -5.50
C PHE B 110 57.09 -10.26 -6.42
N SER B 111 56.21 -10.36 -7.42
CA SER B 111 56.25 -11.49 -8.34
C SER B 111 57.24 -11.26 -9.47
N GLU B 112 57.36 -10.03 -9.96
CA GLU B 112 58.20 -9.73 -11.12
C GLU B 112 59.64 -9.40 -10.75
N VAL B 113 59.95 -9.24 -9.46
CA VAL B 113 61.31 -8.88 -9.06
C VAL B 113 62.29 -10.03 -9.32
N TRP B 114 61.80 -11.25 -9.50
CA TRP B 114 62.65 -12.41 -9.71
C TRP B 114 62.96 -12.54 -11.20
N LYS B 115 64.20 -12.24 -11.57
CA LYS B 115 64.68 -12.29 -12.93
C LYS B 115 65.77 -13.34 -13.06
N PRO B 116 66.10 -13.78 -14.28
CA PRO B 116 67.20 -14.74 -14.43
C PRO B 116 68.55 -14.05 -14.40
N SER B 117 69.53 -14.75 -13.82
CA SER B 117 70.91 -14.29 -13.85
C SER B 117 71.84 -15.43 -14.26
N PRO B 118 71.85 -16.57 -13.57
CA PRO B 118 72.68 -17.69 -14.05
C PRO B 118 71.93 -18.52 -15.08
N GLN B 119 72.63 -18.88 -16.15
CA GLN B 119 72.08 -19.72 -17.20
C GLN B 119 73.08 -20.82 -17.54
N VAL B 120 72.68 -21.71 -18.45
CA VAL B 120 73.55 -22.82 -18.84
C VAL B 120 74.82 -22.28 -19.50
N THR B 121 74.68 -21.22 -20.29
CA THR B 121 75.82 -20.62 -20.99
C THR B 121 76.20 -19.25 -20.42
N VAL B 122 75.61 -18.86 -19.29
CA VAL B 122 75.88 -17.57 -18.66
C VAL B 122 76.26 -17.86 -17.21
N ARG B 123 77.51 -17.58 -16.86
CA ARG B 123 77.98 -17.86 -15.51
C ARG B 123 77.42 -16.84 -14.52
N PHE B 124 77.27 -17.27 -13.27
CA PHE B 124 76.87 -16.39 -12.20
C PHE B 124 77.78 -15.15 -12.17
N PRO B 125 77.24 -13.96 -11.91
CA PRO B 125 78.09 -12.76 -11.91
C PRO B 125 79.29 -12.89 -10.99
N ASP B 126 80.38 -12.22 -11.38
CA ASP B 126 81.67 -12.43 -10.72
C ASP B 126 81.64 -11.94 -9.27
N SER B 127 81.11 -10.74 -9.04
CA SER B 127 81.18 -10.11 -7.73
C SER B 127 79.84 -9.78 -7.11
N ASP B 128 78.77 -9.73 -7.91
CA ASP B 128 77.46 -9.35 -7.37
C ASP B 128 76.86 -10.47 -6.53
N PHE B 129 75.85 -10.11 -5.75
CA PHE B 129 75.04 -11.06 -4.99
C PHE B 129 73.63 -11.11 -5.57
N LYS B 130 72.97 -12.26 -5.38
CA LYS B 130 71.62 -12.46 -5.88
C LYS B 130 70.79 -13.18 -4.82
N VAL B 131 69.48 -12.95 -4.86
CA VAL B 131 68.54 -13.54 -3.92
C VAL B 131 67.81 -14.68 -4.62
N TYR B 132 67.84 -15.87 -4.03
CA TYR B 132 67.29 -17.06 -4.64
C TYR B 132 65.83 -17.23 -4.23
N ARG B 133 64.93 -17.21 -5.23
CA ARG B 133 63.50 -17.33 -4.95
C ARG B 133 63.16 -18.64 -4.26
N TYR B 134 63.89 -19.72 -4.57
CA TYR B 134 63.59 -21.04 -4.04
C TYR B 134 64.61 -21.50 -3.01
N ASN B 135 65.21 -20.55 -2.29
CA ASN B 135 66.01 -20.89 -1.13
C ASN B 135 65.11 -21.55 -0.07
N ALA B 136 65.68 -22.52 0.64
CA ALA B 136 64.88 -23.33 1.56
C ALA B 136 64.19 -22.48 2.62
N VAL B 137 64.77 -21.33 2.97
CA VAL B 137 64.17 -20.47 3.99
C VAL B 137 63.27 -19.41 3.38
N LEU B 138 63.70 -18.79 2.28
CA LEU B 138 62.94 -17.70 1.69
C LEU B 138 61.71 -18.18 0.92
N ASP B 139 61.73 -19.42 0.43
CA ASP B 139 60.60 -19.93 -0.38
C ASP B 139 59.27 -19.88 0.37
N PRO B 140 59.13 -20.44 1.58
CA PRO B 140 57.82 -20.35 2.24
C PRO B 140 57.41 -18.93 2.57
N LEU B 141 58.37 -18.07 2.91
CA LEU B 141 58.03 -16.69 3.24
C LEU B 141 57.49 -15.96 2.01
N VAL B 142 58.16 -16.11 0.86
CA VAL B 142 57.69 -15.45 -0.35
C VAL B 142 56.36 -16.03 -0.79
N THR B 143 56.18 -17.35 -0.64
CA THR B 143 54.90 -17.97 -1.00
C THR B 143 53.76 -17.43 -0.14
N ALA B 144 53.96 -17.37 1.18
CA ALA B 144 52.92 -16.85 2.07
C ALA B 144 52.67 -15.37 1.79
N LEU B 145 53.72 -14.63 1.44
CA LEU B 145 53.55 -13.21 1.11
C LEU B 145 52.69 -13.04 -0.14
N LEU B 146 53.03 -13.77 -1.20
CA LEU B 146 52.24 -13.68 -2.43
C LEU B 146 50.81 -14.15 -2.20
N GLY B 147 50.60 -15.13 -1.32
CA GLY B 147 49.25 -15.57 -1.03
C GLY B 147 48.46 -14.62 -0.16
N ALA B 148 49.16 -13.79 0.64
CA ALA B 148 48.46 -12.85 1.51
C ALA B 148 47.76 -11.75 0.71
N PHE B 149 48.29 -11.40 -0.46
CA PHE B 149 47.65 -10.39 -1.28
C PHE B 149 46.40 -10.91 -1.98
N ASP B 150 46.22 -12.24 -2.03
CA ASP B 150 45.09 -12.83 -2.74
C ASP B 150 43.86 -12.86 -1.81
N THR B 151 43.33 -11.66 -1.58
CA THR B 151 42.13 -11.50 -0.78
C THR B 151 41.36 -10.31 -1.32
N ARG B 152 40.16 -10.56 -1.85
CA ARG B 152 39.33 -9.52 -2.44
C ARG B 152 38.03 -9.41 -1.67
N ASN B 153 37.27 -8.36 -1.97
CA ASN B 153 35.98 -8.14 -1.33
C ASN B 153 34.85 -8.09 -2.36
N ARG C 14 1.32 -32.91 -15.17
CA ARG C 14 1.55 -34.19 -14.51
C ARG C 14 0.68 -35.30 -15.10
N ARG C 15 -0.34 -34.91 -15.86
CA ARG C 15 -1.19 -35.89 -16.54
C ARG C 15 -0.68 -36.26 -17.92
N VAL C 16 0.18 -35.43 -18.50
CA VAL C 16 0.74 -35.72 -19.82
C VAL C 16 1.64 -36.94 -19.76
N ASP C 17 2.34 -37.15 -18.64
CA ASP C 17 3.18 -38.34 -18.50
C ASP C 17 2.33 -39.60 -18.52
N ASP C 18 1.22 -39.60 -17.76
CA ASP C 18 0.31 -40.73 -17.75
C ASP C 18 -0.29 -40.96 -19.13
N ALA C 19 -0.67 -39.89 -19.82
CA ALA C 19 -1.21 -40.03 -21.17
C ALA C 19 -0.19 -40.66 -22.11
N THR C 20 1.06 -40.20 -22.04
CA THR C 20 2.11 -40.76 -22.88
C THR C 20 2.31 -42.24 -22.60
N VAL C 21 2.38 -42.60 -21.31
CA VAL C 21 2.60 -44.00 -20.94
C VAL C 21 1.45 -44.87 -21.44
N ALA C 22 0.22 -44.39 -21.30
CA ALA C 22 -0.94 -45.15 -21.76
C ALA C 22 -0.92 -45.32 -23.28
N ILE C 23 -0.59 -44.26 -24.00
CA ILE C 23 -0.48 -44.34 -25.46
C ILE C 23 0.56 -45.39 -25.86
N ARG C 24 1.74 -45.32 -25.24
CA ARG C 24 2.79 -46.26 -25.58
C ARG C 24 2.38 -47.70 -25.26
N SER C 25 1.71 -47.90 -24.13
CA SER C 25 1.26 -49.25 -23.77
C SER C 25 0.24 -49.78 -24.76
N ALA C 26 -0.70 -48.93 -25.19
CA ALA C 26 -1.70 -49.37 -26.17
C ALA C 26 -1.05 -49.71 -27.50
N ILE C 27 -0.09 -48.89 -27.94
CA ILE C 27 0.60 -49.16 -29.20
C ILE C 27 1.37 -50.47 -29.10
N ASN C 28 2.03 -50.71 -27.96
CA ASN C 28 2.80 -51.93 -27.78
C ASN C 28 1.90 -53.16 -27.78
N ASN C 29 0.72 -53.07 -27.15
CA ASN C 29 -0.19 -54.21 -27.15
C ASN C 29 -0.72 -54.50 -28.54
N LEU C 30 -1.12 -53.45 -29.27
CA LEU C 30 -1.56 -53.65 -30.65
C LEU C 30 -0.45 -54.26 -31.49
N ILE C 31 0.80 -53.82 -31.30
CA ILE C 31 1.92 -54.38 -32.04
C ILE C 31 2.12 -55.85 -31.70
N VAL C 32 2.04 -56.18 -30.40
CA VAL C 32 2.20 -57.57 -29.97
C VAL C 32 1.19 -58.47 -30.66
N GLU C 33 -0.07 -58.03 -30.73
CA GLU C 33 -1.06 -58.90 -31.37
C GLU C 33 -0.97 -58.87 -32.88
N LEU C 34 -0.49 -57.77 -33.48
CA LEU C 34 -0.34 -57.73 -34.93
C LEU C 34 0.85 -58.57 -35.40
N ILE C 35 1.88 -58.73 -34.56
CA ILE C 35 3.04 -59.52 -34.95
C ILE C 35 2.66 -60.96 -35.24
N ARG C 36 1.83 -61.55 -34.37
CA ARG C 36 1.35 -62.91 -34.61
C ARG C 36 0.35 -63.00 -35.76
N GLY C 37 -0.08 -61.87 -36.33
CA GLY C 37 -0.99 -61.91 -37.44
C GLY C 37 -2.45 -62.09 -37.08
N THR C 38 -2.79 -62.12 -35.79
CA THR C 38 -4.18 -62.33 -35.41
C THR C 38 -5.03 -61.17 -35.90
N GLY C 39 -6.27 -61.50 -36.30
CA GLY C 39 -7.14 -60.51 -36.89
C GLY C 39 -6.90 -60.24 -38.36
N SER C 40 -6.07 -61.05 -39.02
CA SER C 40 -5.79 -60.89 -40.44
C SER C 40 -6.54 -61.97 -41.21
N TYR C 41 -7.23 -61.58 -42.27
CA TYR C 41 -8.11 -62.47 -43.01
C TYR C 41 -7.75 -62.44 -44.50
N ASN C 42 -7.80 -63.61 -45.12
CA ASN C 42 -7.82 -63.72 -46.57
C ASN C 42 -9.26 -64.00 -47.00
N ARG C 43 -9.45 -64.26 -48.30
CA ARG C 43 -10.80 -64.52 -48.79
C ARG C 43 -11.42 -65.73 -48.11
N SER C 44 -10.64 -66.81 -47.96
CA SER C 44 -11.16 -68.02 -47.35
C SER C 44 -11.62 -67.77 -45.92
N SER C 45 -10.73 -67.22 -45.08
CA SER C 45 -11.06 -67.02 -43.68
C SER C 45 -12.18 -65.99 -43.51
N PHE C 46 -12.17 -64.95 -44.34
CA PHE C 46 -13.25 -63.95 -44.27
C PHE C 46 -14.60 -64.58 -44.59
N GLU C 47 -14.71 -65.25 -45.75
CA GLU C 47 -15.98 -65.85 -46.14
C GLU C 47 -16.38 -67.01 -45.23
N SER C 48 -15.43 -67.62 -44.52
CA SER C 48 -15.77 -68.70 -43.61
C SER C 48 -16.29 -68.18 -42.28
N SER C 49 -15.60 -67.19 -41.69
CA SER C 49 -15.97 -66.71 -40.36
C SER C 49 -17.14 -65.75 -40.39
N SER C 50 -17.37 -65.06 -41.52
CA SER C 50 -18.49 -64.14 -41.63
C SER C 50 -19.77 -64.82 -42.12
N GLY C 51 -19.69 -66.06 -42.58
CA GLY C 51 -20.85 -66.76 -43.11
C GLY C 51 -21.34 -66.25 -44.45
N LEU C 52 -20.67 -65.28 -45.04
CA LEU C 52 -21.08 -64.72 -46.33
C LEU C 52 -20.67 -65.66 -47.45
N VAL C 53 -21.64 -66.09 -48.26
CA VAL C 53 -21.40 -66.99 -49.37
C VAL C 53 -21.49 -66.19 -50.67
N TRP C 54 -20.47 -66.32 -51.51
CA TRP C 54 -20.37 -65.56 -52.75
C TRP C 54 -20.98 -66.36 -53.89
N THR C 55 -22.03 -65.82 -54.51
CA THR C 55 -22.63 -66.40 -55.70
C THR C 55 -22.23 -65.55 -56.89
N SER C 56 -21.77 -66.21 -57.96
CA SER C 56 -21.23 -65.52 -59.13
C SER C 56 -22.35 -65.36 -60.16
N GLY C 57 -23.16 -64.32 -59.94
CA GLY C 57 -24.24 -63.99 -60.84
C GLY C 57 -23.75 -63.59 -62.22
N PRO C 58 -24.69 -63.43 -63.16
CA PRO C 58 -24.31 -63.09 -64.54
C PRO C 58 -23.71 -61.69 -64.61
N ALA C 59 -22.47 -61.62 -65.11
CA ALA C 59 -21.73 -62.79 -65.53
C ALA C 59 -20.29 -62.71 -65.01
N GLY C 60 -19.74 -61.51 -65.02
CA GLY C 60 -18.40 -61.27 -64.53
C GLY C 60 -18.39 -60.74 -63.10
N GLU C 61 -19.57 -60.38 -62.59
CA GLU C 61 -19.69 -59.91 -61.21
C GLU C 61 -20.30 -60.99 -60.32
N GLY C 62 -20.99 -60.57 -59.27
CA GLY C 62 -21.57 -61.49 -58.32
C GLY C 62 -21.99 -60.74 -57.08
N SER C 63 -22.35 -61.51 -56.05
CA SER C 63 -22.80 -60.87 -54.82
C SER C 63 -22.71 -61.87 -53.66
N TYR C 64 -22.64 -61.31 -52.46
CA TYR C 64 -22.70 -62.10 -51.23
C TYR C 64 -24.16 -62.28 -50.80
N SER C 65 -24.46 -63.46 -50.26
CA SER C 65 -25.80 -63.78 -49.78
C SER C 65 -25.87 -63.46 -48.30
N ILE C 66 -26.62 -62.42 -47.94
CA ILE C 66 -26.75 -61.98 -46.55
C ILE C 66 -27.84 -62.80 -45.88
N THR C 67 -27.48 -63.47 -44.78
CA THR C 67 -28.42 -64.29 -44.03
C THR C 67 -28.84 -63.67 -42.71
N THR C 68 -27.99 -62.86 -42.09
CA THR C 68 -28.32 -62.09 -40.90
C THR C 68 -27.72 -60.70 -41.05
N PRO C 69 -28.34 -59.69 -40.44
CA PRO C 69 -27.82 -58.32 -40.60
C PRO C 69 -26.49 -58.08 -39.91
N SER C 70 -26.10 -58.92 -38.95
CA SER C 70 -24.80 -58.76 -38.29
C SER C 70 -23.66 -58.72 -39.31
N GLN C 71 -23.78 -59.52 -40.38
CA GLN C 71 -22.76 -59.57 -41.43
C GLN C 71 -22.46 -58.20 -42.01
N PHE C 72 -23.36 -57.23 -41.86
CA PHE C 72 -23.10 -55.89 -42.39
C PHE C 72 -21.84 -55.29 -41.79
N VAL C 73 -21.50 -55.65 -40.55
CA VAL C 73 -20.26 -55.16 -39.95
C VAL C 73 -19.05 -55.59 -40.78
N PHE C 74 -19.09 -56.81 -41.33
CA PHE C 74 -18.01 -57.27 -42.18
C PHE C 74 -17.91 -56.48 -43.48
N LEU C 75 -18.98 -55.80 -43.88
CA LEU C 75 -19.01 -55.06 -45.14
C LEU C 75 -18.86 -53.56 -44.95
N SER C 76 -18.45 -53.12 -43.77
CA SER C 76 -18.26 -51.71 -43.48
C SER C 76 -16.81 -51.29 -43.76
N SER C 77 -16.51 -50.03 -43.45
CA SER C 77 -15.16 -49.49 -43.59
C SER C 77 -14.36 -49.89 -42.35
N ALA C 78 -13.86 -51.12 -42.35
CA ALA C 78 -13.21 -51.67 -41.16
C ALA C 78 -12.10 -52.65 -41.56
N TRP C 79 -11.34 -52.32 -42.60
CA TRP C 79 -10.27 -53.18 -43.07
C TRP C 79 -9.04 -52.35 -43.41
N ALA C 80 -7.87 -52.85 -43.01
CA ALA C 80 -6.61 -52.15 -43.24
C ALA C 80 -5.56 -53.12 -43.74
N ASP C 81 -4.64 -52.60 -44.54
CA ASP C 81 -3.51 -53.40 -45.02
C ASP C 81 -2.58 -53.72 -43.86
N PRO C 82 -2.14 -54.98 -43.71
CA PRO C 82 -1.27 -55.32 -42.57
C PRO C 82 0.05 -54.56 -42.57
N ILE C 83 0.70 -54.45 -43.73
CA ILE C 83 2.00 -53.77 -43.80
C ILE C 83 1.82 -52.29 -43.48
N GLU C 84 0.78 -51.65 -44.03
CA GLU C 84 0.52 -50.25 -43.74
C GLU C 84 0.28 -50.04 -42.25
N LEU C 85 -0.47 -50.95 -41.63
CA LEU C 85 -0.81 -50.79 -40.21
C LEU C 85 0.41 -50.97 -39.32
N ILE C 86 1.23 -51.99 -39.61
CA ILE C 86 2.41 -52.20 -38.78
C ILE C 86 3.44 -51.10 -39.00
N ASN C 87 3.54 -50.57 -40.22
CA ASN C 87 4.41 -49.41 -40.45
C ASN C 87 3.90 -48.19 -39.70
N LEU C 88 2.58 -48.00 -39.66
CA LEU C 88 2.01 -46.91 -38.89
C LEU C 88 2.36 -47.04 -37.41
N CYS C 89 2.27 -48.25 -36.87
CA CYS C 89 2.65 -48.48 -35.47
C CYS C 89 4.13 -48.17 -35.25
N THR C 90 4.99 -48.69 -36.13
CA THR C 90 6.43 -48.47 -36.00
C THR C 90 6.76 -46.98 -35.98
N ASN C 91 6.23 -46.23 -36.96
CA ASN C 91 6.53 -44.81 -37.02
C ASN C 91 5.87 -44.03 -35.89
N ALA C 92 4.72 -44.51 -35.39
CA ALA C 92 4.05 -43.82 -34.30
C ALA C 92 4.83 -43.96 -32.99
N LEU C 93 5.49 -45.11 -32.79
CA LEU C 93 6.26 -45.28 -31.56
C LEU C 93 7.40 -44.28 -31.43
N GLY C 94 7.77 -43.59 -32.51
CA GLY C 94 8.83 -42.61 -32.46
C GLY C 94 8.34 -41.18 -32.54
N ASN C 95 7.30 -40.86 -31.77
CA ASN C 95 6.69 -39.54 -31.77
C ASN C 95 6.83 -38.90 -30.40
N GLN C 96 6.69 -37.57 -30.37
CA GLN C 96 6.71 -36.81 -29.12
C GLN C 96 5.28 -36.68 -28.62
N PHE C 97 4.81 -37.72 -27.93
CA PHE C 97 3.46 -37.75 -27.41
C PHE C 97 3.27 -36.86 -26.20
N GLN C 98 4.33 -36.22 -25.70
CA GLN C 98 4.15 -35.14 -24.74
C GLN C 98 3.40 -33.98 -25.36
N THR C 99 3.46 -33.84 -26.67
CA THR C 99 2.75 -32.80 -27.39
C THR C 99 1.35 -33.27 -27.76
N GLN C 100 0.39 -32.35 -27.73
CA GLN C 100 -0.97 -32.67 -28.17
C GLN C 100 -1.04 -32.91 -29.67
N HIS C 101 -0.19 -32.21 -30.43
CA HIS C 101 -0.25 -32.30 -31.89
C HIS C 101 0.01 -33.72 -32.37
N ALA C 102 1.06 -34.37 -31.84
CA ALA C 102 1.37 -35.73 -32.25
C ALA C 102 0.23 -36.68 -31.87
N ARG C 103 -0.34 -36.49 -30.67
CA ARG C 103 -1.46 -37.33 -30.26
C ARG C 103 -2.62 -37.23 -31.23
N THR C 104 -3.04 -35.99 -31.55
CA THR C 104 -4.13 -35.79 -32.49
C THR C 104 -3.82 -36.42 -33.85
N VAL C 105 -2.62 -36.18 -34.37
CA VAL C 105 -2.28 -36.63 -35.71
C VAL C 105 -2.27 -38.15 -35.79
N VAL C 106 -1.57 -38.81 -34.86
CA VAL C 106 -1.51 -40.26 -34.94
C VAL C 106 -2.84 -40.91 -34.55
N GLN C 107 -3.67 -40.23 -33.75
CA GLN C 107 -5.02 -40.73 -33.51
C GLN C 107 -5.83 -40.70 -34.81
N ARG C 108 -5.75 -39.60 -35.56
CA ARG C 108 -6.42 -39.54 -36.85
C ARG C 108 -5.87 -40.60 -37.80
N GLN C 109 -4.57 -40.88 -37.71
CA GLN C 109 -3.97 -41.89 -38.58
C GLN C 109 -4.49 -43.28 -38.24
N PHE C 110 -4.55 -43.63 -36.95
CA PHE C 110 -5.09 -44.92 -36.55
C PHE C 110 -6.60 -45.02 -36.78
N SER C 111 -7.29 -43.88 -36.87
CA SER C 111 -8.72 -43.91 -37.13
C SER C 111 -9.03 -44.05 -38.62
N GLU C 112 -8.22 -43.43 -39.47
CA GLU C 112 -8.48 -43.42 -40.90
C GLU C 112 -7.86 -44.61 -41.64
N VAL C 113 -7.03 -45.40 -40.97
CA VAL C 113 -6.39 -46.54 -41.63
C VAL C 113 -7.39 -47.63 -41.98
N TRP C 114 -8.57 -47.63 -41.35
CA TRP C 114 -9.58 -48.64 -41.58
C TRP C 114 -10.45 -48.22 -42.76
N LYS C 115 -10.29 -48.91 -43.88
CA LYS C 115 -11.02 -48.64 -45.11
C LYS C 115 -11.89 -49.84 -45.47
N PRO C 116 -12.89 -49.66 -46.34
CA PRO C 116 -13.69 -50.81 -46.78
C PRO C 116 -12.99 -51.59 -47.89
N SER C 117 -13.19 -52.90 -47.87
CA SER C 117 -12.72 -53.74 -48.95
C SER C 117 -13.82 -54.68 -49.44
N PRO C 118 -14.43 -55.50 -48.58
CA PRO C 118 -15.55 -56.32 -49.05
C PRO C 118 -16.85 -55.54 -48.99
N GLN C 119 -17.65 -55.67 -50.03
CA GLN C 119 -18.96 -55.03 -50.12
C GLN C 119 -19.98 -56.06 -50.58
N VAL C 120 -21.24 -55.63 -50.68
CA VAL C 120 -22.31 -56.54 -51.07
C VAL C 120 -22.09 -57.04 -52.50
N THR C 121 -21.58 -56.17 -53.37
CA THR C 121 -21.32 -56.51 -54.77
C THR C 121 -19.84 -56.60 -55.08
N VAL C 122 -18.97 -56.55 -54.07
CA VAL C 122 -17.53 -56.60 -54.25
C VAL C 122 -16.99 -57.70 -53.35
N ARG C 123 -16.44 -58.75 -53.96
CA ARG C 123 -15.91 -59.87 -53.19
C ARG C 123 -14.59 -59.50 -52.53
N PHE C 124 -14.30 -60.17 -51.41
CA PHE C 124 -13.03 -60.01 -50.73
C PHE C 124 -11.88 -60.19 -51.73
N PRO C 125 -10.81 -59.40 -51.62
CA PRO C 125 -9.71 -59.51 -52.58
C PRO C 125 -9.19 -60.94 -52.70
N ASP C 126 -8.72 -61.27 -53.90
CA ASP C 126 -8.41 -62.66 -54.24
C ASP C 126 -7.25 -63.20 -53.42
N SER C 127 -6.14 -62.44 -53.34
CA SER C 127 -4.93 -62.92 -52.72
C SER C 127 -4.43 -62.09 -51.55
N ASP C 128 -4.89 -60.85 -51.41
CA ASP C 128 -4.40 -59.99 -50.36
C ASP C 128 -4.95 -60.41 -49.00
N PHE C 129 -4.33 -59.89 -47.95
CA PHE C 129 -4.79 -60.04 -46.58
C PHE C 129 -5.28 -58.70 -46.05
N LYS C 130 -6.22 -58.76 -45.11
CA LYS C 130 -6.79 -57.56 -44.52
C LYS C 130 -6.92 -57.75 -43.02
N VAL C 131 -6.87 -56.64 -42.29
CA VAL C 131 -6.95 -56.63 -40.84
C VAL C 131 -8.35 -56.16 -40.44
N TYR C 132 -9.03 -56.96 -39.61
CA TYR C 132 -10.41 -56.70 -39.25
C TYR C 132 -10.45 -55.81 -38.02
N ARG C 133 -11.04 -54.62 -38.16
CA ARG C 133 -11.11 -53.65 -37.07
C ARG C 133 -11.85 -54.23 -35.87
N TYR C 134 -12.86 -55.07 -36.09
CA TYR C 134 -13.68 -55.61 -35.02
C TYR C 134 -13.43 -57.10 -34.78
N ASN C 135 -12.20 -57.55 -35.06
CA ASN C 135 -11.80 -58.88 -34.65
C ASN C 135 -11.81 -58.98 -33.13
N ALA C 136 -12.17 -60.17 -32.63
CA ALA C 136 -12.40 -60.34 -31.20
C ALA C 136 -11.18 -59.98 -30.36
N VAL C 137 -9.98 -60.12 -30.92
CA VAL C 137 -8.77 -59.79 -30.17
C VAL C 137 -8.32 -58.37 -30.43
N LEU C 138 -8.36 -57.92 -31.69
CA LEU C 138 -7.87 -56.60 -32.04
C LEU C 138 -8.84 -55.48 -31.66
N ASP C 139 -10.14 -55.76 -31.54
CA ASP C 139 -11.12 -54.72 -31.23
C ASP C 139 -10.81 -53.99 -29.92
N PRO C 140 -10.61 -54.67 -28.77
CA PRO C 140 -10.33 -53.91 -27.55
C PRO C 140 -9.02 -53.15 -27.61
N LEU C 141 -8.01 -53.72 -28.27
CA LEU C 141 -6.71 -53.03 -28.36
C LEU C 141 -6.83 -51.75 -29.18
N VAL C 142 -7.50 -51.82 -30.34
CA VAL C 142 -7.65 -50.63 -31.16
C VAL C 142 -8.55 -49.61 -30.48
N THR C 143 -9.58 -50.06 -29.77
CA THR C 143 -10.44 -49.13 -29.05
C THR C 143 -9.68 -48.41 -27.95
N ALA C 144 -8.93 -49.17 -27.14
CA ALA C 144 -8.13 -48.55 -26.08
C ALA C 144 -7.06 -47.63 -26.64
N LEU C 145 -6.49 -47.99 -27.80
CA LEU C 145 -5.50 -47.12 -28.43
C LEU C 145 -6.13 -45.81 -28.85
N LEU C 146 -7.28 -45.86 -29.53
CA LEU C 146 -7.96 -44.64 -29.95
C LEU C 146 -8.39 -43.80 -28.76
N GLY C 147 -8.77 -44.44 -27.65
CA GLY C 147 -9.15 -43.71 -26.46
C GLY C 147 -7.99 -43.13 -25.68
N ALA C 148 -6.80 -43.71 -25.80
CA ALA C 148 -5.65 -43.23 -25.05
C ALA C 148 -5.20 -41.84 -25.50
N PHE C 149 -5.43 -41.50 -26.77
CA PHE C 149 -5.05 -40.18 -27.27
C PHE C 149 -5.96 -39.07 -26.77
N ASP C 150 -7.11 -39.40 -26.21
CA ASP C 150 -8.10 -38.39 -25.80
C ASP C 150 -7.75 -37.85 -24.42
N THR C 151 -6.67 -37.07 -24.38
CA THR C 151 -6.25 -36.39 -23.15
C THR C 151 -5.60 -35.07 -23.54
N ARG C 152 -6.23 -33.96 -23.15
CA ARG C 152 -5.76 -32.62 -23.45
C ARG C 152 -5.48 -31.85 -22.17
N ASN C 153 -4.86 -30.69 -22.35
CA ASN C 153 -4.54 -29.80 -21.23
C ASN C 153 -5.24 -28.46 -21.39
N ARG D 14 13.87 -30.84 -12.87
CA ARG D 14 14.32 -31.95 -12.03
C ARG D 14 14.02 -33.29 -12.70
N ARG D 15 13.15 -33.28 -13.70
CA ARG D 15 12.82 -34.48 -14.47
C ARG D 15 13.73 -34.68 -15.68
N VAL D 16 14.41 -33.62 -16.13
CA VAL D 16 15.30 -33.75 -17.28
C VAL D 16 16.48 -34.65 -16.97
N ASP D 17 16.96 -34.63 -15.72
CA ASP D 17 18.05 -35.53 -15.34
C ASP D 17 17.63 -36.98 -15.43
N ASP D 18 16.43 -37.30 -14.91
CA ASP D 18 15.91 -38.66 -15.02
C ASP D 18 15.71 -39.06 -16.48
N ALA D 19 15.19 -38.13 -17.30
CA ALA D 19 15.03 -38.42 -18.72
C ALA D 19 16.37 -38.74 -19.38
N THR D 20 17.39 -37.94 -19.07
CA THR D 20 18.72 -38.17 -19.63
C THR D 20 19.26 -39.54 -19.22
N VAL D 21 19.12 -39.88 -17.93
CA VAL D 21 19.63 -41.16 -17.44
C VAL D 21 18.90 -42.32 -18.13
N ALA D 22 17.58 -42.20 -18.29
CA ALA D 22 16.83 -43.26 -18.95
C ALA D 22 17.23 -43.41 -20.41
N ILE D 23 17.42 -42.28 -21.11
CA ILE D 23 17.87 -42.31 -22.50
C ILE D 23 19.21 -43.02 -22.60
N ARG D 24 20.16 -42.65 -21.74
CA ARG D 24 21.49 -43.26 -21.78
C ARG D 24 21.41 -44.76 -21.48
N SER D 25 20.57 -45.15 -20.52
CA SER D 25 20.44 -46.57 -20.20
C SER D 25 19.87 -47.35 -21.38
N ALA D 26 18.86 -46.80 -22.06
CA ALA D 26 18.28 -47.49 -23.20
C ALA D 26 19.29 -47.61 -24.35
N ILE D 27 20.06 -46.54 -24.59
CA ILE D 27 21.07 -46.59 -25.64
C ILE D 27 22.13 -47.64 -25.31
N ASN D 28 22.54 -47.68 -24.04
CA ASN D 28 23.56 -48.65 -23.63
C ASN D 28 23.05 -50.08 -23.76
N ASN D 29 21.78 -50.32 -23.44
CA ASN D 29 21.24 -51.69 -23.58
C ASN D 29 21.16 -52.08 -25.05
N LEU D 30 20.67 -51.17 -25.91
CA LEU D 30 20.66 -51.46 -27.34
C LEU D 30 22.06 -51.74 -27.86
N ILE D 31 23.04 -50.98 -27.39
CA ILE D 31 24.43 -51.21 -27.81
C ILE D 31 24.91 -52.57 -27.33
N VAL D 32 24.59 -52.93 -26.09
CA VAL D 32 25.00 -54.23 -25.55
C VAL D 32 24.48 -55.36 -26.43
N GLU D 33 23.22 -55.28 -26.85
CA GLU D 33 22.71 -56.37 -27.69
C GLU D 33 23.19 -56.29 -29.13
N LEU D 34 23.46 -55.09 -29.64
CA LEU D 34 23.97 -54.98 -31.01
C LEU D 34 25.41 -55.44 -31.13
N ILE D 35 26.20 -55.30 -30.06
CA ILE D 35 27.60 -55.75 -30.09
C ILE D 35 27.67 -57.26 -30.32
N ARG D 36 26.81 -58.02 -29.63
CA ARG D 36 26.77 -59.46 -29.84
C ARG D 36 26.21 -59.85 -31.19
N GLY D 37 25.69 -58.90 -31.97
CA GLY D 37 25.17 -59.18 -33.29
C GLY D 37 23.76 -59.73 -33.32
N THR D 38 23.10 -59.88 -32.17
CA THR D 38 21.76 -60.45 -32.14
C THR D 38 20.77 -59.55 -32.87
N GLY D 39 19.79 -60.18 -33.52
CA GLY D 39 18.81 -59.47 -34.31
C GLY D 39 19.25 -59.10 -35.71
N SER D 40 20.38 -59.60 -36.17
CA SER D 40 20.89 -59.33 -37.51
C SER D 40 20.67 -60.56 -38.38
N TYR D 41 20.13 -60.35 -39.58
CA TYR D 41 19.75 -61.44 -40.46
C TYR D 41 20.39 -61.27 -41.83
N ASN D 42 20.82 -62.38 -42.42
CA ASN D 42 21.16 -62.46 -43.82
C ASN D 42 20.00 -63.14 -44.56
N ARG D 43 20.19 -63.42 -45.85
CA ARG D 43 19.13 -64.08 -46.63
C ARG D 43 18.78 -65.43 -46.03
N SER D 44 19.79 -66.21 -45.64
CA SER D 44 19.54 -67.54 -45.09
C SER D 44 18.74 -67.45 -43.80
N SER D 45 19.23 -66.66 -42.83
CA SER D 45 18.56 -66.58 -41.54
C SER D 45 17.17 -65.95 -41.65
N PHE D 46 17.03 -64.94 -42.51
CA PHE D 46 15.72 -64.32 -42.72
C PHE D 46 14.72 -65.33 -43.28
N GLU D 47 15.07 -65.96 -44.40
CA GLU D 47 14.15 -66.92 -45.02
C GLU D 47 13.95 -68.16 -44.17
N SER D 48 14.86 -68.46 -43.24
CA SER D 48 14.68 -69.62 -42.37
C SER D 48 13.75 -69.29 -41.20
N SER D 49 13.98 -68.16 -40.54
CA SER D 49 13.20 -67.84 -39.35
C SER D 49 11.82 -67.28 -39.68
N SER D 50 11.66 -66.68 -40.85
CA SER D 50 10.36 -66.14 -41.26
C SER D 50 9.49 -67.16 -41.99
N GLY D 51 10.04 -68.30 -42.38
CA GLY D 51 9.28 -69.30 -43.11
C GLY D 51 8.92 -68.92 -44.53
N LEU D 52 9.36 -67.77 -45.02
CA LEU D 52 9.06 -67.34 -46.38
C LEU D 52 9.95 -68.06 -47.37
N VAL D 53 9.33 -68.74 -48.33
CA VAL D 53 10.06 -69.50 -49.35
C VAL D 53 10.00 -68.72 -50.66
N TRP D 54 11.15 -68.54 -51.28
CA TRP D 54 11.28 -67.75 -52.51
C TRP D 54 11.11 -68.66 -53.72
N THR D 55 10.09 -68.41 -54.52
CA THR D 55 9.85 -69.12 -55.77
C THR D 55 10.22 -68.21 -56.93
N SER D 56 10.98 -68.75 -57.88
CA SER D 56 11.52 -67.98 -59.00
C SER D 56 10.57 -68.14 -60.20
N GLY D 57 9.51 -67.35 -60.20
CA GLY D 57 8.56 -67.35 -61.28
C GLY D 57 9.16 -66.87 -62.59
N PRO D 58 8.41 -67.02 -63.68
CA PRO D 58 8.93 -66.60 -65.00
C PRO D 58 9.08 -65.08 -65.06
N ALA D 59 10.31 -64.63 -65.34
CA ALA D 59 11.45 -65.51 -65.54
C ALA D 59 12.65 -64.97 -64.77
N GLY D 60 12.79 -63.65 -64.76
CA GLY D 60 13.88 -63.00 -64.07
C GLY D 60 13.49 -62.48 -62.70
N GLU D 61 12.18 -62.50 -62.40
CA GLU D 61 11.72 -62.07 -61.10
C GLU D 61 11.31 -63.26 -60.24
N GLY D 62 10.39 -63.05 -59.31
CA GLY D 62 9.96 -64.10 -58.41
C GLY D 62 9.19 -63.49 -57.27
N SER D 63 8.90 -64.33 -56.27
CA SER D 63 8.09 -63.85 -55.16
C SER D 63 8.23 -64.80 -53.97
N TYR D 64 7.92 -64.27 -52.79
CA TYR D 64 7.84 -65.07 -51.58
C TYR D 64 6.45 -65.67 -51.47
N SER D 65 6.37 -66.91 -51.00
CA SER D 65 5.11 -67.60 -50.81
C SER D 65 4.63 -67.40 -49.39
N ILE D 66 3.56 -66.65 -49.22
CA ILE D 66 3.05 -66.33 -47.89
C ILE D 66 2.15 -67.45 -47.42
N THR D 67 2.49 -68.05 -46.27
CA THR D 67 1.73 -69.15 -45.69
C THR D 67 0.96 -68.77 -44.44
N THR D 68 1.44 -67.80 -43.67
CA THR D 68 0.75 -67.27 -42.50
C THR D 68 0.88 -65.76 -42.49
N PRO D 69 -0.10 -65.05 -41.93
CA PRO D 69 -0.05 -63.58 -41.97
C PRO D 69 1.04 -62.97 -41.10
N SER D 70 1.55 -63.69 -40.10
CA SER D 70 2.63 -63.15 -39.28
C SER D 70 3.82 -62.72 -40.13
N GLN D 71 4.10 -63.47 -41.20
CA GLN D 71 5.20 -63.15 -42.09
C GLN D 71 5.13 -61.73 -42.65
N PHE D 72 3.93 -61.12 -42.66
CA PHE D 72 3.82 -59.75 -43.16
C PHE D 72 4.67 -58.78 -42.35
N VAL D 73 4.86 -59.05 -41.06
CA VAL D 73 5.73 -58.20 -40.25
C VAL D 73 7.14 -58.19 -40.81
N PHE D 74 7.60 -59.34 -41.31
CA PHE D 74 8.92 -59.43 -41.90
C PHE D 74 9.06 -58.60 -43.17
N LEU D 75 7.95 -58.25 -43.82
CA LEU D 75 7.98 -57.54 -45.09
C LEU D 75 7.65 -56.06 -44.95
N SER D 76 7.65 -55.53 -43.73
CA SER D 76 7.36 -54.13 -43.48
C SER D 76 8.65 -53.32 -43.47
N SER D 77 8.51 -52.03 -43.18
CA SER D 77 9.66 -51.13 -43.06
C SER D 77 10.26 -51.30 -41.66
N ALA D 78 11.07 -52.35 -41.52
CA ALA D 78 11.58 -52.74 -40.21
C ALA D 78 12.98 -53.31 -40.33
N TRP D 79 13.81 -52.74 -41.19
CA TRP D 79 15.16 -53.23 -41.39
C TRP D 79 16.13 -52.05 -41.47
N ALA D 80 17.28 -52.20 -40.81
CA ALA D 80 18.30 -51.16 -40.77
C ALA D 80 19.66 -51.78 -40.97
N ASP D 81 20.57 -51.01 -41.56
CA ASP D 81 21.94 -51.46 -41.73
C ASP D 81 22.63 -51.55 -40.37
N PRO D 82 23.33 -52.65 -40.07
CA PRO D 82 23.96 -52.76 -38.74
C PRO D 82 25.00 -51.68 -38.47
N ILE D 83 25.85 -51.39 -39.44
CA ILE D 83 26.89 -50.38 -39.26
C ILE D 83 26.26 -49.00 -39.06
N GLU D 84 25.25 -48.67 -39.87
CA GLU D 84 24.56 -47.40 -39.71
C GLU D 84 23.92 -47.29 -38.33
N LEU D 85 23.32 -48.38 -37.84
CA LEU D 85 22.63 -48.34 -36.55
C LEU D 85 23.63 -48.19 -35.40
N ILE D 86 24.74 -48.93 -35.45
CA ILE D 86 25.70 -48.82 -34.36
C ILE D 86 26.41 -47.46 -34.40
N ASN D 87 26.63 -46.91 -35.60
CA ASN D 87 27.18 -45.55 -35.68
C ASN D 87 26.18 -44.53 -35.13
N LEU D 88 24.89 -44.74 -35.39
CA LEU D 88 23.87 -43.86 -34.83
C LEU D 88 23.90 -43.91 -33.31
N CYS D 89 24.03 -45.11 -32.74
CA CYS D 89 24.14 -45.24 -31.28
C CYS D 89 25.37 -44.52 -30.75
N THR D 90 26.52 -44.73 -31.39
CA THR D 90 27.76 -44.08 -30.96
C THR D 90 27.61 -42.57 -30.97
N ASN D 91 27.11 -42.00 -32.06
CA ASN D 91 26.97 -40.55 -32.14
C ASN D 91 25.89 -40.03 -31.21
N ALA D 92 24.85 -40.83 -30.94
CA ALA D 92 23.79 -40.41 -30.04
C ALA D 92 24.30 -40.31 -28.60
N LEU D 93 25.20 -41.21 -28.22
CA LEU D 93 25.74 -41.17 -26.86
C LEU D 93 26.50 -39.88 -26.57
N GLY D 94 26.87 -39.12 -27.60
CA GLY D 94 27.58 -37.88 -27.39
C GLY D 94 26.74 -36.65 -27.65
N ASN D 95 25.52 -36.63 -27.14
CA ASN D 95 24.58 -35.53 -27.32
C ASN D 95 24.23 -34.90 -25.98
N GLN D 96 23.73 -33.66 -26.05
CA GLN D 96 23.27 -32.93 -24.87
C GLN D 96 21.78 -33.20 -24.69
N PHE D 97 21.47 -34.34 -24.08
CA PHE D 97 20.09 -34.76 -23.86
C PHE D 97 19.39 -33.96 -22.78
N GLN D 98 20.10 -33.05 -22.09
CA GLN D 98 19.42 -32.09 -21.24
C GLN D 98 18.51 -31.17 -22.06
N THR D 99 18.81 -31.00 -23.34
CA THR D 99 17.99 -30.20 -24.24
C THR D 99 16.91 -31.06 -24.87
N GLN D 100 15.73 -30.46 -25.08
CA GLN D 100 14.65 -31.16 -25.75
C GLN D 100 14.94 -31.40 -27.22
N HIS D 101 15.68 -30.47 -27.85
CA HIS D 101 15.94 -30.57 -29.28
C HIS D 101 16.73 -31.82 -29.62
N ALA D 102 17.79 -32.10 -28.87
CA ALA D 102 18.59 -33.29 -29.13
C ALA D 102 17.76 -34.56 -28.95
N ARG D 103 16.91 -34.59 -27.92
CA ARG D 103 16.03 -35.74 -27.70
C ARG D 103 15.13 -35.96 -28.91
N THR D 104 14.45 -34.90 -29.37
CA THR D 104 13.58 -35.02 -30.54
C THR D 104 14.36 -35.51 -31.76
N VAL D 105 15.53 -34.92 -32.01
CA VAL D 105 16.29 -35.23 -33.22
C VAL D 105 16.75 -36.69 -33.22
N VAL D 106 17.36 -37.13 -32.11
CA VAL D 106 17.85 -38.50 -32.07
C VAL D 106 16.72 -39.50 -31.99
N GLN D 107 15.55 -39.11 -31.46
CA GLN D 107 14.38 -39.97 -31.53
C GLN D 107 13.94 -40.17 -32.98
N ARG D 108 13.89 -39.07 -33.74
CA ARG D 108 13.57 -39.19 -35.16
C ARG D 108 14.61 -40.03 -35.89
N GLN D 109 15.88 -39.91 -35.48
CA GLN D 109 16.94 -40.69 -36.12
C GLN D 109 16.77 -42.19 -35.85
N PHE D 110 16.47 -42.55 -34.59
CA PHE D 110 16.22 -43.95 -34.27
C PHE D 110 14.92 -44.46 -34.86
N SER D 111 13.98 -43.56 -35.19
CA SER D 111 12.72 -43.99 -35.79
C SER D 111 12.83 -44.18 -37.29
N GLU D 112 13.63 -43.35 -37.96
CA GLU D 112 13.74 -43.38 -39.42
C GLU D 112 14.79 -44.35 -39.93
N VAL D 113 15.62 -44.91 -39.05
CA VAL D 113 16.67 -45.82 -39.51
C VAL D 113 16.08 -47.14 -40.02
N TRP D 114 14.84 -47.46 -39.67
CA TRP D 114 14.20 -48.70 -40.08
C TRP D 114 13.52 -48.48 -41.43
N LYS D 115 14.10 -49.05 -42.49
CA LYS D 115 13.59 -48.96 -43.84
C LYS D 115 13.22 -50.36 -44.34
N PRO D 116 12.42 -50.46 -45.40
CA PRO D 116 12.12 -51.78 -45.95
C PRO D 116 13.22 -52.27 -46.87
N SER D 117 13.44 -53.58 -46.85
CA SER D 117 14.37 -54.21 -47.78
C SER D 117 13.70 -55.44 -48.41
N PRO D 118 13.18 -56.40 -47.64
CA PRO D 118 12.46 -57.51 -48.28
C PRO D 118 11.01 -57.12 -48.53
N GLN D 119 10.51 -57.49 -49.70
CA GLN D 119 9.13 -57.24 -50.07
C GLN D 119 8.55 -58.52 -50.66
N VAL D 120 7.26 -58.47 -51.00
CA VAL D 120 6.59 -59.65 -51.54
C VAL D 120 7.22 -60.08 -52.84
N THR D 121 7.63 -59.12 -53.68
CA THR D 121 8.24 -59.39 -54.96
C THR D 121 9.73 -59.05 -55.00
N VAL D 122 10.32 -58.73 -53.84
CA VAL D 122 11.73 -58.34 -53.75
C VAL D 122 12.38 -59.23 -52.70
N ARG D 123 13.32 -60.08 -53.13
CA ARG D 123 13.97 -61.00 -52.22
C ARG D 123 14.96 -60.28 -51.31
N PHE D 124 15.17 -60.86 -50.14
CA PHE D 124 16.17 -60.36 -49.21
C PHE D 124 17.52 -60.21 -49.93
N PRO D 125 18.29 -59.16 -49.63
CA PRO D 125 19.58 -58.96 -50.33
C PRO D 125 20.47 -60.20 -50.26
N ASP D 126 21.27 -60.37 -51.31
CA ASP D 126 22.01 -61.62 -51.50
C ASP D 126 23.07 -61.82 -50.41
N SER D 127 23.86 -60.78 -50.14
CA SER D 127 24.99 -60.90 -49.23
C SER D 127 24.93 -59.96 -48.04
N ASP D 128 24.11 -58.91 -48.09
CA ASP D 128 24.09 -57.94 -47.01
C ASP D 128 23.37 -58.50 -45.78
N PHE D 129 23.57 -57.81 -44.66
CA PHE D 129 22.87 -58.08 -43.41
C PHE D 129 21.93 -56.94 -43.08
N LYS D 130 20.87 -57.27 -42.35
CA LYS D 130 19.87 -56.29 -41.95
C LYS D 130 19.49 -56.52 -40.49
N VAL D 131 19.07 -55.44 -39.83
CA VAL D 131 18.68 -55.49 -38.42
C VAL D 131 17.16 -55.45 -38.36
N TYR D 132 16.58 -56.42 -37.67
CA TYR D 132 15.13 -56.60 -37.63
C TYR D 132 14.55 -55.79 -36.47
N ARG D 133 13.70 -54.83 -36.80
CA ARG D 133 13.10 -53.96 -35.77
C ARG D 133 12.30 -54.78 -34.76
N TYR D 134 11.68 -55.87 -35.20
CA TYR D 134 10.81 -56.68 -34.35
C TYR D 134 11.44 -58.02 -33.99
N ASN D 135 12.77 -58.07 -33.93
CA ASN D 135 13.44 -59.22 -33.35
C ASN D 135 13.05 -59.35 -31.89
N ALA D 136 12.93 -60.60 -31.41
CA ALA D 136 12.40 -60.84 -30.08
C ALA D 136 13.21 -60.15 -29.00
N VAL D 137 14.50 -59.94 -29.22
CA VAL D 137 15.35 -59.29 -28.22
C VAL D 137 15.46 -57.79 -28.47
N LEU D 138 15.61 -57.38 -29.73
CA LEU D 138 15.81 -55.96 -30.03
C LEU D 138 14.52 -55.16 -29.94
N ASP D 139 13.36 -55.79 -30.13
CA ASP D 139 12.10 -55.06 -30.11
C ASP D 139 11.86 -54.33 -28.79
N PRO D 140 11.92 -54.97 -27.61
CA PRO D 140 11.70 -54.21 -26.38
C PRO D 140 12.74 -53.15 -26.11
N LEU D 141 14.00 -53.40 -26.47
CA LEU D 141 15.05 -52.41 -26.25
C LEU D 141 14.83 -51.17 -27.11
N VAL D 142 14.52 -51.36 -28.39
CA VAL D 142 14.26 -50.22 -29.27
C VAL D 142 12.99 -49.50 -28.84
N THR D 143 11.98 -50.24 -28.39
CA THR D 143 10.75 -49.60 -27.92
C THR D 143 11.03 -48.73 -26.70
N ALA D 144 11.76 -49.26 -25.72
CA ALA D 144 12.10 -48.48 -24.54
C ALA D 144 12.97 -47.29 -24.90
N LEU D 145 13.86 -47.44 -25.87
CA LEU D 145 14.68 -46.32 -26.32
C LEU D 145 13.83 -45.22 -26.91
N LEU D 146 12.93 -45.57 -27.83
CA LEU D 146 12.07 -44.56 -28.44
C LEU D 146 11.14 -43.92 -27.41
N GLY D 147 10.70 -44.69 -26.40
CA GLY D 147 9.85 -44.14 -25.37
C GLY D 147 10.57 -43.28 -24.35
N ALA D 148 11.88 -43.48 -24.18
CA ALA D 148 12.62 -42.70 -23.18
C ALA D 148 12.73 -41.23 -23.58
N PHE D 149 12.71 -40.93 -24.87
CA PHE D 149 12.78 -39.54 -25.33
C PHE D 149 11.50 -38.76 -25.07
N ASP D 150 10.40 -39.43 -24.77
CA ASP D 150 9.10 -38.77 -24.59
C ASP D 150 8.99 -38.21 -23.17
N THR D 151 9.76 -37.15 -22.93
CA THR D 151 9.70 -36.44 -21.66
C THR D 151 9.95 -34.96 -21.93
N ARG D 152 8.94 -34.14 -21.70
CA ARG D 152 9.02 -32.70 -21.93
C ARG D 152 8.77 -31.95 -20.62
N ASN D 153 8.97 -30.63 -20.68
CA ASN D 153 8.75 -29.77 -19.53
C ASN D 153 7.65 -28.75 -19.82
N ARG E 14 26.90 13.36 20.82
CA ARG E 14 27.14 13.19 22.24
C ARG E 14 28.64 13.16 22.55
N ARG E 15 29.45 12.97 21.50
CA ARG E 15 30.90 12.98 21.63
C ARG E 15 31.51 14.36 21.46
N VAL E 16 30.78 15.31 20.87
CA VAL E 16 31.32 16.66 20.69
C VAL E 16 31.52 17.34 22.03
N ASP E 17 30.64 17.07 23.00
CA ASP E 17 30.82 17.64 24.33
C ASP E 17 32.08 17.10 25.00
N ASP E 18 32.31 15.79 24.90
CA ASP E 18 33.53 15.20 25.45
C ASP E 18 34.76 15.77 24.77
N ALA E 19 34.71 15.94 23.44
CA ALA E 19 35.85 16.52 22.73
C ALA E 19 36.14 17.94 23.22
N THR E 20 35.08 18.75 23.39
CA THR E 20 35.26 20.11 23.87
C THR E 20 35.87 20.13 25.26
N VAL E 21 35.35 19.30 26.17
CA VAL E 21 35.85 19.26 27.53
C VAL E 21 37.31 18.83 27.56
N ALA E 22 37.67 17.82 26.76
CA ALA E 22 39.05 17.35 26.74
C ALA E 22 39.98 18.42 26.18
N ILE E 23 39.57 19.11 25.12
CA ILE E 23 40.37 20.20 24.57
C ILE E 23 40.60 21.28 25.63
N ARG E 24 39.52 21.68 26.31
CA ARG E 24 39.66 22.72 27.32
C ARG E 24 40.58 22.28 28.46
N SER E 25 40.48 21.00 28.87
CA SER E 25 41.34 20.51 29.93
C SER E 25 42.81 20.52 29.51
N ALA E 26 43.08 20.11 28.27
CA ALA E 26 44.46 20.11 27.80
C ALA E 26 45.02 21.54 27.72
N ILE E 27 44.19 22.48 27.26
CA ILE E 27 44.63 23.87 27.19
C ILE E 27 44.90 24.40 28.59
N ASN E 28 44.04 24.06 29.55
CA ASN E 28 44.21 24.53 30.92
C ASN E 28 45.47 23.96 31.54
N ASN E 29 45.78 22.69 31.28
CA ASN E 29 47.01 22.11 31.84
C ASN E 29 48.25 22.75 31.24
N LEU E 30 48.26 22.93 29.91
CA LEU E 30 49.38 23.63 29.28
C LEU E 30 49.53 25.04 29.84
N ILE E 31 48.42 25.73 30.06
CA ILE E 31 48.48 27.08 30.63
C ILE E 31 49.04 27.05 32.05
N VAL E 32 48.60 26.07 32.85
CA VAL E 32 49.09 25.96 34.22
C VAL E 32 50.61 25.81 34.22
N GLU E 33 51.14 24.98 33.32
CA GLU E 33 52.59 24.82 33.32
C GLU E 33 53.32 26.00 32.67
N LEU E 34 52.69 26.69 31.72
CA LEU E 34 53.33 27.85 31.12
C LEU E 34 53.35 29.05 32.08
N ILE E 35 52.37 29.15 32.97
CA ILE E 35 52.33 30.24 33.94
C ILE E 35 53.56 30.19 34.83
N ARG E 36 53.93 28.99 35.28
CA ARG E 36 55.12 28.82 36.10
C ARG E 36 56.41 29.06 35.33
N GLY E 37 56.32 29.22 34.00
CA GLY E 37 57.49 29.49 33.19
C GLY E 37 58.31 28.29 32.81
N THR E 38 57.88 27.08 33.19
CA THR E 38 58.65 25.88 32.89
C THR E 38 58.72 25.63 31.39
N GLY E 39 59.86 25.07 30.96
CA GLY E 39 60.11 24.84 29.56
C GLY E 39 60.61 26.03 28.78
N SER E 40 60.96 27.13 29.44
CA SER E 40 61.48 28.31 28.79
C SER E 40 62.99 28.40 29.02
N TYR E 41 63.75 28.65 27.96
CA TYR E 41 65.19 28.64 28.01
C TYR E 41 65.76 29.94 27.44
N ASN E 42 66.80 30.46 28.08
CA ASN E 42 67.65 31.47 27.49
C ASN E 42 68.91 30.79 26.97
N ARG E 43 69.89 31.58 26.53
CA ARG E 43 71.13 30.99 26.03
C ARG E 43 71.84 30.18 27.10
N SER E 44 71.91 30.72 28.32
CA SER E 44 72.59 30.03 29.41
C SER E 44 71.93 28.70 29.73
N SER E 45 70.63 28.71 30.00
CA SER E 45 69.94 27.49 30.38
C SER E 45 69.91 26.48 29.24
N PHE E 46 69.75 26.95 28.00
CA PHE E 46 69.77 26.06 26.85
C PHE E 46 71.12 25.36 26.72
N GLU E 47 72.20 26.15 26.67
CA GLU E 47 73.53 25.57 26.52
C GLU E 47 73.95 24.75 27.74
N SER E 48 73.34 24.98 28.89
CA SER E 48 73.67 24.19 30.07
C SER E 48 72.94 22.85 30.07
N SER E 49 71.63 22.86 29.77
CA SER E 49 70.85 21.64 29.85
C SER E 49 71.03 20.75 28.62
N SER E 50 71.39 21.32 27.47
CA SER E 50 71.62 20.54 26.27
C SER E 50 73.05 20.05 26.13
N GLY E 51 73.97 20.54 26.95
CA GLY E 51 75.36 20.16 26.84
C GLY E 51 76.08 20.68 25.61
N LEU E 52 75.41 21.47 24.79
CA LEU E 52 76.02 21.99 23.56
C LEU E 52 76.94 23.17 23.91
N VAL E 53 78.20 23.06 23.53
CA VAL E 53 79.21 24.09 23.78
C VAL E 53 79.49 24.81 22.47
N TRP E 54 79.44 26.14 22.51
CA TRP E 54 79.63 26.95 21.32
C TRP E 54 81.11 27.32 21.18
N THR E 55 81.72 26.88 20.09
CA THR E 55 83.09 27.23 19.76
C THR E 55 83.07 28.26 18.63
N SER E 56 83.86 29.32 18.79
CA SER E 56 83.86 30.46 17.86
C SER E 56 84.96 30.25 16.83
N GLY E 57 84.64 29.47 15.81
CA GLY E 57 85.55 29.24 14.71
C GLY E 57 85.83 30.51 13.93
N PRO E 58 86.80 30.44 13.01
CA PRO E 58 87.18 31.63 12.23
C PRO E 58 86.05 32.06 11.31
N ALA E 59 85.58 33.29 11.48
CA ALA E 59 86.10 34.20 12.50
C ALA E 59 84.94 34.90 13.21
N GLY E 60 83.91 35.25 12.45
CA GLY E 60 82.74 35.91 12.99
C GLY E 60 81.60 34.95 13.25
N GLU E 61 81.72 33.71 12.77
CA GLU E 61 80.71 32.70 13.02
C GLU E 61 81.21 31.70 14.05
N GLY E 62 80.71 30.47 13.97
CA GLY E 62 81.05 29.45 14.94
C GLY E 62 80.11 28.27 14.80
N SER E 63 80.20 27.37 15.77
CA SER E 63 79.36 26.17 15.71
C SER E 63 79.29 25.52 17.08
N TYR E 64 78.25 24.72 17.27
CA TYR E 64 78.10 23.91 18.47
C TYR E 64 78.85 22.60 18.31
N SER E 65 79.45 22.13 19.40
CA SER E 65 80.19 20.87 19.40
C SER E 65 79.24 19.77 19.85
N ILE E 66 78.88 18.88 18.92
CA ILE E 66 77.93 17.81 19.21
C ILE E 66 78.66 16.64 19.83
N THR E 67 78.22 16.23 21.02
CA THR E 67 78.86 15.13 21.74
C THR E 67 78.04 13.85 21.73
N THR E 68 76.71 13.96 21.65
CA THR E 68 75.81 12.83 21.48
C THR E 68 74.73 13.22 20.49
N PRO E 69 74.18 12.25 19.75
CA PRO E 69 73.18 12.58 18.73
C PRO E 69 71.84 13.04 19.30
N SER E 70 71.54 12.74 20.56
CA SER E 70 70.29 13.21 21.16
C SER E 70 70.18 14.72 21.06
N GLN E 71 71.30 15.42 21.18
CA GLN E 71 71.31 16.88 21.10
C GLN E 71 70.69 17.40 19.81
N PHE E 72 70.61 16.57 18.77
CA PHE E 72 70.01 17.01 17.51
C PHE E 72 68.55 17.42 17.71
N VAL E 73 67.86 16.80 18.67
CA VAL E 73 66.48 17.18 18.95
C VAL E 73 66.41 18.65 19.37
N PHE E 74 67.42 19.12 20.12
CA PHE E 74 67.46 20.51 20.54
C PHE E 74 67.61 21.47 19.37
N LEU E 75 68.08 20.99 18.21
CA LEU E 75 68.33 21.85 17.06
C LEU E 75 67.28 21.71 15.97
N SER E 76 66.14 21.09 16.29
CA SER E 76 65.05 20.92 15.34
C SER E 76 64.07 22.08 15.43
N SER E 77 62.97 21.98 14.68
CA SER E 77 61.91 22.98 14.70
C SER E 77 61.00 22.68 15.89
N ALA E 78 61.44 23.12 17.07
CA ALA E 78 60.76 22.79 18.31
C ALA E 78 60.89 23.92 19.32
N TRP E 79 60.80 25.17 18.85
CA TRP E 79 60.95 26.32 19.73
C TRP E 79 59.91 27.37 19.39
N ALA E 80 59.31 27.95 20.43
CA ALA E 80 58.27 28.96 20.27
C ALA E 80 58.51 30.10 21.24
N ASP E 81 58.09 31.29 20.84
CA ASP E 81 58.16 32.46 21.72
C ASP E 81 57.17 32.30 22.86
N PRO E 82 57.57 32.57 24.11
CA PRO E 82 56.64 32.37 25.22
C PRO E 82 55.40 33.24 25.14
N ILE E 83 55.55 34.53 24.80
CA ILE E 83 54.41 35.43 24.72
C ILE E 83 53.46 34.99 23.61
N GLU E 84 54.01 34.63 22.45
CA GLU E 84 53.17 34.16 21.36
C GLU E 84 52.40 32.90 21.76
N LEU E 85 53.04 31.99 22.48
CA LEU E 85 52.38 30.75 22.86
C LEU E 85 51.28 30.99 23.89
N ILE E 86 51.55 31.82 24.90
CA ILE E 86 50.53 32.08 25.91
C ILE E 86 49.38 32.89 25.32
N ASN E 87 49.66 33.80 24.38
CA ASN E 87 48.58 34.49 23.68
C ASN E 87 47.76 33.52 22.85
N LEU E 88 48.43 32.55 22.22
CA LEU E 88 47.71 31.52 21.48
C LEU E 88 46.77 30.75 22.39
N CYS E 89 47.24 30.39 23.59
CA CYS E 89 46.39 29.70 24.55
C CYS E 89 45.20 30.56 24.96
N THR E 90 45.46 31.83 25.29
CA THR E 90 44.39 32.74 25.69
C THR E 90 43.32 32.86 24.61
N ASN E 91 43.73 33.13 23.37
CA ASN E 91 42.75 33.28 22.30
C ASN E 91 42.10 31.96 21.93
N ALA E 92 42.79 30.83 22.10
CA ALA E 92 42.21 29.54 21.79
C ALA E 92 41.11 29.17 22.77
N LEU E 93 41.25 29.58 24.04
CA LEU E 93 40.21 29.28 25.02
C LEU E 93 38.88 29.92 24.66
N GLY E 94 38.87 30.89 23.74
CA GLY E 94 37.63 31.54 23.35
C GLY E 94 37.12 31.15 21.98
N ASN E 95 37.14 29.86 21.67
CA ASN E 95 36.70 29.35 20.38
C ASN E 95 35.50 28.43 20.55
N GLN E 96 34.78 28.23 19.45
CA GLN E 96 33.62 27.32 19.43
C GLN E 96 34.12 25.94 19.01
N PHE E 97 34.63 25.20 20.00
CA PHE E 97 35.17 23.87 19.76
C PHE E 97 34.10 22.82 19.50
N GLN E 98 32.82 23.20 19.60
CA GLN E 98 31.76 22.32 19.12
C GLN E 98 31.87 22.09 17.61
N THR E 99 32.47 23.03 16.89
CA THR E 99 32.66 22.93 15.46
C THR E 99 33.99 22.24 15.15
N GLN E 100 34.00 21.46 14.06
CA GLN E 100 35.22 20.83 13.60
C GLN E 100 36.22 21.85 13.08
N HIS E 101 35.73 22.94 12.49
CA HIS E 101 36.60 23.95 11.89
C HIS E 101 37.53 24.58 12.92
N ALA E 102 36.98 24.99 14.05
CA ALA E 102 37.80 25.60 15.09
C ALA E 102 38.84 24.62 15.62
N ARG E 103 38.44 23.35 15.79
CA ARG E 103 39.38 22.33 16.24
C ARG E 103 40.55 22.20 15.27
N THR E 104 40.25 22.07 13.98
CA THR E 104 41.30 21.97 12.97
C THR E 104 42.21 23.19 13.00
N VAL E 105 41.62 24.39 13.06
CA VAL E 105 42.40 25.62 12.96
C VAL E 105 43.34 25.76 14.15
N VAL E 106 42.82 25.61 15.37
CA VAL E 106 43.68 25.77 16.53
C VAL E 106 44.65 24.61 16.69
N GLN E 107 44.33 23.42 16.17
CA GLN E 107 45.31 22.34 16.15
C GLN E 107 46.49 22.71 15.25
N ARG E 108 46.20 23.22 14.05
CA ARG E 108 47.28 23.66 13.18
C ARG E 108 48.07 24.80 13.82
N GLN E 109 47.40 25.68 14.56
CA GLN E 109 48.11 26.77 15.22
C GLN E 109 49.05 26.26 16.31
N PHE E 110 48.59 25.31 17.13
CA PHE E 110 49.47 24.73 18.14
C PHE E 110 50.56 23.85 17.52
N SER E 111 50.36 23.37 16.30
CA SER E 111 51.38 22.56 15.66
C SER E 111 52.45 23.42 14.99
N GLU E 112 52.06 24.55 14.41
CA GLU E 112 52.98 25.39 13.65
C GLU E 112 53.72 26.41 14.50
N VAL E 113 53.36 26.58 15.77
CA VAL E 113 54.03 27.58 16.60
C VAL E 113 55.46 27.18 16.91
N TRP E 114 55.82 25.91 16.74
CA TRP E 114 57.16 25.42 17.04
C TRP E 114 58.04 25.62 15.80
N LYS E 115 58.94 26.58 15.87
CA LYS E 115 59.86 26.91 14.79
C LYS E 115 61.29 26.70 15.25
N PRO E 116 62.24 26.59 14.33
CA PRO E 116 63.65 26.47 14.74
C PRO E 116 64.27 27.82 15.05
N SER E 117 65.16 27.80 16.04
CA SER E 117 65.96 28.98 16.37
C SER E 117 67.42 28.56 16.58
N PRO E 118 67.73 27.58 17.43
CA PRO E 118 69.12 27.14 17.53
C PRO E 118 69.43 26.10 16.46
N GLN E 119 70.59 26.24 15.83
CA GLN E 119 71.03 25.30 14.81
C GLN E 119 72.49 24.94 15.08
N VAL E 120 73.02 24.04 14.25
CA VAL E 120 74.40 23.59 14.43
C VAL E 120 75.37 24.75 14.22
N THR E 121 75.07 25.63 13.26
CA THR E 121 75.91 26.77 12.95
C THR E 121 75.27 28.09 13.35
N VAL E 122 74.14 28.05 14.06
CA VAL E 122 73.42 29.25 14.47
C VAL E 122 73.21 29.15 15.98
N ARG E 123 73.84 30.05 16.73
CA ARG E 123 73.76 30.02 18.17
C ARG E 123 72.39 30.49 18.66
N PHE E 124 72.01 30.00 19.83
CA PHE E 124 70.79 30.43 20.50
C PHE E 124 70.77 31.95 20.60
N PRO E 125 69.60 32.59 20.44
CA PRO E 125 69.53 34.05 20.51
C PRO E 125 70.13 34.58 21.81
N ASP E 126 70.70 35.79 21.73
CA ASP E 126 71.50 36.32 22.81
C ASP E 126 70.68 36.57 24.07
N SER E 127 69.53 37.23 23.93
CA SER E 127 68.76 37.65 25.08
C SER E 127 67.33 37.11 25.11
N ASP E 128 66.81 36.61 24.00
CA ASP E 128 65.43 36.15 23.97
C ASP E 128 65.27 34.84 24.72
N PHE E 129 64.01 34.51 25.03
CA PHE E 129 63.66 33.24 25.62
C PHE E 129 62.86 32.41 24.61
N LYS E 130 62.95 31.09 24.73
CA LYS E 130 62.25 30.20 23.81
C LYS E 130 61.65 29.04 24.61
N VAL E 131 60.56 28.49 24.09
CA VAL E 131 59.84 27.40 24.72
C VAL E 131 60.17 26.10 23.99
N TYR E 132 60.62 25.10 24.74
CA TYR E 132 61.11 23.85 24.15
C TYR E 132 59.94 22.87 24.02
N ARG E 133 59.65 22.45 22.78
CA ARG E 133 58.55 21.54 22.53
C ARG E 133 58.74 20.21 23.27
N TYR E 134 59.98 19.77 23.44
CA TYR E 134 60.26 18.47 24.02
C TYR E 134 60.84 18.57 25.43
N ASN E 135 60.48 19.64 26.15
CA ASN E 135 60.77 19.71 27.58
C ASN E 135 60.02 18.59 28.31
N ALA E 136 60.66 18.06 29.36
CA ALA E 136 60.13 16.87 30.02
C ALA E 136 58.72 17.09 30.57
N VAL E 137 58.37 18.33 30.92
CA VAL E 137 57.05 18.61 31.46
C VAL E 137 56.08 19.04 30.36
N LEU E 138 56.53 19.89 29.43
CA LEU E 138 55.65 20.40 28.39
C LEU E 138 55.36 19.38 27.29
N ASP E 139 56.25 18.39 27.10
CA ASP E 139 56.05 17.42 26.02
C ASP E 139 54.73 16.68 26.17
N PRO E 140 54.40 16.04 27.30
CA PRO E 140 53.12 15.32 27.37
C PRO E 140 51.92 16.24 27.25
N LEU E 141 51.99 17.45 27.81
CA LEU E 141 50.86 18.37 27.73
C LEU E 141 50.60 18.81 26.30
N VAL E 142 51.66 19.18 25.57
CA VAL E 142 51.48 19.60 24.18
C VAL E 142 51.03 18.42 23.32
N THR E 143 51.54 17.22 23.60
CA THR E 143 51.11 16.04 22.84
C THR E 143 49.64 15.75 23.07
N ALA E 144 49.20 15.75 24.33
CA ALA E 144 47.79 15.51 24.64
C ALA E 144 46.91 16.60 24.07
N LEU E 145 47.38 17.85 24.07
CA LEU E 145 46.61 18.94 23.49
C LEU E 145 46.41 18.74 21.99
N LEU E 146 47.50 18.45 21.27
CA LEU E 146 47.40 18.21 19.84
C LEU E 146 46.53 16.99 19.53
N GLY E 147 46.57 15.97 20.41
CA GLY E 147 45.73 14.80 20.20
C GLY E 147 44.28 15.01 20.55
N ALA E 148 43.96 15.98 21.41
CA ALA E 148 42.57 16.22 21.79
C ALA E 148 41.74 16.74 20.63
N PHE E 149 42.36 17.46 19.70
CA PHE E 149 41.64 17.98 18.54
C PHE E 149 41.27 16.88 17.54
N ASP E 150 41.90 15.70 17.64
CA ASP E 150 41.68 14.63 16.68
C ASP E 150 40.41 13.86 17.06
N THR E 151 39.27 14.52 16.86
CA THR E 151 37.96 13.93 17.11
C THR E 151 36.98 14.53 16.13
N ARG E 152 36.41 13.69 15.25
CA ARG E 152 35.46 14.13 14.25
C ARG E 152 34.12 13.42 14.47
N ASN E 153 33.11 13.90 13.77
CA ASN E 153 31.78 13.33 13.85
C ASN E 153 31.30 12.81 12.50
N ARG F 14 31.91 -16.88 -0.88
CA ARG F 14 32.54 -17.63 0.20
C ARG F 14 33.33 -18.81 -0.34
N ARG F 15 33.07 -19.18 -1.60
CA ARG F 15 33.80 -20.26 -2.25
C ARG F 15 35.05 -19.78 -2.96
N VAL F 16 35.16 -18.48 -3.25
CA VAL F 16 36.34 -17.96 -3.92
C VAL F 16 37.58 -18.10 -3.03
N ASP F 17 37.43 -17.94 -1.72
CA ASP F 17 38.55 -18.10 -0.81
C ASP F 17 39.06 -19.54 -0.83
N ASP F 18 38.14 -20.51 -0.77
CA ASP F 18 38.53 -21.92 -0.86
C ASP F 18 39.19 -22.23 -2.18
N ALA F 19 38.66 -21.67 -3.28
CA ALA F 19 39.28 -21.88 -4.59
C ALA F 19 40.70 -21.33 -4.62
N THR F 20 40.90 -20.13 -4.07
CA THR F 20 42.24 -19.55 -4.03
C THR F 20 43.20 -20.41 -3.22
N VAL F 21 42.76 -20.87 -2.04
CA VAL F 21 43.62 -21.68 -1.20
C VAL F 21 43.99 -22.99 -1.89
N ALA F 22 43.01 -23.63 -2.55
CA ALA F 22 43.28 -24.88 -3.25
C ALA F 22 44.24 -24.68 -4.40
N ILE F 23 44.05 -23.61 -5.18
CA ILE F 23 44.95 -23.30 -6.28
C ILE F 23 46.37 -23.12 -5.78
N ARG F 24 46.53 -22.30 -4.72
CA ARG F 24 47.87 -22.06 -4.18
C ARG F 24 48.50 -23.34 -3.66
N SER F 25 47.71 -24.20 -3.00
CA SER F 25 48.26 -25.45 -2.50
C SER F 25 48.71 -26.36 -3.64
N ALA F 26 47.93 -26.44 -4.72
CA ALA F 26 48.33 -27.27 -5.84
C ALA F 26 49.60 -26.74 -6.49
N ILE F 27 49.70 -25.42 -6.64
CA ILE F 27 50.90 -24.83 -7.23
C ILE F 27 52.11 -25.12 -6.34
N ASN F 28 51.94 -25.00 -5.02
CA ASN F 28 53.04 -25.27 -4.11
C ASN F 28 53.49 -26.72 -4.17
N ASN F 29 52.54 -27.66 -4.29
CA ASN F 29 52.92 -29.06 -4.38
C ASN F 29 53.67 -29.36 -5.68
N LEU F 30 53.16 -28.84 -6.79
CA LEU F 30 53.87 -28.99 -8.07
C LEU F 30 55.27 -28.40 -7.99
N ILE F 31 55.41 -27.23 -7.34
CA ILE F 31 56.73 -26.62 -7.18
C ILE F 31 57.64 -27.50 -6.34
N VAL F 32 57.10 -28.05 -5.24
CA VAL F 32 57.90 -28.91 -4.37
C VAL F 32 58.46 -30.08 -5.17
N GLU F 33 57.64 -30.70 -6.03
CA GLU F 33 58.16 -31.83 -6.79
C GLU F 33 59.04 -31.41 -7.96
N LEU F 34 58.82 -30.22 -8.53
CA LEU F 34 59.67 -29.77 -9.62
C LEU F 34 61.05 -29.35 -9.15
N ILE F 35 61.15 -28.85 -7.91
CA ILE F 35 62.45 -28.44 -7.38
C ILE F 35 63.40 -29.63 -7.29
N ARG F 36 62.88 -30.77 -6.81
CA ARG F 36 63.70 -31.98 -6.73
C ARG F 36 64.03 -32.57 -8.09
N GLY F 37 63.45 -32.03 -9.17
CA GLY F 37 63.74 -32.50 -10.51
C GLY F 37 62.99 -33.74 -10.95
N THR F 38 62.10 -34.28 -10.12
CA THR F 38 61.37 -35.48 -10.49
C THR F 38 60.47 -35.23 -11.69
N GLY F 39 60.33 -36.26 -12.53
CA GLY F 39 59.56 -36.12 -13.75
C GLY F 39 60.27 -35.48 -14.91
N SER F 40 61.58 -35.28 -14.81
CA SER F 40 62.38 -34.69 -15.88
C SER F 40 63.21 -35.79 -16.54
N TYR F 41 63.19 -35.81 -17.87
CA TYR F 41 63.84 -36.86 -18.64
C TYR F 41 64.78 -36.26 -19.67
N ASN F 42 65.93 -36.90 -19.85
CA ASN F 42 66.80 -36.70 -20.99
C ASN F 42 66.60 -37.85 -21.96
N ARG F 43 67.43 -37.91 -23.02
CA ARG F 43 67.29 -38.98 -24.00
C ARG F 43 67.50 -40.35 -23.35
N SER F 44 68.51 -40.48 -22.50
CA SER F 44 68.80 -41.76 -21.86
C SER F 44 67.63 -42.22 -21.00
N SER F 45 67.19 -41.37 -20.07
CA SER F 45 66.12 -41.76 -19.16
C SER F 45 64.80 -41.98 -19.90
N PHE F 46 64.53 -41.16 -20.92
CA PHE F 46 63.32 -41.34 -21.72
C PHE F 46 63.33 -42.69 -22.42
N GLU F 47 64.39 -42.97 -23.19
CA GLU F 47 64.45 -44.22 -23.92
C GLU F 47 64.59 -45.43 -23.01
N SER F 48 65.04 -45.24 -21.77
CA SER F 48 65.12 -46.36 -20.83
C SER F 48 63.77 -46.65 -20.20
N SER F 49 63.07 -45.62 -19.73
CA SER F 49 61.82 -45.83 -19.03
C SER F 49 60.64 -46.07 -19.97
N SER F 50 60.71 -45.57 -21.20
CA SER F 50 59.65 -45.79 -22.17
C SER F 50 59.84 -47.05 -22.99
N GLY F 51 61.02 -47.68 -22.95
CA GLY F 51 61.30 -48.85 -23.73
C GLY F 51 61.41 -48.61 -25.22
N LEU F 52 61.32 -47.36 -25.68
CA LEU F 52 61.39 -47.05 -27.10
C LEU F 52 62.84 -47.06 -27.55
N VAL F 53 63.13 -47.88 -28.57
CA VAL F 53 64.47 -48.03 -29.14
C VAL F 53 64.51 -47.32 -30.48
N TRP F 54 65.51 -46.48 -30.68
CA TRP F 54 65.65 -45.69 -31.90
C TRP F 54 66.46 -46.47 -32.92
N THR F 55 65.84 -46.79 -34.05
CA THR F 55 66.50 -47.45 -35.17
C THR F 55 66.73 -46.43 -36.28
N SER F 56 67.95 -46.42 -36.80
CA SER F 56 68.38 -45.43 -37.78
C SER F 56 68.25 -46.01 -39.18
N GLY F 57 67.03 -45.94 -39.72
CA GLY F 57 66.78 -46.38 -41.07
C GLY F 57 67.51 -45.54 -42.08
N PRO F 58 67.51 -45.98 -43.34
CA PRO F 58 68.23 -45.23 -44.39
C PRO F 58 67.57 -43.88 -44.65
N ALA F 59 68.33 -42.81 -44.49
CA ALA F 59 69.71 -42.87 -44.03
C ALA F 59 69.98 -41.80 -42.97
N GLY F 60 69.39 -40.63 -43.15
CA GLY F 60 69.56 -39.54 -42.22
C GLY F 60 68.43 -39.42 -41.22
N GLU F 61 67.35 -40.17 -41.44
CA GLU F 61 66.24 -40.17 -40.50
C GLU F 61 66.21 -41.43 -39.66
N GLY F 62 65.03 -41.82 -39.19
CA GLY F 62 64.91 -42.98 -38.34
C GLY F 62 63.55 -43.01 -37.67
N SER F 63 63.41 -43.95 -36.73
CA SER F 63 62.12 -44.11 -36.07
C SER F 63 62.29 -44.90 -34.79
N TYR F 64 61.31 -44.75 -33.89
CA TYR F 64 61.23 -45.53 -32.67
C TYR F 64 60.48 -46.84 -32.93
N SER F 65 60.93 -47.89 -32.26
CA SER F 65 60.32 -49.21 -32.39
C SER F 65 59.28 -49.39 -31.30
N ILE F 66 58.01 -49.40 -31.68
CA ILE F 66 56.91 -49.53 -30.74
C ILE F 66 56.66 -51.00 -30.46
N THR F 67 56.74 -51.39 -29.19
CA THR F 67 56.53 -52.77 -28.79
C THR F 67 55.21 -53.00 -28.06
N THR F 68 54.71 -51.99 -27.36
CA THR F 68 53.40 -52.01 -26.71
C THR F 68 52.75 -50.66 -26.95
N PRO F 69 51.42 -50.61 -27.00
CA PRO F 69 50.74 -49.33 -27.29
C PRO F 69 50.86 -48.30 -26.17
N SER F 70 51.18 -48.71 -24.94
CA SER F 70 51.34 -47.75 -23.86
C SER F 70 52.37 -46.68 -24.22
N GLN F 71 53.42 -47.08 -24.93
CA GLN F 71 54.47 -46.15 -25.33
C GLN F 71 53.94 -44.95 -26.12
N PHE F 72 52.74 -45.07 -26.71
CA PHE F 72 52.17 -43.94 -27.43
C PHE F 72 51.98 -42.72 -26.53
N VAL F 73 51.72 -42.94 -25.24
CA VAL F 73 51.60 -41.82 -24.31
C VAL F 73 52.89 -41.02 -24.27
N PHE F 74 54.04 -41.71 -24.37
CA PHE F 74 55.32 -41.03 -24.38
C PHE F 74 55.52 -40.17 -25.61
N LEU F 75 54.77 -40.43 -26.70
CA LEU F 75 54.93 -39.69 -27.94
C LEU F 75 53.82 -38.69 -28.17
N SER F 76 53.04 -38.37 -27.15
CA SER F 76 51.95 -37.41 -27.26
C SER F 76 52.44 -36.01 -26.90
N SER F 77 51.51 -35.06 -26.88
CA SER F 77 51.79 -33.68 -26.49
C SER F 77 51.76 -33.61 -24.96
N ALA F 78 52.87 -34.03 -24.35
CA ALA F 78 52.92 -34.18 -22.89
C ALA F 78 54.32 -33.88 -22.38
N TRP F 79 54.98 -32.88 -22.95
CA TRP F 79 56.33 -32.51 -22.54
C TRP F 79 56.46 -31.00 -22.48
N ALA F 80 57.14 -30.52 -21.44
CA ALA F 80 57.33 -29.09 -21.23
C ALA F 80 58.77 -28.82 -20.83
N ASP F 81 59.25 -27.63 -21.21
CA ASP F 81 60.59 -27.21 -20.83
C ASP F 81 60.64 -26.97 -19.32
N PRO F 82 61.65 -27.49 -18.62
CA PRO F 82 61.68 -27.31 -17.15
C PRO F 82 61.75 -25.86 -16.72
N ILE F 83 62.58 -25.05 -17.37
CA ILE F 83 62.71 -23.65 -16.99
C ILE F 83 61.40 -22.91 -17.26
N GLU F 84 60.78 -23.16 -18.41
CA GLU F 84 59.51 -22.53 -18.73
C GLU F 84 58.44 -22.91 -17.71
N LEU F 85 58.43 -24.19 -17.29
CA LEU F 85 57.40 -24.64 -16.36
C LEU F 85 57.59 -24.04 -14.96
N ILE F 86 58.83 -24.01 -14.48
CA ILE F 86 59.06 -23.45 -13.14
C ILE F 86 58.88 -21.94 -13.15
N ASN F 87 59.22 -21.26 -14.24
CA ASN F 87 58.92 -19.84 -14.35
C ASN F 87 57.42 -19.59 -14.40
N LEU F 88 56.68 -20.48 -15.08
CA LEU F 88 55.22 -20.37 -15.09
C LEU F 88 54.67 -20.50 -13.69
N CYS F 89 55.18 -21.44 -12.90
CA CYS F 89 54.75 -21.58 -11.51
C CYS F 89 55.06 -20.32 -10.71
N THR F 90 56.29 -19.81 -10.83
CA THR F 90 56.70 -18.61 -10.11
C THR F 90 55.78 -17.43 -10.43
N ASN F 91 55.55 -17.17 -11.72
CA ASN F 91 54.71 -16.04 -12.11
C ASN F 91 53.25 -16.27 -11.77
N ALA F 92 52.79 -17.53 -11.76
CA ALA F 92 51.41 -17.82 -11.41
C ALA F 92 51.15 -17.58 -9.93
N LEU F 93 52.14 -17.85 -9.08
CA LEU F 93 51.96 -17.63 -7.65
C LEU F 93 51.69 -16.16 -7.31
N GLY F 94 51.97 -15.24 -8.23
CA GLY F 94 51.72 -13.83 -7.99
C GLY F 94 50.53 -13.29 -8.75
N ASN F 95 49.43 -14.02 -8.75
CA ASN F 95 48.21 -13.63 -9.46
C ASN F 95 47.07 -13.42 -8.48
N GLN F 96 46.07 -12.67 -8.92
CA GLN F 96 44.86 -12.43 -8.13
C GLN F 96 43.82 -13.49 -8.51
N PHE F 97 43.95 -14.65 -7.86
CA PHE F 97 43.06 -15.77 -8.13
C PHE F 97 41.67 -15.59 -7.55
N GLN F 98 41.42 -14.50 -6.82
CA GLN F 98 40.06 -14.14 -6.47
C GLN F 98 39.23 -13.84 -7.72
N THR F 99 39.88 -13.43 -8.79
CA THR F 99 39.21 -13.15 -10.05
C THR F 99 39.12 -14.42 -10.90
N GLN F 100 38.01 -14.54 -11.64
CA GLN F 100 37.85 -15.67 -12.55
C GLN F 100 38.81 -15.58 -13.73
N HIS F 101 39.12 -14.35 -14.17
CA HIS F 101 39.96 -14.16 -15.34
C HIS F 101 41.35 -14.77 -15.14
N ALA F 102 41.97 -14.48 -13.99
CA ALA F 102 43.30 -15.01 -13.71
C ALA F 102 43.27 -16.53 -13.65
N ARG F 103 42.22 -17.10 -13.04
CA ARG F 103 42.09 -18.56 -12.98
C ARG F 103 42.04 -19.16 -14.38
N THR F 104 41.17 -18.62 -15.24
CA THR F 104 41.07 -19.13 -16.61
C THR F 104 42.40 -19.02 -17.33
N VAL F 105 43.06 -17.86 -17.22
CA VAL F 105 44.28 -17.62 -17.98
C VAL F 105 45.39 -18.56 -17.54
N VAL F 106 45.63 -18.68 -16.23
CA VAL F 106 46.72 -19.53 -15.77
C VAL F 106 46.37 -21.00 -15.96
N GLN F 107 45.08 -21.36 -15.97
CA GLN F 107 44.70 -22.72 -16.32
C GLN F 107 45.08 -23.03 -17.75
N ARG F 108 44.75 -22.11 -18.68
CA ARG F 108 45.17 -22.30 -20.06
C ARG F 108 46.69 -22.35 -20.19
N GLN F 109 47.41 -21.58 -19.35
CA GLN F 109 48.86 -21.60 -19.39
C GLN F 109 49.41 -22.95 -18.94
N PHE F 110 48.87 -23.50 -17.86
CA PHE F 110 49.30 -24.81 -17.39
C PHE F 110 48.85 -25.93 -18.32
N SER F 111 47.82 -25.70 -19.14
CA SER F 111 47.37 -26.71 -20.08
C SER F 111 48.17 -26.70 -21.37
N GLU F 112 48.56 -25.50 -21.84
CA GLU F 112 49.25 -25.38 -23.12
C GLU F 112 50.75 -25.51 -23.01
N VAL F 113 51.32 -25.52 -21.80
CA VAL F 113 52.76 -25.63 -21.66
C VAL F 113 53.24 -27.01 -22.08
N TRP F 114 52.36 -28.00 -22.13
CA TRP F 114 52.71 -29.36 -22.50
C TRP F 114 52.65 -29.49 -24.01
N LYS F 115 53.81 -29.57 -24.65
CA LYS F 115 53.93 -29.71 -26.09
C LYS F 115 54.61 -31.04 -26.42
N PRO F 116 54.49 -31.52 -27.66
CA PRO F 116 55.22 -32.73 -28.02
C PRO F 116 56.67 -32.43 -28.35
N SER F 117 57.54 -33.35 -27.98
CA SER F 117 58.95 -33.25 -28.35
C SER F 117 59.41 -34.56 -29.00
N PRO F 118 59.23 -35.73 -28.36
CA PRO F 118 59.55 -36.97 -29.05
C PRO F 118 58.37 -37.43 -29.89
N GLN F 119 58.66 -37.87 -31.11
CA GLN F 119 57.65 -38.38 -32.02
C GLN F 119 58.13 -39.70 -32.61
N VAL F 120 57.27 -40.31 -33.44
CA VAL F 120 57.60 -41.59 -34.04
C VAL F 120 58.81 -41.47 -34.94
N THR F 121 58.93 -40.35 -35.67
CA THR F 121 60.04 -40.13 -36.58
C THR F 121 61.01 -39.07 -36.08
N VAL F 122 60.85 -38.59 -34.85
CA VAL F 122 61.70 -37.56 -34.28
C VAL F 122 62.22 -38.06 -32.93
N ARG F 123 63.53 -38.26 -32.83
CA ARG F 123 64.12 -38.77 -31.61
C ARG F 123 64.13 -37.68 -30.53
N PHE F 124 64.11 -38.13 -29.28
CA PHE F 124 64.23 -37.21 -28.15
C PHE F 124 65.44 -36.30 -28.34
N PRO F 125 65.34 -35.03 -27.97
CA PRO F 125 66.47 -34.11 -28.17
C PRO F 125 67.74 -34.64 -27.52
N ASP F 126 68.89 -34.29 -28.13
CA ASP F 126 70.15 -34.93 -27.77
C ASP F 126 70.57 -34.59 -26.35
N SER F 127 70.53 -33.31 -25.98
CA SER F 127 71.05 -32.87 -24.69
C SER F 127 70.03 -32.18 -23.80
N ASP F 128 68.91 -31.70 -24.34
CA ASP F 128 67.96 -30.98 -23.53
C ASP F 128 67.19 -31.93 -22.61
N PHE F 129 66.53 -31.34 -21.62
CA PHE F 129 65.65 -32.06 -20.72
C PHE F 129 64.20 -31.65 -20.95
N LYS F 130 63.29 -32.56 -20.63
CA LYS F 130 61.86 -32.33 -20.79
C LYS F 130 61.13 -32.88 -19.57
N VAL F 131 59.99 -32.27 -19.27
CA VAL F 131 59.16 -32.65 -18.12
C VAL F 131 57.97 -33.46 -18.63
N TYR F 132 57.77 -34.64 -18.06
CA TYR F 132 56.76 -35.58 -18.54
C TYR F 132 55.44 -35.31 -17.84
N ARG F 133 54.41 -34.97 -18.62
CA ARG F 133 53.10 -34.66 -18.06
C ARG F 133 52.51 -35.85 -17.31
N TYR F 134 52.79 -37.08 -17.76
CA TYR F 134 52.21 -38.27 -17.18
C TYR F 134 53.23 -39.08 -16.38
N ASN F 135 54.24 -38.40 -15.82
CA ASN F 135 55.12 -39.04 -14.86
C ASN F 135 54.32 -39.48 -13.64
N ALA F 136 54.73 -40.61 -13.05
CA ALA F 136 53.95 -41.23 -11.98
C ALA F 136 53.76 -40.29 -10.80
N VAL F 137 54.70 -39.36 -10.58
CA VAL F 137 54.60 -38.45 -9.45
C VAL F 137 53.93 -37.14 -9.86
N LEU F 138 54.28 -36.60 -11.02
CA LEU F 138 53.76 -35.31 -11.46
C LEU F 138 52.32 -35.37 -11.97
N ASP F 139 51.87 -36.53 -12.43
CA ASP F 139 50.52 -36.65 -12.99
C ASP F 139 49.43 -36.21 -12.01
N PRO F 140 49.35 -36.75 -10.79
CA PRO F 140 48.27 -36.31 -9.89
C PRO F 140 48.38 -34.84 -9.52
N LEU F 141 49.60 -34.31 -9.36
CA LEU F 141 49.75 -32.91 -9.00
C LEU F 141 49.26 -32.00 -10.12
N VAL F 142 49.64 -32.30 -11.36
CA VAL F 142 49.21 -31.47 -12.49
C VAL F 142 47.70 -31.60 -12.70
N THR F 143 47.16 -32.81 -12.51
CA THR F 143 45.71 -32.99 -12.66
C THR F 143 44.95 -32.19 -11.61
N ALA F 144 45.37 -32.29 -10.34
CA ALA F 144 44.71 -31.55 -9.28
C ALA F 144 44.86 -30.05 -9.49
N LEU F 145 46.01 -29.61 -10.00
CA LEU F 145 46.22 -28.19 -10.28
C LEU F 145 45.26 -27.71 -11.36
N LEU F 146 45.17 -28.44 -12.47
CA LEU F 146 44.25 -28.04 -13.54
C LEU F 146 42.80 -28.08 -13.07
N GLY F 147 42.46 -29.01 -12.17
CA GLY F 147 41.12 -29.06 -11.63
C GLY F 147 40.81 -28.00 -10.59
N ALA F 148 41.84 -27.48 -9.92
CA ALA F 148 41.61 -26.47 -8.89
C ALA F 148 41.11 -25.16 -9.48
N PHE F 149 41.47 -24.86 -10.73
CA PHE F 149 40.99 -23.64 -11.36
C PHE F 149 39.53 -23.74 -11.75
N ASP F 150 38.96 -24.94 -11.77
CA ASP F 150 37.59 -25.17 -12.24
C ASP F 150 36.61 -24.89 -11.10
N THR F 151 36.49 -23.61 -10.77
CA THR F 151 35.53 -23.15 -9.76
C THR F 151 35.07 -21.77 -10.16
N ARG F 152 33.78 -21.62 -10.46
CA ARG F 152 33.22 -20.36 -10.91
C ARG F 152 32.16 -19.88 -9.92
N ASN F 153 31.73 -18.64 -10.10
CA ASN F 153 30.71 -18.05 -9.25
C ASN F 153 29.48 -17.62 -10.06
N ARG G 14 -11.90 -30.99 -15.01
CA ARG G 14 -11.85 -32.31 -14.37
C ARG G 14 -13.08 -33.13 -14.73
N ARG G 15 -14.10 -32.45 -15.27
CA ARG G 15 -15.32 -33.11 -15.72
C ARG G 15 -15.24 -33.54 -17.17
N VAL G 16 -14.33 -32.96 -17.95
CA VAL G 16 -14.18 -33.33 -19.35
C VAL G 16 -13.67 -34.77 -19.47
N ASP G 17 -12.83 -35.22 -18.54
CA ASP G 17 -12.35 -36.59 -18.56
C ASP G 17 -13.51 -37.56 -18.35
N ASP G 18 -14.38 -37.28 -17.38
CA ASP G 18 -15.55 -38.11 -17.17
C ASP G 18 -16.47 -38.10 -18.38
N ALA G 19 -16.65 -36.93 -18.99
CA ALA G 19 -17.45 -36.85 -20.21
C ALA G 19 -16.87 -37.70 -21.33
N THR G 20 -15.54 -37.65 -21.50
CA THR G 20 -14.88 -38.46 -22.52
C THR G 20 -15.10 -39.95 -22.26
N VAL G 21 -14.91 -40.38 -21.01
CA VAL G 21 -15.07 -41.80 -20.68
C VAL G 21 -16.50 -42.24 -20.94
N ALA G 22 -17.49 -41.41 -20.56
CA ALA G 22 -18.88 -41.76 -20.78
C ALA G 22 -19.21 -41.85 -22.27
N ILE G 23 -18.71 -40.88 -23.06
CA ILE G 23 -18.93 -40.90 -24.50
C ILE G 23 -18.36 -42.18 -25.11
N ARG G 24 -17.12 -42.52 -24.75
CA ARG G 24 -16.49 -43.71 -25.29
C ARG G 24 -17.25 -44.97 -24.90
N SER G 25 -17.73 -45.03 -23.65
CA SER G 25 -18.49 -46.20 -23.21
C SER G 25 -19.79 -46.34 -23.99
N ALA G 26 -20.48 -45.21 -24.22
CA ALA G 26 -21.73 -45.26 -24.97
C ALA G 26 -21.50 -45.69 -26.42
N ILE G 27 -20.43 -45.18 -27.03
CA ILE G 27 -20.12 -45.58 -28.41
C ILE G 27 -19.78 -47.06 -28.46
N ASN G 28 -19.01 -47.55 -27.48
CA ASN G 28 -18.66 -48.96 -27.46
C ASN G 28 -19.88 -49.85 -27.28
N ASN G 29 -20.83 -49.43 -26.44
CA ASN G 29 -22.04 -50.23 -26.25
C ASN G 29 -22.89 -50.25 -27.51
N LEU G 30 -23.07 -49.08 -28.15
CA LEU G 30 -23.78 -49.04 -29.42
C LEU G 30 -23.11 -49.93 -30.46
N ILE G 31 -21.78 -49.92 -30.50
CA ILE G 31 -21.05 -50.77 -31.45
C ILE G 31 -21.29 -52.24 -31.14
N VAL G 32 -21.23 -52.61 -29.86
CA VAL G 32 -21.44 -54.00 -29.48
C VAL G 32 -22.80 -54.48 -29.93
N GLU G 33 -23.85 -53.67 -29.74
CA GLU G 33 -25.17 -54.13 -30.14
C GLU G 33 -25.39 -54.05 -31.66
N LEU G 34 -24.71 -53.13 -32.35
CA LEU G 34 -24.83 -53.08 -33.80
C LEU G 34 -24.10 -54.25 -34.45
N ILE G 35 -23.04 -54.75 -33.81
CA ILE G 35 -22.29 -55.88 -34.37
C ILE G 35 -23.19 -57.11 -34.46
N ARG G 36 -23.99 -57.36 -33.42
CA ARG G 36 -24.93 -58.48 -33.46
C ARG G 36 -26.08 -58.26 -34.43
N GLY G 37 -26.22 -57.07 -35.00
CA GLY G 37 -27.27 -56.81 -35.96
C GLY G 37 -28.62 -56.51 -35.36
N THR G 38 -28.73 -56.45 -34.03
CA THR G 38 -30.03 -56.21 -33.40
C THR G 38 -30.53 -54.81 -33.77
N GLY G 39 -31.84 -54.69 -33.93
CA GLY G 39 -32.44 -53.45 -34.36
C GLY G 39 -32.38 -53.21 -35.86
N SER G 40 -31.99 -54.22 -36.64
CA SER G 40 -31.93 -54.10 -38.10
C SER G 40 -33.11 -54.86 -38.69
N TYR G 41 -33.80 -54.22 -39.63
CA TYR G 41 -35.03 -54.76 -40.18
C TYR G 41 -34.96 -54.82 -41.70
N ASN G 42 -35.49 -55.89 -42.28
CA ASN G 42 -35.82 -55.94 -43.68
C ASN G 42 -37.34 -55.75 -43.81
N ARG G 43 -37.87 -55.90 -45.02
CA ARG G 43 -39.31 -55.72 -45.21
C ARG G 43 -40.10 -56.74 -44.39
N SER G 44 -39.66 -58.00 -44.38
CA SER G 44 -40.37 -59.04 -43.67
C SER G 44 -40.42 -58.75 -42.16
N SER G 45 -39.26 -58.53 -41.55
CA SER G 45 -39.22 -58.32 -40.11
C SER G 45 -39.92 -57.04 -39.71
N PHE G 46 -39.80 -55.98 -40.53
CA PHE G 46 -40.49 -54.73 -40.24
C PHE G 46 -42.01 -54.93 -40.26
N GLU G 47 -42.54 -55.46 -41.36
CA GLU G 47 -43.98 -55.63 -41.46
C GLU G 47 -44.52 -56.68 -40.50
N SER G 48 -43.67 -57.59 -40.01
CA SER G 48 -44.13 -58.59 -39.04
C SER G 48 -44.17 -58.01 -37.63
N SER G 49 -43.10 -57.33 -37.21
CA SER G 49 -43.00 -56.84 -35.83
C SER G 49 -43.79 -55.56 -35.60
N SER G 50 -44.01 -54.76 -36.64
CA SER G 50 -44.77 -53.53 -36.50
C SER G 50 -46.27 -53.73 -36.69
N GLY G 51 -46.70 -54.89 -37.17
CA GLY G 51 -48.10 -55.14 -37.41
C GLY G 51 -48.70 -54.39 -38.59
N LEU G 52 -47.90 -53.62 -39.32
CA LEU G 52 -48.40 -52.88 -40.47
C LEU G 52 -48.54 -53.82 -41.66
N VAL G 53 -49.73 -53.90 -42.23
CA VAL G 53 -50.03 -54.77 -43.36
C VAL G 53 -50.15 -53.90 -44.61
N TRP G 54 -49.43 -54.28 -45.66
CA TRP G 54 -49.39 -53.51 -46.89
C TRP G 54 -50.47 -54.02 -47.84
N THR G 55 -51.43 -53.16 -48.15
CA THR G 55 -52.48 -53.45 -49.12
C THR G 55 -52.19 -52.67 -50.39
N SER G 56 -52.28 -53.36 -51.54
CA SER G 56 -51.91 -52.79 -52.83
C SER G 56 -53.16 -52.24 -53.51
N GLY G 57 -53.52 -51.02 -53.13
CA GLY G 57 -54.63 -50.33 -53.73
C GLY G 57 -54.38 -50.06 -55.21
N PRO G 58 -55.41 -49.59 -55.91
CA PRO G 58 -55.28 -49.34 -57.36
C PRO G 58 -54.31 -48.20 -57.62
N ALA G 59 -53.26 -48.49 -58.39
CA ALA G 59 -53.01 -49.83 -58.92
C ALA G 59 -51.53 -50.19 -58.75
N GLY G 60 -50.67 -49.21 -58.96
CA GLY G 60 -49.24 -49.40 -58.83
C GLY G 60 -48.71 -48.95 -57.48
N GLU G 61 -49.55 -48.28 -56.70
CA GLU G 61 -49.16 -47.83 -55.37
C GLU G 61 -49.81 -48.73 -54.32
N GLY G 62 -50.04 -48.17 -53.14
CA GLY G 62 -50.61 -48.93 -52.05
C GLY G 62 -50.46 -48.17 -50.75
N SER G 63 -50.78 -48.86 -49.64
CA SER G 63 -50.71 -48.19 -48.35
C SER G 63 -50.68 -49.24 -47.25
N TYR G 64 -50.18 -48.81 -46.09
CA TYR G 64 -50.21 -49.64 -44.89
C TYR G 64 -51.52 -49.42 -44.15
N SER G 65 -52.06 -50.49 -43.58
CA SER G 65 -53.31 -50.43 -42.82
C SER G 65 -52.96 -50.25 -41.35
N ILE G 66 -53.27 -49.08 -40.81
CA ILE G 66 -52.93 -48.74 -39.44
C ILE G 66 -54.03 -49.26 -38.52
N THR G 67 -53.65 -50.11 -37.57
CA THR G 67 -54.59 -50.70 -36.62
C THR G 67 -54.50 -50.13 -35.21
N THR G 68 -53.32 -49.66 -34.81
CA THR G 68 -53.12 -48.98 -33.54
C THR G 68 -52.20 -47.79 -33.77
N PRO G 69 -52.34 -46.73 -32.97
CA PRO G 69 -51.52 -45.52 -33.21
C PRO G 69 -50.04 -45.71 -32.89
N SER G 70 -49.68 -46.71 -32.08
CA SER G 70 -48.28 -46.96 -31.78
C SER G 70 -47.47 -47.14 -33.06
N GLN G 71 -48.07 -47.78 -34.07
CA GLN G 71 -47.38 -48.01 -35.33
C GLN G 71 -46.86 -46.73 -35.97
N PHE G 72 -47.40 -45.57 -35.59
CA PHE G 72 -46.92 -44.32 -36.15
C PHE G 72 -45.44 -44.09 -35.84
N VAL G 73 -44.96 -44.60 -34.70
CA VAL G 73 -43.55 -44.48 -34.37
C VAL G 73 -42.70 -45.16 -35.45
N PHE G 74 -43.18 -46.29 -35.97
CA PHE G 74 -42.47 -46.98 -37.04
C PHE G 74 -42.42 -46.17 -38.33
N LEU G 75 -43.30 -45.19 -38.49
CA LEU G 75 -43.38 -44.41 -39.72
C LEU G 75 -42.76 -43.02 -39.58
N SER G 76 -41.99 -42.79 -38.51
CA SER G 76 -41.32 -41.52 -38.30
C SER G 76 -39.92 -41.54 -38.90
N SER G 77 -39.19 -40.45 -38.68
CA SER G 77 -37.80 -40.33 -39.13
C SER G 77 -36.90 -41.02 -38.10
N ALA G 78 -36.81 -42.35 -38.23
CA ALA G 78 -36.12 -43.14 -37.22
C ALA G 78 -35.44 -44.36 -37.86
N TRP G 79 -34.86 -44.18 -39.04
CA TRP G 79 -34.19 -45.28 -39.73
C TRP G 79 -32.88 -44.82 -40.33
N ALA G 80 -31.85 -45.65 -40.19
CA ALA G 80 -30.52 -45.35 -40.70
C ALA G 80 -29.94 -46.59 -41.37
N ASP G 81 -29.08 -46.36 -42.36
CA ASP G 81 -28.40 -47.47 -43.02
C ASP G 81 -27.42 -48.12 -42.05
N PRO G 82 -27.41 -49.46 -41.95
CA PRO G 82 -26.52 -50.10 -40.97
C PRO G 82 -25.04 -49.83 -41.20
N ILE G 83 -24.59 -49.92 -42.46
CA ILE G 83 -23.17 -49.71 -42.76
C ILE G 83 -22.78 -48.27 -42.46
N GLU G 84 -23.62 -47.31 -42.85
CA GLU G 84 -23.33 -45.91 -42.56
C GLU G 84 -23.24 -45.67 -41.05
N LEU G 85 -24.12 -46.30 -40.28
CA LEU G 85 -24.14 -46.09 -38.83
C LEU G 85 -22.90 -46.70 -38.17
N ILE G 86 -22.52 -47.91 -38.58
CA ILE G 86 -21.34 -48.53 -37.98
C ILE G 86 -20.06 -47.80 -38.41
N ASN G 87 -20.04 -47.26 -39.64
CA ASN G 87 -18.92 -46.43 -40.04
C ASN G 87 -18.86 -45.14 -39.23
N LEU G 88 -20.02 -44.57 -38.93
CA LEU G 88 -20.07 -43.38 -38.08
C LEU G 88 -19.49 -43.68 -36.71
N CYS G 89 -19.86 -44.83 -36.14
CA CYS G 89 -19.29 -45.22 -34.84
C CYS G 89 -17.77 -45.40 -34.93
N THR G 90 -17.31 -46.11 -35.97
CA THR G 90 -15.88 -46.34 -36.14
C THR G 90 -15.11 -45.02 -36.20
N ASN G 91 -15.57 -44.10 -37.04
CA ASN G 91 -14.87 -42.81 -37.18
C ASN G 91 -15.02 -41.95 -35.93
N ALA G 92 -16.14 -42.08 -35.20
CA ALA G 92 -16.33 -41.30 -33.99
C ALA G 92 -15.38 -41.73 -32.88
N LEU G 93 -15.07 -43.04 -32.81
CA LEU G 93 -14.14 -43.49 -31.77
C LEU G 93 -12.75 -42.85 -31.89
N GLY G 94 -12.42 -42.26 -33.03
CA GLY G 94 -11.13 -41.63 -33.20
C GLY G 94 -11.15 -40.11 -33.20
N ASN G 95 -11.88 -39.51 -32.26
CA ASN G 95 -12.02 -38.07 -32.16
C ASN G 95 -11.43 -37.56 -30.86
N GLN G 96 -11.14 -36.25 -30.84
CA GLN G 96 -10.63 -35.59 -29.64
C GLN G 96 -11.82 -35.06 -28.85
N PHE G 97 -12.43 -35.96 -28.06
CA PHE G 97 -13.59 -35.60 -27.26
C PHE G 97 -13.24 -34.77 -26.04
N GLN G 98 -11.96 -34.51 -25.79
CA GLN G 98 -11.60 -33.49 -24.80
C GLN G 98 -12.07 -32.12 -25.24
N THR G 99 -12.23 -31.92 -26.56
CA THR G 99 -12.73 -30.68 -27.12
C THR G 99 -14.25 -30.69 -27.20
N GLN G 100 -14.84 -29.50 -27.00
CA GLN G 100 -16.29 -29.36 -27.14
C GLN G 100 -16.73 -29.50 -28.60
N HIS G 101 -15.88 -29.07 -29.53
CA HIS G 101 -16.25 -29.07 -30.94
C HIS G 101 -16.56 -30.47 -31.45
N ALA G 102 -15.68 -31.43 -31.14
CA ALA G 102 -15.91 -32.81 -31.58
C ALA G 102 -17.17 -33.38 -30.95
N ARG G 103 -17.41 -33.09 -29.68
CA ARG G 103 -18.63 -33.56 -29.02
C ARG G 103 -19.86 -33.05 -29.74
N THR G 104 -19.93 -31.73 -29.99
CA THR G 104 -21.07 -31.16 -30.70
C THR G 104 -21.24 -31.79 -32.07
N VAL G 105 -20.15 -31.92 -32.82
CA VAL G 105 -20.24 -32.40 -34.19
C VAL G 105 -20.74 -33.84 -34.24
N VAL G 106 -20.13 -34.73 -33.44
CA VAL G 106 -20.54 -36.12 -33.50
C VAL G 106 -21.92 -36.32 -32.87
N GLN G 107 -22.31 -35.44 -31.94
CA GLN G 107 -23.68 -35.50 -31.44
C GLN G 107 -24.67 -35.18 -32.56
N ARG G 108 -24.41 -34.11 -33.31
CA ARG G 108 -25.26 -33.79 -34.45
C ARG G 108 -25.26 -34.91 -35.49
N GLN G 109 -24.11 -35.58 -35.66
CA GLN G 109 -24.03 -36.68 -36.61
C GLN G 109 -24.89 -37.87 -36.17
N PHE G 110 -24.82 -38.23 -34.88
CA PHE G 110 -25.65 -39.31 -34.38
C PHE G 110 -27.12 -38.92 -34.32
N SER G 111 -27.43 -37.62 -34.30
CA SER G 111 -28.83 -37.19 -34.28
C SER G 111 -29.43 -37.14 -35.69
N GLU G 112 -28.64 -36.75 -36.69
CA GLU G 112 -29.15 -36.57 -38.04
C GLU G 112 -29.12 -37.83 -38.89
N VAL G 113 -28.47 -38.90 -38.42
CA VAL G 113 -28.38 -40.13 -39.21
C VAL G 113 -29.73 -40.82 -39.35
N TRP G 114 -30.69 -40.49 -38.49
CA TRP G 114 -32.01 -41.14 -38.51
C TRP G 114 -32.93 -40.40 -39.47
N LYS G 115 -33.22 -41.02 -40.60
CA LYS G 115 -34.11 -40.50 -41.63
C LYS G 115 -35.32 -41.40 -41.75
N PRO G 116 -36.41 -40.92 -42.37
CA PRO G 116 -37.56 -41.79 -42.58
C PRO G 116 -37.39 -42.67 -43.81
N SER G 117 -37.94 -43.88 -43.72
CA SER G 117 -37.97 -44.78 -44.87
C SER G 117 -39.39 -45.32 -45.09
N PRO G 118 -40.01 -46.00 -44.13
CA PRO G 118 -41.39 -46.44 -44.33
C PRO G 118 -42.38 -45.34 -43.97
N GLN G 119 -43.39 -45.17 -44.82
CA GLN G 119 -44.45 -44.20 -44.60
C GLN G 119 -45.79 -44.87 -44.83
N VAL G 120 -46.88 -44.10 -44.63
CA VAL G 120 -48.22 -44.64 -44.78
C VAL G 120 -48.45 -45.10 -46.22
N THR G 121 -47.90 -44.36 -47.19
CA THR G 121 -48.06 -44.69 -48.60
C THR G 121 -46.77 -45.18 -49.24
N VAL G 122 -45.72 -45.42 -48.45
CA VAL G 122 -44.43 -45.85 -48.96
C VAL G 122 -44.03 -47.12 -48.21
N ARG G 123 -43.95 -48.24 -48.93
CA ARG G 123 -43.61 -49.50 -48.28
C ARG G 123 -42.12 -49.55 -47.94
N PHE G 124 -41.80 -50.34 -46.92
CA PHE G 124 -40.42 -50.59 -46.53
C PHE G 124 -39.62 -51.02 -47.75
N PRO G 125 -38.35 -50.59 -47.88
CA PRO G 125 -37.56 -50.96 -49.06
C PRO G 125 -37.51 -52.47 -49.28
N ASP G 126 -37.41 -52.85 -50.55
CA ASP G 126 -37.59 -54.23 -50.95
C ASP G 126 -36.50 -55.14 -50.39
N SER G 127 -35.24 -54.75 -50.54
CA SER G 127 -34.13 -55.61 -50.18
C SER G 127 -33.18 -55.03 -49.15
N ASP G 128 -33.20 -53.73 -48.92
CA ASP G 128 -32.26 -53.12 -47.99
C ASP G 128 -32.63 -53.42 -46.55
N PHE G 129 -31.68 -53.17 -45.66
CA PHE G 129 -31.88 -53.24 -44.22
C PHE G 129 -31.85 -51.84 -43.63
N LYS G 130 -32.55 -51.65 -42.53
CA LYS G 130 -32.60 -50.36 -41.85
C LYS G 130 -32.49 -50.56 -40.35
N VAL G 131 -31.95 -49.55 -39.68
CA VAL G 131 -31.74 -49.58 -38.23
C VAL G 131 -32.81 -48.72 -37.57
N TYR G 132 -33.51 -49.30 -36.60
CA TYR G 132 -34.66 -48.65 -35.96
C TYR G 132 -34.17 -47.85 -34.75
N ARG G 133 -34.39 -46.53 -34.78
CA ARG G 133 -33.96 -45.67 -33.69
C ARG G 133 -34.61 -46.06 -32.37
N TYR G 134 -35.85 -46.54 -32.40
CA TYR G 134 -36.60 -46.85 -31.19
C TYR G 134 -36.75 -48.36 -30.99
N ASN G 135 -35.78 -49.14 -31.48
CA ASN G 135 -35.73 -50.55 -31.14
C ASN G 135 -35.52 -50.71 -29.64
N ALA G 136 -36.13 -51.76 -29.07
CA ALA G 136 -36.15 -51.91 -27.62
C ALA G 136 -34.74 -51.96 -27.03
N VAL G 137 -33.77 -52.42 -27.81
CA VAL G 137 -32.39 -52.52 -27.33
C VAL G 137 -31.59 -51.28 -27.72
N LEU G 138 -31.76 -50.80 -28.96
CA LEU G 138 -30.96 -49.68 -29.44
C LEU G 138 -31.43 -48.35 -28.88
N ASP G 139 -32.70 -48.25 -28.49
CA ASP G 139 -33.22 -46.97 -27.99
C ASP G 139 -32.46 -46.48 -26.76
N PRO G 140 -32.28 -47.26 -25.70
CA PRO G 140 -31.53 -46.73 -24.55
C PRO G 140 -30.08 -46.43 -24.86
N LEU G 141 -29.45 -47.24 -25.73
CA LEU G 141 -28.05 -46.98 -26.08
C LEU G 141 -27.89 -45.67 -26.83
N VAL G 142 -28.75 -45.44 -27.83
CA VAL G 142 -28.68 -44.20 -28.59
C VAL G 142 -29.04 -43.00 -27.71
N THR G 143 -30.00 -43.18 -26.80
CA THR G 143 -30.37 -42.09 -25.89
C THR G 143 -29.21 -41.73 -24.97
N ALA G 144 -28.58 -42.75 -24.36
CA ALA G 144 -27.43 -42.50 -23.48
C ALA G 144 -26.26 -41.90 -24.25
N LEU G 145 -26.08 -42.32 -25.50
CA LEU G 145 -25.01 -41.75 -26.32
C LEU G 145 -25.25 -40.28 -26.58
N LEU G 146 -26.47 -39.93 -27.02
CA LEU G 146 -26.78 -38.52 -27.28
C LEU G 146 -26.71 -37.69 -26.01
N GLY G 147 -27.07 -38.27 -24.86
CA GLY G 147 -26.98 -37.55 -23.61
C GLY G 147 -25.57 -37.42 -23.06
N ALA G 148 -24.67 -38.31 -23.45
CA ALA G 148 -23.30 -38.26 -22.94
C ALA G 148 -22.55 -37.04 -23.49
N PHE G 149 -22.92 -36.57 -24.68
CA PHE G 149 -22.28 -35.39 -25.24
C PHE G 149 -22.68 -34.10 -24.55
N ASP G 150 -23.74 -34.12 -23.75
CA ASP G 150 -24.27 -32.91 -23.12
C ASP G 150 -23.46 -32.59 -21.86
N THR G 151 -22.23 -32.16 -22.09
CA THR G 151 -21.35 -31.72 -20.99
C THR G 151 -20.47 -30.61 -21.54
N ARG G 152 -20.64 -29.40 -21.02
CA ARG G 152 -19.88 -28.23 -21.45
C ARG G 152 -19.11 -27.64 -20.29
N ASN G 153 -18.26 -26.67 -20.62
CA ASN G 153 -17.45 -25.97 -19.63
C ASN G 153 -17.79 -24.48 -19.61
N ARG H 14 4.31 24.41 26.58
CA ARG H 14 3.99 24.28 28.00
C ARG H 14 5.02 25.01 28.87
N ARG H 15 6.15 25.36 28.26
CA ARG H 15 7.18 26.12 28.95
C ARG H 15 6.99 27.61 28.82
N VAL H 16 6.18 28.06 27.84
CA VAL H 16 5.93 29.48 27.69
C VAL H 16 5.15 30.02 28.88
N ASP H 17 4.26 29.22 29.45
CA ASP H 17 3.53 29.63 30.64
C ASP H 17 4.48 29.85 31.82
N ASP H 18 5.41 28.91 32.02
CA ASP H 18 6.39 29.07 33.08
C ASP H 18 7.28 30.29 32.84
N ALA H 19 7.67 30.52 31.58
CA ALA H 19 8.46 31.71 31.26
C ALA H 19 7.70 32.98 31.59
N THR H 20 6.41 33.03 31.23
CA THR H 20 5.59 34.21 31.54
C THR H 20 5.49 34.43 33.04
N VAL H 21 5.23 33.37 33.79
CA VAL H 21 5.08 33.50 35.24
C VAL H 21 6.39 33.97 35.86
N ALA H 22 7.52 33.42 35.42
CA ALA H 22 8.82 33.83 35.95
C ALA H 22 9.12 35.29 35.63
N ILE H 23 8.86 35.71 34.40
CA ILE H 23 9.07 37.11 34.01
C ILE H 23 8.23 38.03 34.88
N ARG H 24 6.95 37.71 35.05
CA ARG H 24 6.08 38.55 35.86
C ARG H 24 6.54 38.59 37.31
N SER H 25 7.00 37.45 37.85
CA SER H 25 7.49 37.43 39.23
C SER H 25 8.73 38.29 39.38
N ALA H 26 9.65 38.22 38.41
CA ALA H 26 10.87 39.02 38.50
C ALA H 26 10.54 40.51 38.41
N ILE H 27 9.62 40.88 37.52
CA ILE H 27 9.22 42.28 37.41
C ILE H 27 8.56 42.74 38.71
N ASN H 28 7.71 41.90 39.30
CA ASN H 28 7.03 42.26 40.53
C ASN H 28 8.01 42.44 41.68
N ASN H 29 9.03 41.58 41.77
CA ASN H 29 10.01 41.72 42.84
C ASN H 29 10.85 42.98 42.65
N LEU H 30 11.28 43.24 41.41
CA LEU H 30 12.01 44.47 41.15
C LEU H 30 11.16 45.69 41.48
N ILE H 31 9.86 45.64 41.18
CA ILE H 31 8.96 46.75 41.51
C ILE H 31 8.85 46.90 43.02
N VAL H 32 8.72 45.78 43.74
CA VAL H 32 8.62 45.83 45.20
C VAL H 32 9.83 46.55 45.79
N GLU H 33 11.03 46.23 45.29
CA GLU H 33 12.21 46.89 45.85
C GLU H 33 12.40 48.31 45.34
N LEU H 34 11.94 48.62 44.13
CA LEU H 34 12.05 49.98 43.61
C LEU H 34 11.06 50.91 44.30
N ILE H 35 9.92 50.39 44.75
CA ILE H 35 8.94 51.21 45.46
C ILE H 35 9.55 51.78 46.73
N ARG H 36 10.32 50.96 47.45
CA ARG H 36 11.01 51.41 48.65
C ARG H 36 12.14 52.40 48.35
N GLY H 37 12.49 52.60 47.07
CA GLY H 37 13.53 53.53 46.73
C GLY H 37 14.94 52.99 46.82
N THR H 38 15.11 51.71 47.12
CA THR H 38 16.43 51.13 47.32
C THR H 38 17.26 51.21 46.04
N GLY H 39 18.56 51.42 46.21
CA GLY H 39 19.45 51.55 45.08
C GLY H 39 19.46 52.90 44.40
N SER H 40 18.81 53.90 44.98
CA SER H 40 18.78 55.24 44.40
C SER H 40 19.72 56.14 45.18
N TYR H 41 20.58 56.86 44.46
CA TYR H 41 21.63 57.66 45.07
C TYR H 41 21.61 59.07 44.52
N ASN H 42 21.86 60.05 45.39
CA ASN H 42 22.20 61.40 44.98
C ASN H 42 23.71 61.56 45.09
N ARG H 43 24.21 62.78 44.89
CA ARG H 43 25.65 63.01 44.97
C ARG H 43 26.18 62.67 46.35
N SER H 44 25.47 63.08 47.39
CA SER H 44 25.92 62.82 48.77
C SER H 44 26.01 61.33 49.05
N SER H 45 24.91 60.60 48.81
CA SER H 45 24.88 59.18 49.14
C SER H 45 25.85 58.39 48.26
N PHE H 46 25.97 58.75 46.99
CA PHE H 46 26.92 58.07 46.10
C PHE H 46 28.35 58.27 46.60
N GLU H 47 28.76 59.53 46.79
CA GLU H 47 30.13 59.80 47.22
C GLU H 47 30.41 59.30 48.63
N SER H 48 29.36 59.08 49.44
CA SER H 48 29.57 58.54 50.78
C SER H 48 29.72 57.02 50.75
N SER H 49 28.85 56.33 50.02
CA SER H 49 28.86 54.87 50.04
C SER H 49 29.95 54.29 49.16
N SER H 50 30.38 55.00 48.12
CA SER H 50 31.44 54.53 47.25
C SER H 50 32.83 54.91 47.72
N GLY H 51 32.95 55.79 48.72
CA GLY H 51 34.23 56.24 49.20
C GLY H 51 34.98 57.15 48.25
N LEU H 52 34.40 57.50 47.11
CA LEU H 52 35.06 58.37 46.14
C LEU H 52 34.99 59.82 46.61
N VAL H 53 36.15 60.46 46.73
CA VAL H 53 36.26 61.85 47.18
C VAL H 53 36.58 62.71 45.96
N TRP H 54 35.81 63.78 45.79
CA TRP H 54 35.97 64.66 44.64
C TRP H 54 36.93 65.78 45.00
N THR H 55 38.07 65.83 44.30
CA THR H 55 39.04 66.90 44.46
C THR H 55 38.95 67.84 43.27
N SER H 56 38.90 69.14 43.55
CA SER H 56 38.69 70.17 42.53
C SER H 56 40.04 70.71 42.10
N GLY H 57 40.68 70.00 41.18
CA GLY H 57 41.93 70.42 40.60
C GLY H 57 41.77 71.69 39.82
N PRO H 58 42.88 72.30 39.40
CA PRO H 58 42.81 73.57 38.64
C PRO H 58 42.15 73.37 37.29
N ALA H 59 41.05 74.10 37.06
CA ALA H 59 40.50 75.02 38.05
C ALA H 59 38.98 74.89 38.12
N GLY H 60 38.34 74.72 36.97
CA GLY H 60 36.89 74.58 36.91
C GLY H 60 36.43 73.14 36.84
N GLU H 61 37.36 72.22 36.65
CA GLU H 61 37.04 70.79 36.61
C GLU H 61 37.48 70.12 37.90
N GLY H 62 37.80 68.83 37.82
CA GLY H 62 38.19 68.07 38.99
C GLY H 62 38.15 66.60 38.67
N SER H 63 38.32 65.80 39.72
CA SER H 63 38.35 64.35 39.53
C SER H 63 38.08 63.64 40.85
N TYR H 64 37.67 62.39 40.73
CA TYR H 64 37.49 61.53 41.89
C TYR H 64 38.82 60.85 42.22
N SER H 65 39.10 60.70 43.51
CA SER H 65 40.32 60.07 43.98
C SER H 65 40.04 58.60 44.21
N ILE H 66 40.61 57.74 43.37
CA ILE H 66 40.39 56.30 43.44
C ILE H 66 41.35 55.72 44.47
N THR H 67 40.80 55.06 45.49
CA THR H 67 41.58 54.46 46.56
C THR H 67 41.63 52.94 46.50
N THR H 68 40.61 52.32 45.93
CA THR H 68 40.57 50.89 45.68
C THR H 68 40.01 50.66 44.29
N PRO H 69 40.41 49.58 43.60
CA PRO H 69 39.94 49.36 42.23
C PRO H 69 38.47 48.99 42.14
N SER H 70 37.87 48.49 43.23
CA SER H 70 36.45 48.16 43.22
C SER H 70 35.60 49.36 42.79
N GLN H 71 36.01 50.55 43.21
CA GLN H 71 35.29 51.78 42.88
C GLN H 71 35.10 51.97 41.38
N PHE H 72 35.92 51.30 40.55
CA PHE H 72 35.74 51.42 39.11
C PHE H 72 34.36 50.96 38.67
N VAL H 73 33.78 49.99 39.38
CA VAL H 73 32.42 49.53 39.06
C VAL H 73 31.43 50.69 39.20
N PHE H 74 31.65 51.56 40.18
CA PHE H 74 30.78 52.72 40.37
C PHE H 74 30.84 53.68 39.19
N LEU H 75 31.89 53.63 38.38
CA LEU H 75 32.08 54.58 37.29
C LEU H 75 31.76 53.97 35.93
N SER H 76 31.10 52.82 35.90
CA SER H 76 30.74 52.15 34.66
C SER H 76 29.35 52.59 34.21
N SER H 77 28.87 51.97 33.12
CA SER H 77 27.53 52.22 32.60
C SER H 77 26.55 51.37 33.41
N ALA H 78 26.18 51.88 34.58
CA ALA H 78 25.38 51.11 35.53
C ALA H 78 24.47 52.03 36.33
N TRP H 79 23.90 53.05 35.68
CA TRP H 79 23.03 54.00 36.36
C TRP H 79 21.82 54.29 35.49
N ALA H 80 20.64 54.35 36.13
CA ALA H 80 19.40 54.57 35.41
C ALA H 80 18.55 55.59 36.15
N ASP H 81 17.74 56.32 35.39
CA ASP H 81 16.81 57.27 35.98
C ASP H 81 15.70 56.52 36.72
N PRO H 82 15.37 56.91 37.95
CA PRO H 82 14.34 56.15 38.70
C PRO H 82 12.98 56.17 38.03
N ILE H 83 12.53 57.33 37.55
CA ILE H 83 11.23 57.43 36.91
C ILE H 83 11.21 56.62 35.62
N GLU H 84 12.28 56.72 34.83
CA GLU H 84 12.35 55.94 33.60
C GLU H 84 12.30 54.45 33.89
N LEU H 85 12.98 54.00 34.95
CA LEU H 85 13.03 52.58 35.26
C LEU H 85 11.67 52.07 35.75
N ILE H 86 11.01 52.84 36.63
CA ILE H 86 9.71 52.39 37.13
C ILE H 86 8.66 52.46 36.03
N ASN H 87 8.75 53.43 35.13
CA ASN H 87 7.86 53.46 33.97
C ASN H 87 8.11 52.27 33.05
N LEU H 88 9.38 51.89 32.89
CA LEU H 88 9.71 50.70 32.11
C LEU H 88 9.07 49.46 32.72
N CYS H 89 9.12 49.34 34.05
CA CYS H 89 8.46 48.22 34.73
C CYS H 89 6.95 48.25 34.50
N THR H 90 6.34 49.43 34.67
CA THR H 90 4.90 49.57 34.48
C THR H 90 4.48 49.13 33.08
N ASN H 91 5.16 49.64 32.05
CA ASN H 91 4.80 49.28 30.69
C ASN H 91 5.14 47.83 30.37
N ALA H 92 6.17 47.28 31.01
CA ALA H 92 6.53 45.88 30.76
C ALA H 92 5.48 44.94 31.32
N LEU H 93 4.89 45.29 32.46
CA LEU H 93 3.86 44.41 33.04
C LEU H 93 2.65 44.25 32.13
N GLY H 94 2.48 45.11 31.13
CA GLY H 94 1.35 45.00 30.23
C GLY H 94 1.75 44.53 28.84
N ASN H 95 2.59 43.50 28.77
CA ASN H 95 3.08 42.96 27.51
C ASN H 95 2.63 41.53 27.32
N GLN H 96 2.65 41.08 26.07
CA GLN H 96 2.32 39.70 25.72
C GLN H 96 3.61 38.87 25.73
N PHE H 97 3.98 38.44 26.93
CA PHE H 97 5.20 37.66 27.12
C PHE H 97 5.07 36.22 26.65
N GLN H 98 3.89 35.80 26.20
CA GLN H 98 3.77 34.53 25.50
C GLN H 98 4.56 34.54 24.19
N THR H 99 4.76 35.73 23.61
CA THR H 99 5.53 35.88 22.39
C THR H 99 7.01 36.09 22.70
N GLN H 100 7.86 35.55 21.83
CA GLN H 100 9.30 35.74 21.96
C GLN H 100 9.70 37.18 21.69
N HIS H 101 9.00 37.85 20.79
CA HIS H 101 9.36 39.20 20.38
C HIS H 101 9.29 40.17 21.57
N ALA H 102 8.20 40.12 22.32
CA ALA H 102 8.06 41.01 23.48
C ALA H 102 9.14 40.74 24.51
N ARG H 103 9.46 39.46 24.73
CA ARG H 103 10.54 39.11 25.66
C ARG H 103 11.85 39.75 25.22
N THR H 104 12.21 39.58 23.95
CA THR H 104 13.44 40.17 23.43
C THR H 104 13.44 41.69 23.61
N VAL H 105 12.33 42.34 23.26
CA VAL H 105 12.28 43.80 23.28
C VAL H 105 12.43 44.33 24.70
N VAL H 106 11.63 43.81 25.63
CA VAL H 106 11.71 44.33 27.00
C VAL H 106 12.99 43.89 27.70
N GLN H 107 13.59 42.77 27.30
CA GLN H 107 14.90 42.41 27.83
C GLN H 107 15.94 43.44 27.39
N ARG H 108 15.93 43.81 26.11
CA ARG H 108 16.83 44.86 25.64
C ARG H 108 16.54 46.18 26.34
N GLN H 109 15.27 46.45 26.67
CA GLN H 109 14.94 47.68 27.36
C GLN H 109 15.51 47.69 28.78
N PHE H 110 15.38 46.58 29.51
CA PHE H 110 15.95 46.49 30.85
C PHE H 110 17.48 46.42 30.82
N SER H 111 18.07 46.01 29.70
CA SER H 111 19.52 45.94 29.62
C SER H 111 20.13 47.28 29.25
N GLU H 112 19.46 48.06 28.40
CA GLU H 112 20.00 49.32 27.91
C GLU H 112 19.67 50.51 28.80
N VAL H 113 18.79 50.35 29.78
CA VAL H 113 18.41 51.46 30.64
C VAL H 113 19.58 51.88 31.54
N TRP H 114 20.58 51.02 31.72
CA TRP H 114 21.71 51.32 32.58
C TRP H 114 22.76 52.08 31.78
N LYS H 115 22.90 53.37 32.07
CA LYS H 115 23.83 54.26 31.40
C LYS H 115 24.86 54.78 32.40
N PRO H 116 25.98 55.31 31.93
CA PRO H 116 26.95 55.90 32.86
C PRO H 116 26.56 57.32 33.25
N SER H 117 26.85 57.66 34.50
CA SER H 117 26.66 59.03 34.96
C SER H 117 27.92 59.54 35.65
N PRO H 118 28.42 58.92 36.72
CA PRO H 118 29.68 59.37 37.30
C PRO H 118 30.86 58.73 36.59
N GLN H 119 31.88 59.55 36.33
CA GLN H 119 33.10 59.09 35.69
C GLN H 119 34.29 59.62 36.49
N VAL H 120 35.50 59.25 36.05
CA VAL H 120 36.70 59.66 36.76
C VAL H 120 36.84 61.18 36.73
N THR H 121 36.46 61.80 35.62
CA THR H 121 36.55 63.25 35.45
C THR H 121 35.19 63.92 35.41
N VAL H 122 34.11 63.19 35.71
CA VAL H 122 32.76 63.72 35.66
C VAL H 122 32.10 63.41 37.00
N ARG H 123 31.80 64.45 37.77
CA ARG H 123 31.21 64.26 39.09
C ARG H 123 29.75 63.86 38.97
N PHE H 124 29.26 63.14 39.97
CA PHE H 124 27.86 62.77 40.06
C PHE H 124 26.99 64.02 39.90
N PRO H 125 25.85 63.92 39.20
CA PRO H 125 24.99 65.10 39.00
C PRO H 125 24.64 65.78 40.32
N ASP H 126 24.45 67.10 40.24
CA ASP H 126 24.33 67.92 41.44
C ASP H 126 23.08 67.58 42.23
N SER H 127 21.93 67.50 41.56
CA SER H 127 20.65 67.34 42.23
C SER H 127 19.87 66.09 41.82
N ASP H 128 20.20 65.47 40.69
CA ASP H 128 19.42 64.33 40.22
C ASP H 128 19.72 63.08 41.05
N PHE H 129 18.84 62.09 40.91
CA PHE H 129 19.02 60.79 41.51
C PHE H 129 19.25 59.75 40.42
N LYS H 130 19.98 58.68 40.77
CA LYS H 130 20.29 57.61 39.84
C LYS H 130 20.15 56.28 40.56
N VAL H 131 19.82 55.23 39.79
CA VAL H 131 19.64 53.88 40.31
C VAL H 131 20.87 53.06 39.97
N TYR H 132 21.47 52.44 40.99
CA TYR H 132 22.74 51.73 40.82
C TYR H 132 22.47 50.28 40.42
N ARG H 133 22.97 49.88 39.25
CA ARG H 133 22.75 48.53 38.74
C ARG H 133 23.29 47.46 39.69
N TYR H 134 24.38 47.75 40.38
CA TYR H 134 25.04 46.76 41.24
C TYR H 134 24.82 47.04 42.73
N ASN H 135 23.69 47.64 43.07
CA ASN H 135 23.28 47.71 44.46
C ASN H 135 23.07 46.30 45.00
N ALA H 136 23.41 46.10 46.27
CA ALA H 136 23.40 44.75 46.84
C ALA H 136 22.04 44.09 46.76
N VAL H 137 20.97 44.87 46.79
CA VAL H 137 19.62 44.32 46.73
C VAL H 137 19.10 44.26 45.30
N LEU H 138 19.35 45.30 44.51
CA LEU H 138 18.84 45.34 43.16
C LEU H 138 19.62 44.45 42.20
N ASP H 139 20.88 44.16 42.49
CA ASP H 139 21.69 43.34 41.59
C ASP H 139 21.07 41.96 41.34
N PRO H 140 20.74 41.15 42.35
CA PRO H 140 20.16 39.84 42.06
C PRO H 140 18.80 39.93 41.37
N LEU H 141 17.98 40.91 41.73
CA LEU H 141 16.66 41.05 41.12
C LEU H 141 16.78 41.40 39.64
N VAL H 142 17.64 42.37 39.30
CA VAL H 142 17.82 42.75 37.90
C VAL H 142 18.46 41.60 37.12
N THR H 143 19.39 40.87 37.74
CA THR H 143 19.99 39.73 37.06
C THR H 143 18.95 38.66 36.76
N ALA H 144 18.13 38.31 37.75
CA ALA H 144 17.08 37.32 37.55
C ALA H 144 16.07 37.80 36.51
N LEU H 145 15.77 39.10 36.50
CA LEU H 145 14.85 39.63 35.50
C LEU H 145 15.41 39.48 34.10
N LEU H 146 16.67 39.88 33.90
CA LEU H 146 17.29 39.73 32.59
C LEU H 146 17.39 38.27 32.18
N GLY H 147 17.60 37.37 33.14
CA GLY H 147 17.66 35.95 32.84
C GLY H 147 16.33 35.30 32.57
N ALA H 148 15.24 35.88 33.08
CA ALA H 148 13.92 35.28 32.88
C ALA H 148 13.48 35.37 31.43
N PHE H 149 13.94 36.38 30.70
CA PHE H 149 13.60 36.51 29.29
C PHE H 149 14.34 35.50 28.42
N ASP H 150 15.40 34.86 28.95
CA ASP H 150 16.22 33.95 28.17
C ASP H 150 15.55 32.57 28.16
N THR H 151 14.44 32.50 27.43
CA THR H 151 13.70 31.25 27.26
C THR H 151 13.05 31.25 25.89
N ARG H 152 13.44 30.30 25.04
CA ARG H 152 12.89 30.17 23.70
C ARG H 152 12.20 28.82 23.56
N ASN H 153 11.47 28.67 22.46
CA ASN H 153 10.75 27.43 22.19
C ASN H 153 11.19 26.79 20.88
N ARG I 14 16.60 20.66 25.12
CA ARG I 14 16.59 20.59 26.57
C ARG I 14 17.96 20.94 27.15
N ARG I 15 18.98 20.94 26.30
CA ARG I 15 20.32 21.33 26.71
C ARG I 15 20.57 22.82 26.58
N VAL I 16 19.76 23.53 25.78
CA VAL I 16 19.94 24.97 25.63
C VAL I 16 19.65 25.69 26.94
N ASP I 17 18.67 25.18 27.70
CA ASP I 17 18.37 25.78 29.00
C ASP I 17 19.54 25.63 29.97
N ASP I 18 20.12 24.42 30.02
CA ASP I 18 21.29 24.21 30.87
C ASP I 18 22.46 25.08 30.44
N ALA I 19 22.68 25.21 29.12
CA ALA I 19 23.74 26.07 28.63
C ALA I 19 23.52 27.52 29.05
N THR I 20 22.28 28.00 28.93
CA THR I 20 21.96 29.36 29.32
C THR I 20 22.21 29.57 30.81
N VAL I 21 21.75 28.64 31.64
CA VAL I 21 21.92 28.77 33.09
C VAL I 21 23.40 28.76 33.46
N ALA I 22 24.18 27.89 32.82
CA ALA I 22 25.61 27.84 33.10
C ALA I 22 26.31 29.14 32.70
N ILE I 23 25.96 29.67 31.53
CA ILE I 23 26.53 30.94 31.08
C ILE I 23 26.21 32.05 32.07
N ARG I 24 24.94 32.13 32.50
CA ARG I 24 24.54 33.17 33.44
C ARG I 24 25.27 33.02 34.77
N SER I 25 25.43 31.78 35.24
CA SER I 25 26.14 31.55 36.50
C SER I 25 27.60 31.98 36.39
N ALA I 26 28.24 31.66 35.27
CA ALA I 26 29.64 32.05 35.10
C ALA I 26 29.77 33.58 35.04
N ILE I 27 28.84 34.24 34.34
CA ILE I 27 28.88 35.71 34.28
C ILE I 27 28.67 36.30 35.66
N ASN I 28 27.74 35.73 36.44
CA ASN I 28 27.47 36.25 37.78
C ASN I 28 28.67 36.06 38.71
N ASN I 29 29.37 34.92 38.61
CA ASN I 29 30.54 34.71 39.44
C ASN I 29 31.67 35.67 39.06
N LEU I 30 31.90 35.84 37.76
CA LEU I 30 32.89 36.82 37.32
C LEU I 30 32.54 38.21 37.81
N ILE I 31 31.25 38.57 37.78
CA ILE I 31 30.81 39.87 38.26
C ILE I 31 31.05 40.00 39.77
N VAL I 32 30.75 38.93 40.52
CA VAL I 32 30.95 38.95 41.96
C VAL I 32 32.40 39.26 42.29
N GLU I 33 33.34 38.63 41.58
CA GLU I 33 34.74 38.90 41.88
C GLU I 33 35.23 40.23 41.29
N LEU I 34 34.65 40.69 40.19
CA LEU I 34 35.06 41.97 39.63
C LEU I 34 34.54 43.14 40.47
N ILE I 35 33.40 42.97 41.13
CA ILE I 35 32.85 44.03 41.97
C ILE I 35 33.81 44.36 43.10
N ARG I 36 34.41 43.34 43.71
CA ARG I 36 35.39 43.55 44.77
C ARG I 36 36.69 44.16 44.25
N GLY I 37 36.86 44.27 42.95
CA GLY I 37 38.06 44.84 42.38
C GLY I 37 39.23 43.89 42.28
N THR I 38 39.06 42.64 42.67
CA THR I 38 40.16 41.69 42.66
C THR I 38 40.65 41.44 41.24
N GLY I 39 41.95 41.21 41.11
CA GLY I 39 42.57 41.03 39.81
C GLY I 39 42.89 42.30 39.07
N SER I 40 42.76 43.46 39.72
CA SER I 40 43.08 44.75 39.12
C SER I 40 44.41 45.25 39.66
N TYR I 41 45.28 45.69 38.76
CA TYR I 41 46.63 46.10 39.13
C TYR I 41 46.92 47.51 38.62
N ASN I 42 47.62 48.28 39.44
CA ASN I 42 48.26 49.51 38.99
C ASN I 42 49.75 49.23 38.77
N ARG I 43 50.52 50.28 38.50
CA ARG I 43 51.95 50.09 38.27
C ARG I 43 52.64 49.49 39.49
N SER I 44 52.31 49.99 40.68
CA SER I 44 52.96 49.49 41.89
C SER I 44 52.67 48.02 42.12
N SER I 45 51.38 47.65 42.12
CA SER I 45 51.01 46.26 42.39
C SER I 45 51.50 45.33 41.30
N PHE I 46 51.45 45.77 40.04
CA PHE I 46 51.96 44.95 38.95
C PHE I 46 53.45 44.67 39.12
N GLU I 47 54.24 45.74 39.28
CA GLU I 47 55.69 45.57 39.41
C GLU I 47 56.07 44.87 40.70
N SER I 48 55.20 44.87 41.71
CA SER I 48 55.49 44.17 42.95
C SER I 48 55.19 42.69 42.86
N SER I 49 54.02 42.33 42.32
CA SER I 49 53.62 40.93 42.31
C SER I 49 54.28 40.14 41.20
N SER I 50 54.68 40.80 40.12
CA SER I 50 55.36 40.14 39.02
C SER I 50 56.88 40.10 39.20
N GLY I 51 57.42 40.83 40.17
CA GLY I 51 58.84 40.90 40.37
C GLY I 51 59.61 41.67 39.32
N LEU I 52 58.93 42.25 38.34
CA LEU I 52 59.58 42.99 37.27
C LEU I 52 59.99 44.36 37.78
N VAL I 53 61.28 44.67 37.69
CA VAL I 53 61.84 45.94 38.12
C VAL I 53 62.17 46.76 36.89
N TRP I 54 61.72 48.01 36.86
CA TRP I 54 61.90 48.88 35.71
C TRP I 54 63.20 49.66 35.88
N THR I 55 64.16 49.45 34.98
CA THR I 55 65.40 50.19 34.94
C THR I 55 65.34 51.17 33.77
N SER I 56 65.74 52.41 34.03
CA SER I 56 65.62 53.50 33.05
C SER I 56 66.95 53.61 32.29
N GLY I 57 67.09 52.76 31.28
CA GLY I 57 68.25 52.77 30.42
C GLY I 57 68.37 54.07 29.65
N PRO I 58 69.49 54.26 28.96
CA PRO I 58 69.71 55.52 28.22
C PRO I 58 68.73 55.66 27.07
N ALA I 59 67.95 56.74 27.09
CA ALA I 59 68.00 57.73 28.16
C ALA I 59 66.59 58.13 28.58
N GLY I 60 65.70 58.24 27.60
CA GLY I 60 64.32 58.60 27.87
C GLY I 60 63.40 57.39 27.92
N GLU I 61 63.93 56.23 27.52
CA GLU I 61 63.16 55.00 27.57
C GLU I 61 63.64 54.13 28.73
N GLY I 62 63.52 52.81 28.60
CA GLY I 62 63.90 51.91 29.67
C GLY I 62 63.36 50.53 29.38
N SER I 63 63.50 49.66 30.38
CA SER I 63 63.08 48.27 30.20
C SER I 63 62.91 47.60 31.55
N TYR I 64 62.13 46.51 31.54
CA TYR I 64 61.98 45.66 32.70
C TYR I 64 63.09 44.62 32.74
N SER I 65 63.55 44.30 33.94
CA SER I 65 64.60 43.31 34.13
C SER I 65 63.94 41.95 34.41
N ILE I 66 64.07 41.03 33.46
CA ILE I 66 63.44 39.72 33.56
C ILE I 66 64.36 38.80 34.36
N THR I 67 63.85 38.25 35.46
CA THR I 67 64.61 37.35 36.32
C THR I 67 64.16 35.90 36.22
N THR I 68 62.90 35.65 35.90
CA THR I 68 62.39 34.31 35.64
C THR I 68 61.46 34.37 34.44
N PRO I 69 61.36 33.29 33.67
CA PRO I 69 60.53 33.33 32.46
C PRO I 69 59.03 33.39 32.73
N SER I 70 58.59 33.01 33.93
CA SER I 70 57.17 33.10 34.27
C SER I 70 56.63 34.51 34.05
N GLN I 71 57.46 35.51 34.33
CA GLN I 71 57.07 36.91 34.17
C GLN I 71 56.58 37.23 32.76
N PHE I 72 56.93 36.41 31.77
CA PHE I 72 56.46 36.66 30.41
C PHE I 72 54.94 36.63 30.34
N VAL I 73 54.29 35.82 31.18
CA VAL I 73 52.82 35.80 31.20
C VAL I 73 52.29 37.18 31.57
N PHE I 74 52.97 37.88 32.48
CA PHE I 74 52.56 39.22 32.85
C PHE I 74 52.73 40.21 31.70
N LEU I 75 53.56 39.90 30.70
CA LEU I 75 53.83 40.80 29.60
C LEU I 75 53.13 40.39 28.32
N SER I 76 52.17 39.47 28.40
CA SER I 76 51.44 39.03 27.23
C SER I 76 50.17 39.86 27.04
N SER I 77 49.36 39.46 26.05
CA SER I 77 48.08 40.11 25.79
C SER I 77 47.05 39.53 26.76
N ALA I 78 47.07 40.05 27.98
CA ALA I 78 46.26 39.49 29.06
C ALA I 78 45.82 40.59 30.02
N TRP I 79 45.49 41.77 29.49
CA TRP I 79 45.07 42.89 30.31
C TRP I 79 43.90 43.58 29.67
N ALA I 80 42.91 43.96 30.49
CA ALA I 80 41.71 44.62 30.01
C ALA I 80 41.37 45.78 30.92
N ASP I 81 40.73 46.79 30.34
CA ASP I 81 40.28 47.93 31.12
C ASP I 81 39.15 47.50 32.04
N PRO I 82 39.17 47.87 33.32
CA PRO I 82 38.12 47.40 34.24
C PRO I 82 36.72 47.86 33.85
N ILE I 83 36.58 49.13 33.46
CA ILE I 83 35.26 49.65 33.10
C ILE I 83 34.73 48.94 31.85
N GLU I 84 35.59 48.73 30.85
CA GLU I 84 35.17 48.01 29.66
C GLU I 84 34.72 46.59 30.00
N LEU I 85 35.44 45.93 30.91
CA LEU I 85 35.10 44.55 31.25
C LEU I 85 33.79 44.47 32.02
N ILE I 86 33.57 45.37 32.97
CA ILE I 86 32.33 45.32 33.73
C ILE I 86 31.14 45.74 32.87
N ASN I 87 31.34 46.67 31.93
CA ASN I 87 30.27 46.99 30.99
C ASN I 87 29.99 45.82 30.07
N LEU I 88 31.03 45.09 29.67
CA LEU I 88 30.83 43.89 28.87
C LEU I 88 30.00 42.86 29.62
N CYS I 89 30.29 42.66 30.90
CA CYS I 89 29.50 41.74 31.72
C CYS I 89 28.04 42.20 31.81
N THR I 90 27.84 43.49 32.11
CA THR I 90 26.49 44.04 32.24
C THR I 90 25.69 43.82 30.96
N ASN I 91 26.27 44.19 29.82
CA ASN I 91 25.55 44.06 28.56
C ASN I 91 25.37 42.59 28.16
N ALA I 92 26.31 41.72 28.55
CA ALA I 92 26.18 40.31 28.24
C ALA I 92 25.03 39.68 29.01
N LEU I 93 24.78 40.12 30.25
CA LEU I 93 23.67 39.57 31.01
C LEU I 93 22.32 39.82 30.35
N GLY I 94 22.24 40.75 29.39
CA GLY I 94 20.98 41.02 28.72
C GLY I 94 20.91 40.51 27.30
N ASN I 95 21.36 39.28 27.05
CA ASN I 95 21.36 38.69 25.73
C ASN I 95 20.47 37.45 25.70
N GLN I 96 20.07 37.08 24.49
CA GLN I 96 19.26 35.88 24.27
C GLN I 96 20.20 34.70 24.01
N PHE I 97 20.68 34.12 25.11
CA PHE I 97 21.62 33.01 25.04
C PHE I 97 20.98 31.69 24.63
N GLN I 98 19.65 31.67 24.44
CA GLN I 98 19.03 30.51 23.80
C GLN I 98 19.53 30.34 22.38
N THR I 99 19.98 31.42 21.74
CA THR I 99 20.53 31.37 20.40
C THR I 99 22.02 31.10 20.43
N GLN I 100 22.49 30.36 19.42
CA GLN I 100 23.93 30.11 19.29
C GLN I 100 24.69 31.38 18.91
N HIS I 101 24.03 32.26 18.15
CA HIS I 101 24.69 33.47 17.66
C HIS I 101 25.15 34.36 18.81
N ALA I 102 24.27 34.61 19.78
CA ALA I 102 24.64 35.42 20.93
C ALA I 102 25.76 34.79 21.73
N ARG I 103 25.71 33.47 21.90
CA ARG I 103 26.79 32.78 22.62
C ARG I 103 28.13 32.99 21.94
N THR I 104 28.18 32.77 20.62
CA THR I 104 29.42 32.97 19.87
C THR I 104 29.91 34.40 19.99
N VAL I 105 29.00 35.37 19.84
CA VAL I 105 29.40 36.78 19.82
C VAL I 105 29.97 37.19 21.18
N VAL I 106 29.25 36.91 22.27
CA VAL I 106 29.74 37.32 23.57
C VAL I 106 30.95 36.50 24.02
N GLN I 107 31.10 35.27 23.52
CA GLN I 107 32.33 34.51 23.76
C GLN I 107 33.51 35.20 23.13
N ARG I 108 33.36 35.63 21.86
CA ARG I 108 34.43 36.37 21.22
C ARG I 108 34.70 37.69 21.92
N GLN I 109 33.65 38.32 22.48
CA GLN I 109 33.83 39.57 23.21
C GLN I 109 34.65 39.35 24.48
N PHE I 110 34.33 38.31 25.25
CA PHE I 110 35.10 38.00 26.44
C PHE I 110 36.49 37.48 26.12
N SER I 111 36.71 36.96 24.92
CA SER I 111 38.03 36.46 24.59
C SER I 111 38.95 37.57 24.07
N GLU I 112 38.40 38.52 23.31
CA GLU I 112 39.21 39.56 22.70
C GLU I 112 39.40 40.80 23.56
N VAL I 113 38.70 40.90 24.70
CA VAL I 113 38.83 42.07 25.56
C VAL I 113 40.20 42.15 26.21
N TRP I 114 40.95 41.04 26.24
CA TRP I 114 42.26 40.99 26.88
C TRP I 114 43.31 41.43 25.87
N LYS I 115 43.87 42.62 26.07
CA LYS I 115 44.88 43.21 25.21
C LYS I 115 46.18 43.39 25.98
N PRO I 116 47.30 43.59 25.29
CA PRO I 116 48.56 43.84 26.00
C PRO I 116 48.70 45.29 26.43
N SER I 117 49.32 45.48 27.59
CA SER I 117 49.66 46.81 28.06
C SER I 117 51.12 46.87 28.51
N PRO I 118 51.57 46.05 29.46
CA PRO I 118 52.99 46.06 29.81
C PRO I 118 53.80 45.16 28.89
N GLN I 119 54.95 45.66 28.46
CA GLN I 119 55.88 44.90 27.64
C GLN I 119 57.28 45.07 28.19
N VAL I 120 58.25 44.40 27.55
CA VAL I 120 59.63 44.46 28.01
C VAL I 120 60.17 45.88 27.90
N THR I 121 59.77 46.60 26.85
CA THR I 121 60.24 47.96 26.62
C THR I 121 59.14 48.99 26.84
N VAL I 122 57.98 48.59 27.36
CA VAL I 122 56.85 49.49 27.61
C VAL I 122 56.43 49.29 29.05
N ARG I 123 56.61 50.33 29.88
CA ARG I 123 56.28 50.21 31.28
C ARG I 123 54.77 50.24 31.49
N PHE I 124 54.32 49.60 32.56
CA PHE I 124 52.92 49.65 32.96
C PHE I 124 52.45 51.10 33.05
N PRO I 125 51.22 51.40 32.63
CA PRO I 125 50.74 52.79 32.69
C PRO I 125 50.88 53.39 34.08
N ASP I 126 51.08 54.72 34.10
CA ASP I 126 51.47 55.38 35.34
C ASP I 126 50.37 55.33 36.39
N SER I 127 49.12 55.64 36.01
CA SER I 127 48.04 55.75 36.96
C SER I 127 46.86 54.84 36.70
N ASP I 128 46.72 54.28 35.50
CA ASP I 128 45.55 53.48 35.18
C ASP I 128 45.63 52.11 35.87
N PHE I 129 44.48 51.44 35.90
CA PHE I 129 44.37 50.07 36.38
C PHE I 129 44.06 49.14 35.22
N LYS I 130 44.50 47.88 35.36
CA LYS I 130 44.27 46.87 34.34
C LYS I 130 43.89 45.56 35.03
N VAL I 131 43.14 44.73 34.32
CA VAL I 131 42.65 43.46 34.84
C VAL I 131 43.50 42.33 34.27
N TYR I 132 44.04 41.50 35.16
CA TYR I 132 44.97 40.44 34.77
C TYR I 132 44.19 39.18 34.44
N ARG I 133 44.33 38.72 33.18
CA ARG I 133 43.61 37.53 32.74
C ARG I 133 43.96 36.30 33.56
N TYR I 134 45.20 36.20 34.03
CA TYR I 134 45.68 35.03 34.74
C TYR I 134 45.90 35.30 36.23
N ASN I 135 45.12 36.22 36.80
CA ASN I 135 45.10 36.39 38.24
C ASN I 135 44.60 35.11 38.90
N ALA I 136 45.17 34.79 40.08
CA ALA I 136 44.90 33.51 40.72
C ALA I 136 43.42 33.30 40.99
N VAL I 137 42.67 34.38 41.19
CA VAL I 137 41.24 34.26 41.48
C VAL I 137 40.40 34.37 40.21
N LEU I 138 40.74 35.30 39.32
CA LEU I 138 39.93 35.53 38.12
C LEU I 138 40.17 34.48 37.04
N ASP I 139 41.33 33.81 37.04
CA ASP I 139 41.62 32.85 35.99
C ASP I 139 40.59 31.73 35.88
N PRO I 140 40.23 31.02 36.95
CA PRO I 140 39.22 29.96 36.79
C PRO I 140 37.86 30.49 36.39
N LEU I 141 37.47 31.66 36.89
CA LEU I 141 36.16 32.21 36.53
C LEU I 141 36.10 32.58 35.06
N VAL I 142 37.15 33.25 34.55
CA VAL I 142 37.15 33.63 33.13
C VAL I 142 37.25 32.38 32.25
N THR I 143 38.00 31.37 32.69
CA THR I 143 38.10 30.13 31.92
C THR I 143 36.75 29.43 31.84
N ALA I 144 36.07 29.31 32.99
CA ALA I 144 34.76 28.66 33.02
C ALA I 144 33.75 29.46 32.20
N LEU I 145 33.85 30.79 32.22
CA LEU I 145 32.95 31.61 31.42
C LEU I 145 33.16 31.36 29.94
N LEU I 146 34.42 31.39 29.48
CA LEU I 146 34.71 31.14 28.07
C LEU I 146 34.30 29.73 27.66
N GLY I 147 34.43 28.76 28.58
CA GLY I 147 34.01 27.40 28.28
C GLY I 147 32.52 27.19 28.29
N ALA I 148 31.77 28.02 29.01
CA ALA I 148 30.33 27.84 29.09
C ALA I 148 29.65 28.13 27.75
N PHE I 149 30.24 29.01 26.93
CA PHE I 149 29.64 29.30 25.63
C PHE I 149 29.83 28.15 24.63
N ASP I 150 30.72 27.21 24.92
CA ASP I 150 31.02 26.12 23.99
C ASP I 150 29.98 25.00 24.16
N THR I 151 28.78 25.30 23.71
CA THR I 151 27.68 24.33 23.73
C THR I 151 26.79 24.61 22.52
N ARG I 152 26.73 23.64 21.61
CA ARG I 152 25.94 23.77 20.40
C ARG I 152 24.85 22.70 20.36
N ASN I 153 23.93 22.85 19.42
CA ASN I 153 22.84 21.90 19.26
C ASN I 153 22.85 21.25 17.87
N ARG J 14 -35.66 -6.66 0.68
CA ARG J 14 -36.28 -7.73 1.47
C ARG J 14 -37.61 -7.27 2.05
N ARG J 15 -37.85 -5.96 2.05
CA ARG J 15 -39.11 -5.40 2.51
C ARG J 15 -40.13 -5.26 1.40
N VAL J 16 -39.70 -5.28 0.14
CA VAL J 16 -40.62 -5.15 -0.98
C VAL J 16 -41.53 -6.37 -1.06
N ASP J 17 -41.02 -7.55 -0.70
CA ASP J 17 -41.86 -8.75 -0.67
C ASP J 17 -42.98 -8.60 0.34
N ASP J 18 -42.65 -8.12 1.55
CA ASP J 18 -43.68 -7.88 2.56
C ASP J 18 -44.69 -6.85 2.09
N ALA J 19 -44.20 -5.78 1.44
CA ALA J 19 -45.11 -4.77 0.91
C ALA J 19 -46.05 -5.37 -0.13
N THR J 20 -45.52 -6.21 -1.03
CA THR J 20 -46.34 -6.85 -2.04
C THR J 20 -47.41 -7.74 -1.39
N VAL J 21 -47.01 -8.55 -0.42
CA VAL J 21 -47.96 -9.46 0.23
C VAL J 21 -49.05 -8.67 0.94
N ALA J 22 -48.67 -7.58 1.63
CA ALA J 22 -49.67 -6.77 2.32
C ALA J 22 -50.64 -6.13 1.34
N ILE J 23 -50.12 -5.61 0.22
CA ILE J 23 -50.97 -5.03 -0.81
C ILE J 23 -51.97 -6.06 -1.32
N ARG J 24 -51.48 -7.26 -1.65
CA ARG J 24 -52.36 -8.30 -2.17
C ARG J 24 -53.42 -8.69 -1.15
N SER J 25 -53.04 -8.80 0.13
CA SER J 25 -54.03 -9.15 1.15
C SER J 25 -55.10 -8.06 1.28
N ALA J 26 -54.68 -6.79 1.26
CA ALA J 26 -55.66 -5.71 1.36
C ALA J 26 -56.60 -5.70 0.16
N ILE J 27 -56.05 -5.93 -1.03
CA ILE J 27 -56.90 -5.97 -2.23
C ILE J 27 -57.89 -7.12 -2.13
N ASN J 28 -57.42 -8.28 -1.64
CA ASN J 28 -58.31 -9.44 -1.53
C ASN J 28 -59.42 -9.19 -0.52
N ASN J 29 -59.11 -8.53 0.60
CA ASN J 29 -60.15 -8.24 1.59
C ASN J 29 -61.17 -7.26 1.03
N LEU J 30 -60.70 -6.20 0.37
CA LEU J 30 -61.62 -5.26 -0.27
C LEU J 30 -62.50 -5.96 -1.31
N ILE J 31 -61.91 -6.87 -2.09
CA ILE J 31 -62.69 -7.61 -3.10
C ILE J 31 -63.74 -8.49 -2.43
N VAL J 32 -63.35 -9.18 -1.36
CA VAL J 32 -64.30 -10.06 -0.66
C VAL J 32 -65.50 -9.26 -0.17
N GLU J 33 -65.26 -8.08 0.41
CA GLU J 33 -66.40 -7.32 0.91
C GLU J 33 -67.19 -6.64 -0.22
N LEU J 34 -66.53 -6.29 -1.32
CA LEU J 34 -67.26 -5.69 -2.45
C LEU J 34 -68.11 -6.70 -3.19
N ILE J 35 -67.70 -7.97 -3.20
CA ILE J 35 -68.46 -8.99 -3.91
C ILE J 35 -69.87 -9.13 -3.34
N ARG J 36 -69.98 -9.16 -2.00
CA ARG J 36 -71.30 -9.23 -1.38
C ARG J 36 -72.09 -7.94 -1.51
N GLY J 37 -71.49 -6.88 -2.06
CA GLY J 37 -72.20 -5.64 -2.23
C GLY J 37 -72.25 -4.74 -1.01
N THR J 38 -71.59 -5.12 0.08
CA THR J 38 -71.63 -4.30 1.29
C THR J 38 -71.01 -2.94 1.02
N GLY J 39 -71.55 -1.91 1.64
CA GLY J 39 -71.09 -0.56 1.38
C GLY J 39 -71.65 0.07 0.14
N SER J 40 -72.63 -0.55 -0.50
CA SER J 40 -73.26 -0.02 -1.70
C SER J 40 -74.63 0.55 -1.34
N TYR J 41 -74.92 1.76 -1.81
CA TYR J 41 -76.14 2.46 -1.46
C TYR J 41 -76.87 2.90 -2.73
N ASN J 42 -78.19 2.78 -2.70
CA ASN J 42 -79.06 3.44 -3.66
C ASN J 42 -79.66 4.67 -3.00
N ARG J 43 -80.60 5.33 -3.68
CA ARG J 43 -81.23 6.52 -3.12
C ARG J 43 -81.95 6.20 -1.82
N SER J 44 -82.67 5.07 -1.79
CA SER J 44 -83.43 4.70 -0.60
C SER J 44 -82.51 4.50 0.59
N SER J 45 -81.50 3.63 0.44
CA SER J 45 -80.62 3.32 1.57
C SER J 45 -79.79 4.52 1.98
N PHE J 46 -79.34 5.34 1.01
CA PHE J 46 -78.59 6.54 1.34
C PHE J 46 -79.44 7.51 2.16
N GLU J 47 -80.61 7.87 1.65
CA GLU J 47 -81.46 8.82 2.35
C GLU J 47 -82.03 8.26 3.64
N SER J 48 -82.08 6.94 3.79
CA SER J 48 -82.56 6.35 5.04
C SER J 48 -81.48 6.33 6.12
N SER J 49 -80.27 5.87 5.76
CA SER J 49 -79.21 5.72 6.74
C SER J 49 -78.52 7.04 7.08
N SER J 50 -78.54 8.02 6.18
CA SER J 50 -77.93 9.31 6.45
C SER J 50 -78.87 10.30 7.13
N GLY J 51 -80.16 9.97 7.20
CA GLY J 51 -81.13 10.88 7.77
C GLY J 51 -81.43 12.11 6.94
N LEU J 52 -80.84 12.22 5.75
CA LEU J 52 -81.07 13.37 4.89
C LEU J 52 -82.42 13.21 4.19
N VAL J 53 -83.30 14.19 4.36
CA VAL J 53 -84.63 14.18 3.77
C VAL J 53 -84.66 15.18 2.63
N TRP J 54 -85.13 14.73 1.46
CA TRP J 54 -85.16 15.56 0.27
C TRP J 54 -86.50 16.29 0.17
N THR J 55 -86.44 17.61 0.21
CA THR J 55 -87.62 18.46 0.00
C THR J 55 -87.52 19.10 -1.38
N SER J 56 -88.62 19.04 -2.13
CA SER J 56 -88.65 19.51 -3.52
C SER J 56 -89.15 20.95 -3.52
N GLY J 57 -88.22 21.87 -3.25
CA GLY J 57 -88.52 23.28 -3.27
C GLY J 57 -88.91 23.78 -4.65
N PRO J 58 -89.38 25.02 -4.73
CA PRO J 58 -89.81 25.58 -6.02
C PRO J 58 -88.63 25.74 -6.96
N ALA J 59 -88.71 25.09 -8.13
CA ALA J 59 -89.84 24.24 -8.48
C ALA J 59 -89.33 22.92 -9.07
N GLY J 60 -88.27 23.01 -9.86
CA GLY J 60 -87.68 21.84 -10.46
C GLY J 60 -86.47 21.31 -9.72
N GLU J 61 -85.98 22.09 -8.74
CA GLU J 61 -84.87 21.64 -7.93
C GLU J 61 -85.34 21.22 -6.54
N GLY J 62 -84.47 21.35 -5.55
CA GLY J 62 -84.78 20.93 -4.20
C GLY J 62 -83.52 20.89 -3.37
N SER J 63 -83.65 20.33 -2.17
CA SER J 63 -82.50 20.29 -1.29
C SER J 63 -82.71 19.25 -0.20
N TYR J 64 -81.59 18.82 0.38
CA TYR J 64 -81.60 17.95 1.54
C TYR J 64 -81.65 18.79 2.82
N SER J 65 -82.39 18.29 3.81
CA SER J 65 -82.52 18.98 5.09
C SER J 65 -81.48 18.42 6.05
N ILE J 66 -80.50 19.24 6.39
CA ILE J 66 -79.40 18.83 7.26
C ILE J 66 -79.84 18.99 8.70
N THR J 67 -79.78 17.91 9.46
CA THR J 67 -80.17 17.90 10.87
C THR J 67 -78.99 17.80 11.82
N THR J 68 -77.91 17.17 11.40
CA THR J 68 -76.66 17.11 12.16
C THR J 68 -75.50 17.32 11.20
N PRO J 69 -74.39 17.88 11.67
CA PRO J 69 -73.26 18.14 10.76
C PRO J 69 -72.55 16.88 10.29
N SER J 70 -72.71 15.76 11.00
CA SER J 70 -72.10 14.51 10.56
C SER J 70 -72.53 14.16 9.14
N GLN J 71 -73.77 14.47 8.79
CA GLN J 71 -74.29 14.19 7.45
C GLN J 71 -73.44 14.80 6.35
N PHE J 72 -72.61 15.81 6.66
CA PHE J 72 -71.75 16.39 5.63
C PHE J 72 -70.82 15.34 5.04
N VAL J 73 -70.42 14.35 5.83
CA VAL J 73 -69.58 13.28 5.29
C VAL J 73 -70.28 12.55 4.15
N PHE J 74 -71.60 12.36 4.28
CA PHE J 74 -72.36 11.72 3.22
C PHE J 74 -72.39 12.55 1.95
N LEU J 75 -72.12 13.86 2.03
CA LEU J 75 -72.20 14.76 0.90
C LEU J 75 -70.83 15.14 0.34
N SER J 76 -69.78 14.44 0.77
CA SER J 76 -68.43 14.73 0.31
C SER J 76 -68.08 13.89 -0.92
N SER J 77 -66.83 14.02 -1.36
CA SER J 77 -66.30 13.24 -2.48
C SER J 77 -65.88 11.88 -1.95
N ALA J 78 -66.87 10.99 -1.79
CA ALA J 78 -66.63 9.70 -1.14
C ALA J 78 -67.53 8.63 -1.74
N TRP J 79 -67.73 8.67 -3.05
CA TRP J 79 -68.60 7.72 -3.72
C TRP J 79 -67.96 7.25 -5.02
N ALA J 80 -68.06 5.95 -5.29
CA ALA J 80 -67.49 5.36 -6.49
C ALA J 80 -68.50 4.39 -7.11
N ASP J 81 -68.43 4.27 -8.43
CA ASP J 81 -69.29 3.32 -9.13
C ASP J 81 -68.87 1.90 -8.78
N PRO J 82 -69.80 1.00 -8.45
CA PRO J 82 -69.40 -0.36 -8.06
C PRO J 82 -68.65 -1.12 -9.14
N ILE J 83 -69.11 -1.05 -10.39
CA ILE J 83 -68.46 -1.77 -11.47
C ILE J 83 -67.06 -1.21 -11.70
N GLU J 84 -66.91 0.11 -11.70
CA GLU J 84 -65.59 0.72 -11.88
C GLU J 84 -64.65 0.30 -10.77
N LEU J 85 -65.15 0.23 -9.53
CA LEU J 85 -64.29 -0.11 -8.40
C LEU J 85 -63.86 -1.57 -8.45
N ILE J 86 -64.79 -2.47 -8.77
CA ILE J 86 -64.43 -3.89 -8.82
C ILE J 86 -63.53 -4.16 -10.02
N ASN J 87 -63.71 -3.44 -11.13
CA ASN J 87 -62.78 -3.56 -12.25
C ASN J 87 -61.40 -3.04 -11.87
N LEU J 88 -61.35 -1.96 -11.09
CA LEU J 88 -60.07 -1.45 -10.61
C LEU J 88 -59.37 -2.50 -9.76
N CYS J 89 -60.11 -3.17 -8.89
CA CYS J 89 -59.53 -4.25 -8.08
C CYS J 89 -59.01 -5.38 -8.97
N THR J 90 -59.83 -5.81 -9.93
CA THR J 90 -59.42 -6.88 -10.83
C THR J 90 -58.13 -6.54 -11.56
N ASN J 91 -58.06 -5.34 -12.15
CA ASN J 91 -56.86 -4.96 -12.89
C ASN J 91 -55.66 -4.72 -11.96
N ALA J 92 -55.92 -4.27 -10.72
CA ALA J 92 -54.83 -4.04 -9.79
C ALA J 92 -54.20 -5.36 -9.35
N LEU J 93 -55.00 -6.42 -9.21
CA LEU J 93 -54.43 -7.70 -8.82
C LEU J 93 -53.40 -8.24 -9.82
N GLY J 94 -53.36 -7.69 -11.03
CA GLY J 94 -52.41 -8.13 -12.03
C GLY J 94 -51.30 -7.14 -12.30
N ASN J 95 -50.71 -6.58 -11.24
CA ASN J 95 -49.64 -5.61 -11.37
C ASN J 95 -48.36 -6.12 -10.75
N GLN J 96 -47.24 -5.51 -11.15
CA GLN J 96 -45.92 -5.84 -10.61
C GLN J 96 -45.66 -4.93 -9.41
N PHE J 97 -46.19 -5.34 -8.25
CA PHE J 97 -46.05 -4.55 -7.04
C PHE J 97 -44.65 -4.62 -6.44
N GLN J 98 -43.75 -5.43 -7.02
CA GLN J 98 -42.34 -5.32 -6.68
C GLN J 98 -41.76 -3.98 -7.08
N THR J 99 -42.37 -3.32 -8.06
CA THR J 99 -41.94 -2.00 -8.50
C THR J 99 -42.62 -0.91 -7.69
N GLN J 100 -41.88 0.18 -7.43
CA GLN J 100 -42.47 1.32 -6.74
C GLN J 100 -43.49 2.03 -7.62
N HIS J 101 -43.28 2.01 -8.94
CA HIS J 101 -44.16 2.72 -9.86
C HIS J 101 -45.58 2.19 -9.79
N ALA J 102 -45.73 0.86 -9.83
CA ALA J 102 -47.06 0.27 -9.78
C ALA J 102 -47.74 0.59 -8.45
N ARG J 103 -46.99 0.56 -7.35
CA ARG J 103 -47.56 0.89 -6.05
C ARG J 103 -48.11 2.32 -6.04
N THR J 104 -47.29 3.28 -6.48
CA THR J 104 -47.73 4.67 -6.53
C THR J 104 -48.95 4.84 -7.42
N VAL J 105 -48.92 4.24 -8.60
CA VAL J 105 -50.00 4.43 -9.57
C VAL J 105 -51.31 3.87 -9.06
N VAL J 106 -51.30 2.61 -8.59
CA VAL J 106 -52.55 2.01 -8.15
C VAL J 106 -53.02 2.61 -6.83
N GLN J 107 -52.10 3.15 -6.02
CA GLN J 107 -52.52 3.89 -4.84
C GLN J 107 -53.29 5.14 -5.24
N ARG J 108 -52.74 5.89 -6.21
CA ARG J 108 -53.45 7.05 -6.73
C ARG J 108 -54.79 6.66 -7.35
N GLN J 109 -54.85 5.49 -7.98
CA GLN J 109 -56.09 5.03 -8.60
C GLN J 109 -57.15 4.72 -7.55
N PHE J 110 -56.76 4.03 -6.47
CA PHE J 110 -57.71 3.75 -5.39
C PHE J 110 -58.06 5.00 -4.60
N SER J 111 -57.22 6.04 -4.66
CA SER J 111 -57.53 7.28 -3.95
C SER J 111 -58.45 8.18 -4.75
N GLU J 112 -58.30 8.21 -6.07
CA GLU J 112 -59.07 9.12 -6.92
C GLU J 112 -60.39 8.54 -7.38
N VAL J 113 -60.65 7.25 -7.15
CA VAL J 113 -61.91 6.65 -7.60
C VAL J 113 -63.10 7.20 -6.82
N TRP J 114 -62.86 7.83 -5.69
CA TRP J 114 -63.94 8.35 -4.84
C TRP J 114 -64.29 9.76 -5.31
N LYS J 115 -65.45 9.90 -5.93
CA LYS J 115 -65.97 11.16 -6.44
C LYS J 115 -67.26 11.52 -5.72
N PRO J 116 -67.67 12.79 -5.77
CA PRO J 116 -68.95 13.17 -5.15
C PRO J 116 -70.13 12.86 -6.06
N SER J 117 -71.25 12.48 -5.42
CA SER J 117 -72.50 12.31 -6.16
C SER J 117 -73.65 13.03 -5.47
N PRO J 118 -73.95 12.75 -4.20
CA PRO J 118 -75.01 13.53 -3.52
C PRO J 118 -74.46 14.82 -2.94
N GLN J 119 -75.22 15.89 -3.12
CA GLN J 119 -74.89 17.20 -2.58
C GLN J 119 -76.11 17.80 -1.89
N VAL J 120 -75.94 18.99 -1.32
CA VAL J 120 -77.03 19.64 -0.61
C VAL J 120 -78.16 19.97 -1.58
N THR J 121 -77.82 20.36 -2.81
CA THR J 121 -78.80 20.70 -3.82
C THR J 121 -78.87 19.66 -4.93
N VAL J 122 -78.20 18.53 -4.78
CA VAL J 122 -78.16 17.47 -5.78
C VAL J 122 -78.56 16.18 -5.08
N ARG J 123 -79.72 15.64 -5.46
CA ARG J 123 -80.21 14.42 -4.83
C ARG J 123 -79.42 13.22 -5.32
N PHE J 124 -79.37 12.18 -4.49
CA PHE J 124 -78.75 10.92 -4.89
C PHE J 124 -79.33 10.46 -6.22
N PRO J 125 -78.51 9.88 -7.10
CA PRO J 125 -79.00 9.46 -8.42
C PRO J 125 -80.23 8.57 -8.32
N ASP J 126 -81.10 8.65 -9.34
CA ASP J 126 -82.42 8.06 -9.27
C ASP J 126 -82.35 6.54 -9.19
N SER J 127 -81.56 5.90 -10.05
CA SER J 127 -81.55 4.45 -10.15
C SER J 127 -80.19 3.80 -9.92
N ASP J 128 -79.09 4.57 -10.00
CA ASP J 128 -77.77 3.99 -9.88
C ASP J 128 -77.46 3.63 -8.42
N PHE J 129 -76.40 2.83 -8.26
CA PHE J 129 -75.85 2.49 -6.96
C PHE J 129 -74.48 3.14 -6.82
N LYS J 130 -74.10 3.40 -5.56
CA LYS J 130 -72.81 4.02 -5.26
C LYS J 130 -72.18 3.33 -4.07
N VAL J 131 -70.85 3.36 -4.02
CA VAL J 131 -70.07 2.73 -2.95
C VAL J 131 -69.58 3.83 -2.02
N TYR J 132 -69.86 3.67 -0.73
CA TYR J 132 -69.58 4.70 0.26
C TYR J 132 -68.18 4.48 0.83
N ARG J 133 -67.31 5.48 0.65
CA ARG J 133 -65.94 5.38 1.13
C ARG J 133 -65.88 5.16 2.64
N TYR J 134 -66.82 5.75 3.38
CA TYR J 134 -66.80 5.69 4.84
C TYR J 134 -67.89 4.79 5.40
N ASN J 135 -68.29 3.77 4.64
CA ASN J 135 -69.12 2.71 5.19
C ASN J 135 -68.38 2.00 6.31
N ALA J 136 -69.12 1.58 7.34
CA ALA J 136 -68.50 1.05 8.55
C ALA J 136 -67.61 -0.16 8.26
N VAL J 137 -67.90 -0.93 7.22
CA VAL J 137 -67.10 -2.10 6.91
C VAL J 137 -66.01 -1.78 5.88
N LEU J 138 -66.34 -1.01 4.84
CA LEU J 138 -65.38 -0.72 3.79
C LEU J 138 -64.34 0.31 4.19
N ASP J 139 -64.65 1.19 5.14
CA ASP J 139 -63.70 2.23 5.54
C ASP J 139 -62.38 1.64 6.02
N PRO J 140 -62.34 0.71 6.98
CA PRO J 140 -61.03 0.17 7.40
C PRO J 140 -60.32 -0.58 6.29
N LEU J 141 -61.06 -1.29 5.43
CA LEU J 141 -60.41 -2.03 4.35
C LEU J 141 -59.75 -1.09 3.35
N VAL J 142 -60.45 -0.03 2.96
CA VAL J 142 -59.87 0.93 2.02
C VAL J 142 -58.70 1.67 2.67
N THR J 143 -58.81 1.97 3.96
CA THR J 143 -57.70 2.63 4.66
C THR J 143 -56.46 1.75 4.69
N ALA J 144 -56.63 0.48 5.06
CA ALA J 144 -55.51 -0.45 5.08
C ALA J 144 -54.94 -0.67 3.70
N LEU J 145 -55.80 -0.68 2.67
CA LEU J 145 -55.33 -0.84 1.30
C LEU J 145 -54.45 0.34 0.90
N LEU J 146 -54.95 1.57 1.13
CA LEU J 146 -54.16 2.75 0.79
C LEU J 146 -52.86 2.81 1.59
N GLY J 147 -52.88 2.32 2.84
CA GLY J 147 -51.68 2.30 3.64
C GLY J 147 -50.68 1.23 3.26
N ALA J 148 -51.14 0.14 2.61
CA ALA J 148 -50.23 -0.94 2.24
C ALA J 148 -49.27 -0.50 1.14
N PHE J 149 -49.66 0.45 0.30
CA PHE J 149 -48.80 0.95 -0.75
C PHE J 149 -47.67 1.84 -0.23
N ASP J 150 -47.76 2.29 1.03
CA ASP J 150 -46.81 3.24 1.59
C ASP J 150 -45.55 2.50 2.09
N THR J 151 -44.76 2.03 1.12
CA THR J 151 -43.49 1.38 1.42
C THR J 151 -42.51 1.66 0.29
N ARG J 152 -41.43 2.38 0.61
CA ARG J 152 -40.39 2.72 -0.36
C ARG J 152 -39.06 2.16 0.08
N ASN J 153 -38.08 2.26 -0.81
CA ASN J 153 -36.73 1.79 -0.52
C ASN J 153 -35.72 2.93 -0.61
N ARG K 14 -35.17 3.83 8.57
CA ARG K 14 -35.96 3.00 9.47
C ARG K 14 -36.93 3.86 10.29
N ARG K 15 -36.70 5.17 10.29
CA ARG K 15 -37.58 6.10 10.98
C ARG K 15 -38.70 6.60 10.07
N VAL K 16 -38.53 6.48 8.75
CA VAL K 16 -39.59 6.89 7.82
C VAL K 16 -40.81 6.00 7.98
N ASP K 17 -40.61 4.72 8.30
CA ASP K 17 -41.73 3.83 8.53
C ASP K 17 -42.55 4.28 9.74
N ASP K 18 -41.86 4.62 10.84
CA ASP K 18 -42.55 5.13 12.02
C ASP K 18 -43.28 6.43 11.71
N ALA K 19 -42.63 7.32 10.94
CA ALA K 19 -43.29 8.57 10.55
C ALA K 19 -44.56 8.30 9.74
N THR K 20 -44.48 7.36 8.79
CA THR K 20 -45.64 7.02 7.98
C THR K 20 -46.77 6.47 8.84
N VAL K 21 -46.44 5.55 9.75
CA VAL K 21 -47.48 4.96 10.60
C VAL K 21 -48.13 6.02 11.47
N ALA K 22 -47.32 6.93 12.04
CA ALA K 22 -47.87 7.99 12.87
C ALA K 22 -48.77 8.92 12.06
N ILE K 23 -48.34 9.29 10.86
CA ILE K 23 -49.15 10.13 9.98
C ILE K 23 -50.49 9.47 9.69
N ARG K 24 -50.46 8.19 9.31
CA ARG K 24 -51.70 7.49 8.99
C ARG K 24 -52.62 7.38 10.20
N SER K 25 -52.05 7.13 11.38
CA SER K 25 -52.87 7.03 12.58
C SER K 25 -53.52 8.37 12.91
N ALA K 26 -52.76 9.47 12.77
CA ALA K 26 -53.32 10.78 13.05
C ALA K 26 -54.43 11.13 12.06
N ILE K 27 -54.23 10.80 10.77
CA ILE K 27 -55.26 11.06 9.78
C ILE K 27 -56.50 10.26 10.08
N ASN K 28 -56.33 8.99 10.48
CA ASN K 28 -57.48 8.14 10.78
C ASN K 28 -58.25 8.64 11.99
N ASN K 29 -57.54 9.12 13.02
CA ASN K 29 -58.23 9.64 14.20
C ASN K 29 -58.98 10.93 13.88
N LEU K 30 -58.34 11.83 13.13
CA LEU K 30 -59.03 13.04 12.69
C LEU K 30 -60.27 12.69 11.87
N ILE K 31 -60.16 11.70 10.99
CA ILE K 31 -61.30 11.29 10.18
C ILE K 31 -62.41 10.73 11.05
N VAL K 32 -62.06 9.88 12.03
CA VAL K 32 -63.06 9.30 12.91
C VAL K 32 -63.85 10.39 13.61
N GLU K 33 -63.16 11.42 14.12
CA GLU K 33 -63.90 12.46 14.83
C GLU K 33 -64.61 13.43 13.89
N LEU K 34 -64.10 13.64 12.66
CA LEU K 34 -64.79 14.51 11.72
C LEU K 34 -66.05 13.85 11.15
N ILE K 35 -66.05 12.51 11.06
CA ILE K 35 -67.21 11.80 10.52
C ILE K 35 -68.44 12.05 11.39
N ARG K 36 -68.26 11.97 12.71
CA ARG K 36 -69.35 12.23 13.63
C ARG K 36 -69.79 13.69 13.67
N GLY K 37 -69.07 14.57 12.99
CA GLY K 37 -69.43 15.97 12.95
C GLY K 37 -68.98 16.78 14.14
N THR K 38 -68.26 16.18 15.09
CA THR K 38 -67.83 16.94 16.26
C THR K 38 -66.85 18.03 15.83
N GLY K 39 -66.93 19.17 16.52
CA GLY K 39 -66.13 20.31 16.16
C GLY K 39 -66.68 21.13 15.02
N SER K 40 -67.91 20.87 14.59
CA SER K 40 -68.56 21.61 13.53
C SER K 40 -69.63 22.51 14.15
N TYR K 41 -69.64 23.78 13.75
CA TYR K 41 -70.52 24.77 14.35
C TYR K 41 -71.32 25.49 13.27
N ASN K 42 -72.58 25.75 13.57
CA ASN K 42 -73.38 26.70 12.82
C ASN K 42 -73.45 28.01 13.62
N ARG K 43 -74.27 28.95 13.14
CA ARG K 43 -74.38 30.23 13.85
C ARG K 43 -74.89 30.03 15.27
N SER K 44 -75.91 29.19 15.44
CA SER K 44 -76.49 28.96 16.76
C SER K 44 -75.46 28.36 17.72
N SER K 45 -74.83 27.25 17.33
CA SER K 45 -73.88 26.59 18.21
C SER K 45 -72.65 27.46 18.47
N PHE K 46 -72.19 28.19 17.44
CA PHE K 46 -71.06 29.08 17.62
C PHE K 46 -71.37 30.16 18.66
N GLU K 47 -72.48 30.88 18.46
CA GLU K 47 -72.83 31.95 19.40
C GLU K 47 -73.23 31.41 20.77
N SER K 48 -73.60 30.13 20.86
CA SER K 48 -73.95 29.56 22.16
C SER K 48 -72.71 29.15 22.94
N SER K 49 -71.78 28.45 22.29
CA SER K 49 -70.61 27.94 23.00
C SER K 49 -69.54 29.01 23.21
N SER K 50 -69.49 30.03 22.36
CA SER K 50 -68.51 31.09 22.50
C SER K 50 -68.98 32.24 23.38
N GLY K 51 -70.26 32.29 23.73
CA GLY K 51 -70.79 33.38 24.52
C GLY K 51 -70.88 34.71 23.81
N LEU K 52 -70.56 34.76 22.52
CA LEU K 52 -70.61 36.00 21.76
C LEU K 52 -72.04 36.33 21.39
N VAL K 53 -72.50 37.52 21.78
CA VAL K 53 -73.87 37.98 21.51
C VAL K 53 -73.82 39.01 20.40
N TRP K 54 -74.65 38.82 19.38
CA TRP K 54 -74.67 39.69 18.21
C TRP K 54 -75.70 40.79 18.39
N THR K 55 -75.25 42.05 18.39
CA THR K 55 -76.13 43.20 18.42
C THR K 55 -76.15 43.84 17.04
N SER K 56 -77.36 44.11 16.54
CA SER K 56 -77.56 44.61 15.17
C SER K 56 -77.69 46.13 15.22
N GLY K 57 -76.55 46.80 15.24
CA GLY K 57 -76.52 48.25 15.22
C GLY K 57 -77.08 48.82 13.93
N PRO K 58 -77.28 50.14 13.91
CA PRO K 58 -77.84 50.79 12.71
C PRO K 58 -76.85 50.73 11.54
N ALA K 59 -77.28 50.13 10.44
CA ALA K 59 -78.61 49.53 10.32
C ALA K 59 -78.50 48.16 9.66
N GLY K 60 -77.60 48.06 8.68
CA GLY K 60 -77.38 46.81 7.97
C GLY K 60 -76.21 46.02 8.51
N GLU K 61 -75.40 46.62 9.38
CA GLU K 61 -74.29 45.90 9.98
C GLU K 61 -74.57 45.52 11.42
N GLY K 62 -73.53 45.38 12.23
CA GLY K 62 -73.68 44.97 13.61
C GLY K 62 -72.33 44.54 14.16
N SER K 63 -72.37 43.97 15.37
CA SER K 63 -71.11 43.57 16.00
C SER K 63 -71.39 42.57 17.11
N TYR K 64 -70.35 41.80 17.43
CA TYR K 64 -70.37 40.90 18.58
C TYR K 64 -69.90 41.63 19.84
N SER K 65 -70.53 41.30 20.96
CA SER K 65 -70.19 41.89 22.25
C SER K 65 -69.19 40.98 22.96
N ILE K 66 -67.96 41.46 23.11
CA ILE K 66 -66.90 40.66 23.73
C ILE K 66 -66.98 40.84 25.24
N THR K 67 -67.12 39.73 25.96
CA THR K 67 -67.22 39.74 27.42
C THR K 67 -65.97 39.20 28.09
N THR K 68 -65.24 38.29 27.46
CA THR K 68 -63.96 37.79 27.94
C THR K 68 -63.01 37.70 26.76
N PRO K 69 -61.70 37.85 27.01
CA PRO K 69 -60.74 37.83 25.90
C PRO K 69 -60.56 36.47 25.26
N SER K 70 -60.93 35.39 25.95
CA SER K 70 -60.83 34.06 25.36
C SER K 70 -61.59 33.98 24.04
N GLN K 71 -62.72 34.68 23.95
CA GLN K 71 -63.52 34.70 22.74
C GLN K 71 -62.73 35.10 21.50
N PHE K 72 -61.60 35.80 21.67
CA PHE K 72 -60.80 36.18 20.52
C PHE K 72 -60.33 34.96 19.73
N VAL K 73 -60.12 33.84 20.42
CA VAL K 73 -59.73 32.62 19.72
C VAL K 73 -60.80 32.21 18.71
N PHE K 74 -62.07 32.42 19.08
CA PHE K 74 -63.17 32.12 18.17
C PHE K 74 -63.18 33.03 16.94
N LEU K 75 -62.52 34.19 17.01
CA LEU K 75 -62.53 35.15 15.91
C LEU K 75 -61.24 35.15 15.11
N SER K 76 -60.40 34.14 15.28
CA SER K 76 -59.14 34.06 14.56
C SER K 76 -59.33 33.26 13.26
N SER K 77 -58.22 33.04 12.55
CA SER K 77 -58.21 32.24 11.33
C SER K 77 -58.13 30.77 11.72
N ALA K 78 -59.29 30.21 12.08
CA ALA K 78 -59.33 28.88 12.65
C ALA K 78 -60.62 28.16 12.24
N TRP K 79 -61.06 28.34 11.00
CA TRP K 79 -62.28 27.72 10.52
C TRP K 79 -62.08 27.16 9.12
N ALA K 80 -62.62 25.96 8.89
CA ALA K 80 -62.49 25.27 7.62
C ALA K 80 -63.85 24.68 7.23
N ASP K 81 -64.08 24.58 5.94
CA ASP K 81 -65.31 23.94 5.45
C ASP K 81 -65.26 22.45 5.76
N PRO K 82 -66.35 21.87 6.30
CA PRO K 82 -66.31 20.44 6.65
C PRO K 82 -66.07 19.54 5.45
N ILE K 83 -66.76 19.79 4.34
CA ILE K 83 -66.59 18.96 3.15
C ILE K 83 -65.17 19.08 2.60
N GLU K 84 -64.64 20.31 2.54
CA GLU K 84 -63.27 20.50 2.08
C GLU K 84 -62.28 19.74 2.97
N LEU K 85 -62.50 19.78 4.28
CA LEU K 85 -61.58 19.13 5.20
C LEU K 85 -61.64 17.62 5.10
N ILE K 86 -62.84 17.05 4.99
CA ILE K 86 -62.95 15.60 4.89
C ILE K 86 -62.45 15.11 3.54
N ASN K 87 -62.64 15.91 2.47
CA ASN K 87 -62.05 15.54 1.19
C ASN K 87 -60.52 15.61 1.24
N LEU K 88 -59.98 16.61 1.95
CA LEU K 88 -58.54 16.69 2.14
C LEU K 88 -58.02 15.45 2.87
N CYS K 89 -58.74 15.01 3.91
CA CYS K 89 -58.35 13.80 4.62
C CYS K 89 -58.39 12.58 3.69
N THR K 90 -59.47 12.44 2.92
CA THR K 90 -59.61 11.32 2.00
C THR K 90 -58.45 11.26 1.02
N ASN K 91 -58.13 12.40 0.38
CA ASN K 91 -57.04 12.41 -0.59
C ASN K 91 -55.68 12.26 0.09
N ALA K 92 -55.54 12.74 1.33
CA ALA K 92 -54.27 12.61 2.03
C ALA K 92 -53.97 11.15 2.37
N LEU K 93 -55.01 10.37 2.68
CA LEU K 93 -54.77 8.96 2.98
C LEU K 93 -54.21 8.21 1.78
N GLY K 94 -54.28 8.78 0.58
CA GLY K 94 -53.74 8.12 -0.59
C GLY K 94 -52.46 8.76 -1.12
N ASN K 95 -51.53 9.06 -0.21
CA ASN K 95 -50.26 9.68 -0.57
C ASN K 95 -49.10 8.75 -0.22
N GLN K 96 -47.96 9.02 -0.86
CA GLN K 96 -46.73 8.26 -0.59
C GLN K 96 -45.97 8.99 0.50
N PHE K 97 -46.36 8.72 1.75
CA PHE K 97 -45.74 9.37 2.91
C PHE K 97 -44.35 8.85 3.21
N GLN K 98 -43.88 7.83 2.48
CA GLN K 98 -42.46 7.48 2.55
C GLN K 98 -41.59 8.60 2.01
N THR K 99 -42.13 9.45 1.14
CA THR K 99 -41.42 10.59 0.60
C THR K 99 -41.61 11.81 1.50
N GLN K 100 -40.56 12.62 1.59
CA GLN K 100 -40.64 13.87 2.36
C GLN K 100 -41.55 14.89 1.69
N HIS K 101 -41.59 14.90 0.35
CA HIS K 101 -42.35 15.91 -0.38
C HIS K 101 -43.84 15.82 -0.05
N ALA K 102 -44.40 14.61 -0.08
CA ALA K 102 -45.82 14.45 0.24
C ALA K 102 -46.11 14.88 1.67
N ARG K 103 -45.22 14.55 2.60
CA ARG K 103 -45.40 14.97 3.98
C ARG K 103 -45.46 16.49 4.09
N THR K 104 -44.50 17.18 3.48
CA THR K 104 -44.47 18.64 3.50
C THR K 104 -45.75 19.21 2.89
N VAL K 105 -46.17 18.69 1.74
CA VAL K 105 -47.31 19.25 1.03
C VAL K 105 -48.59 19.09 1.84
N VAL K 106 -48.86 17.87 2.33
CA VAL K 106 -50.11 17.67 3.05
C VAL K 106 -50.06 18.34 4.42
N GLN K 107 -48.87 18.53 4.99
CA GLN K 107 -48.76 19.32 6.21
C GLN K 107 -49.16 20.77 5.95
N ARG K 108 -48.65 21.35 4.86
CA ARG K 108 -49.07 22.69 4.47
C ARG K 108 -50.56 22.75 4.18
N GLN K 109 -51.12 21.68 3.60
CA GLN K 109 -52.55 21.66 3.31
C GLN K 109 -53.38 21.66 4.59
N PHE K 110 -53.01 20.85 5.57
CA PHE K 110 -53.71 20.85 6.84
C PHE K 110 -53.46 22.13 7.64
N SER K 111 -52.38 22.84 7.34
CA SER K 111 -52.11 24.10 8.05
C SER K 111 -52.88 25.26 7.44
N GLU K 112 -53.04 25.27 6.11
CA GLU K 112 -53.67 26.38 5.41
C GLU K 112 -55.19 26.25 5.29
N VAL K 113 -55.76 25.10 5.62
CA VAL K 113 -57.20 24.93 5.47
C VAL K 113 -57.99 25.76 6.48
N TRP K 114 -57.36 26.23 7.55
CA TRP K 114 -58.03 26.99 8.59
C TRP K 114 -58.03 28.47 8.20
N LYS K 115 -59.21 28.98 7.84
CA LYS K 115 -59.41 30.35 7.43
C LYS K 115 -60.35 31.06 8.41
N PRO K 116 -60.37 32.38 8.43
CA PRO K 116 -61.32 33.09 9.29
C PRO K 116 -62.70 33.19 8.65
N SER K 117 -63.72 33.13 9.49
CA SER K 117 -65.09 33.36 9.03
C SER K 117 -65.80 34.33 9.97
N PRO K 118 -65.87 34.08 11.27
CA PRO K 118 -66.49 35.07 12.17
C PRO K 118 -65.48 36.13 12.60
N GLN K 119 -65.93 37.38 12.60
CA GLN K 119 -65.13 38.51 13.04
C GLN K 119 -65.96 39.37 13.99
N VAL K 120 -65.33 40.42 14.52
CA VAL K 120 -66.02 41.31 15.45
C VAL K 120 -67.19 42.01 14.77
N THR K 121 -67.02 42.38 13.50
CA THR K 121 -68.05 43.06 12.75
C THR K 121 -68.67 42.19 11.66
N VAL K 122 -68.35 40.91 11.63
CA VAL K 122 -68.87 39.97 10.64
C VAL K 122 -69.47 38.80 11.38
N ARG K 123 -70.78 38.62 11.28
CA ARG K 123 -71.46 37.55 12.00
C ARG K 123 -71.17 36.20 11.33
N PHE K 124 -71.25 35.15 12.13
CA PHE K 124 -71.12 33.79 11.63
C PHE K 124 -72.09 33.59 10.47
N PRO K 125 -71.70 32.86 9.42
CA PRO K 125 -72.59 32.67 8.27
C PRO K 125 -73.95 32.12 8.68
N ASP K 126 -74.97 32.51 7.91
CA ASP K 126 -76.34 32.25 8.30
C ASP K 126 -76.67 30.75 8.30
N SER K 127 -76.28 30.04 7.24
CA SER K 127 -76.68 28.65 7.08
C SER K 127 -75.51 27.68 6.97
N ASP K 128 -74.30 28.14 6.68
CA ASP K 128 -73.19 27.23 6.50
C ASP K 128 -72.72 26.68 7.85
N PHE K 129 -71.92 25.62 7.77
CA PHE K 129 -71.25 25.04 8.92
C PHE K 129 -69.74 25.27 8.79
N LYS K 130 -69.07 25.35 9.93
CA LYS K 130 -67.63 25.56 9.95
C LYS K 130 -67.00 24.66 11.00
N VAL K 131 -65.74 24.31 10.76
CA VAL K 131 -64.97 23.42 11.63
C VAL K 131 -64.01 24.26 12.46
N TYR K 132 -64.06 24.10 13.78
CA TYR K 132 -63.29 24.92 14.70
C TYR K 132 -61.94 24.27 14.96
N ARG K 133 -60.86 24.97 14.62
CA ARG K 133 -59.52 24.43 14.79
C ARG K 133 -59.23 24.11 16.25
N TYR K 134 -59.79 24.87 17.18
CA TYR K 134 -59.50 24.71 18.60
C TYR K 134 -60.67 24.12 19.36
N ASN K 135 -61.49 23.31 18.68
CA ASN K 135 -62.49 22.51 19.38
C ASN K 135 -61.80 21.52 20.31
N ALA K 136 -62.44 21.25 21.45
CA ALA K 136 -61.79 20.46 22.50
C ALA K 136 -61.38 19.08 22.00
N VAL K 137 -62.06 18.54 20.99
CA VAL K 137 -61.72 17.22 20.46
C VAL K 137 -60.79 17.33 19.26
N LEU K 138 -61.05 18.27 18.36
CA LEU K 138 -60.27 18.36 17.13
C LEU K 138 -58.90 18.98 17.35
N ASP K 139 -58.75 19.82 18.38
CA ASP K 139 -57.47 20.48 18.62
C ASP K 139 -56.33 19.50 18.81
N PRO K 140 -56.40 18.52 19.73
CA PRO K 140 -55.28 17.58 19.88
C PRO K 140 -55.06 16.73 18.64
N LEU K 141 -56.12 16.34 17.94
CA LEU K 141 -55.97 15.51 16.75
C LEU K 141 -55.24 16.26 15.64
N VAL K 142 -55.64 17.51 15.40
CA VAL K 142 -55.00 18.32 14.36
C VAL K 142 -53.56 18.63 14.76
N THR K 143 -53.32 18.88 16.06
CA THR K 143 -51.96 19.16 16.51
C THR K 143 -51.05 17.94 16.30
N ALA K 144 -51.53 16.76 16.71
CA ALA K 144 -50.73 15.55 16.53
C ALA K 144 -50.54 15.24 15.04
N LEU K 145 -51.54 15.53 14.22
CA LEU K 145 -51.41 15.30 12.78
C LEU K 145 -50.33 16.20 12.19
N LEU K 146 -50.38 17.50 12.49
CA LEU K 146 -49.36 18.42 11.99
C LEU K 146 -47.98 18.06 12.53
N GLY K 147 -47.90 17.55 13.76
CA GLY K 147 -46.62 17.15 14.31
C GLY K 147 -46.07 15.85 13.76
N ALA K 148 -46.95 14.98 13.24
CA ALA K 148 -46.48 13.71 12.70
C ALA K 148 -45.67 13.90 11.42
N PHE K 149 -45.94 14.96 10.67
CA PHE K 149 -45.20 15.23 9.44
C PHE K 149 -43.79 15.75 9.72
N ASP K 150 -43.49 16.17 10.95
CA ASP K 150 -42.20 16.79 11.27
C ASP K 150 -41.16 15.70 11.51
N THR K 151 -40.78 15.03 10.42
CA THR K 151 -39.73 14.02 10.46
C THR K 151 -39.01 14.03 9.12
N ARG K 152 -37.74 14.40 9.13
CA ARG K 152 -36.93 14.49 7.92
C ARG K 152 -35.75 13.54 7.99
N ASN K 153 -35.06 13.40 6.86
CA ASN K 153 -33.88 12.55 6.76
C ASN K 153 -32.65 13.37 6.39
N ARG L 14 -23.28 -25.45 -11.80
CA ARG L 14 -23.52 -26.77 -11.19
C ARG L 14 -25.00 -27.16 -11.31
N ARG L 15 -25.84 -26.18 -11.64
CA ARG L 15 -27.26 -26.41 -11.84
C ARG L 15 -27.60 -26.75 -13.28
N VAL L 16 -26.73 -26.41 -14.23
CA VAL L 16 -27.00 -26.72 -15.63
C VAL L 16 -26.98 -28.22 -15.87
N ASP L 17 -26.11 -28.95 -15.16
CA ASP L 17 -26.09 -30.41 -15.29
C ASP L 17 -27.40 -31.01 -14.81
N ASP L 18 -27.90 -30.56 -13.66
CA ASP L 18 -29.19 -31.04 -13.16
C ASP L 18 -30.31 -30.70 -14.13
N ALA L 19 -30.28 -29.49 -14.69
CA ALA L 19 -31.29 -29.10 -15.67
C ALA L 19 -31.24 -30.01 -16.89
N THR L 20 -30.03 -30.32 -17.38
CA THR L 20 -29.89 -31.20 -18.53
C THR L 20 -30.45 -32.58 -18.23
N VAL L 21 -30.11 -33.14 -17.06
CA VAL L 21 -30.58 -34.48 -16.70
C VAL L 21 -32.10 -34.49 -16.60
N ALA L 22 -32.68 -33.45 -16.00
CA ALA L 22 -34.15 -33.39 -15.88
C ALA L 22 -34.81 -33.28 -17.25
N ILE L 23 -34.25 -32.45 -18.12
CA ILE L 23 -34.78 -32.32 -19.48
C ILE L 23 -34.76 -33.67 -20.20
N ARG L 24 -33.61 -34.37 -20.13
CA ARG L 24 -33.49 -35.66 -20.80
C ARG L 24 -34.48 -36.66 -20.23
N SER L 25 -34.66 -36.66 -18.90
CA SER L 25 -35.60 -37.58 -18.28
C SER L 25 -37.03 -37.31 -18.73
N ALA L 26 -37.40 -36.02 -18.81
CA ALA L 26 -38.75 -35.68 -19.26
C ALA L 26 -38.97 -36.09 -20.72
N ILE L 27 -37.96 -35.86 -21.57
CA ILE L 27 -38.09 -36.27 -22.97
C ILE L 27 -38.21 -37.78 -23.08
N ASN L 28 -37.42 -38.51 -22.27
CA ASN L 28 -37.47 -39.96 -22.31
C ASN L 28 -38.82 -40.49 -21.85
N ASN L 29 -39.41 -39.88 -20.82
CA ASN L 29 -40.72 -40.32 -20.36
C ASN L 29 -41.80 -40.04 -21.40
N LEU L 30 -41.77 -38.84 -21.99
CA LEU L 30 -42.71 -38.53 -23.06
C LEU L 30 -42.56 -39.50 -24.22
N ILE L 31 -41.32 -39.85 -24.58
CA ILE L 31 -41.08 -40.81 -25.64
C ILE L 31 -41.62 -42.19 -25.27
N VAL L 32 -41.40 -42.61 -24.02
CA VAL L 32 -41.90 -43.90 -23.57
C VAL L 32 -43.42 -43.98 -23.75
N GLU L 33 -44.13 -42.91 -23.38
CA GLU L 33 -45.58 -42.96 -23.53
C GLU L 33 -46.04 -42.76 -24.98
N LEU L 34 -45.28 -42.03 -25.79
CA LEU L 34 -45.65 -41.86 -27.19
C LEU L 34 -45.42 -43.12 -28.00
N ILE L 35 -44.42 -43.93 -27.62
CA ILE L 35 -44.15 -45.18 -28.34
C ILE L 35 -45.34 -46.11 -28.23
N ARG L 36 -45.92 -46.22 -27.04
CA ARG L 36 -47.10 -47.05 -26.83
C ARG L 36 -48.34 -46.51 -27.52
N GLY L 37 -48.28 -45.30 -28.08
CA GLY L 37 -49.39 -44.72 -28.79
C GLY L 37 -50.43 -44.04 -27.94
N THR L 38 -50.25 -44.01 -26.62
CA THR L 38 -51.24 -43.41 -25.73
C THR L 38 -51.38 -41.92 -25.99
N GLY L 39 -52.61 -41.42 -25.82
CA GLY L 39 -52.91 -40.02 -26.09
C GLY L 39 -53.17 -39.67 -27.53
N SER L 40 -53.31 -40.66 -28.41
CA SER L 40 -53.60 -40.42 -29.82
C SER L 40 -55.05 -40.75 -30.11
N TYR L 41 -55.74 -39.86 -30.81
CA TYR L 41 -57.16 -39.98 -31.09
C TYR L 41 -57.43 -39.88 -32.58
N ASN L 42 -58.34 -40.73 -33.06
CA ASN L 42 -58.97 -40.57 -34.36
C ASN L 42 -60.37 -39.99 -34.16
N ARG L 43 -61.15 -39.92 -35.24
CA ARG L 43 -62.51 -39.38 -35.13
C ARG L 43 -63.34 -40.20 -34.16
N SER L 44 -63.25 -41.52 -34.24
CA SER L 44 -64.05 -42.39 -33.36
C SER L 44 -63.70 -42.16 -31.90
N SER L 45 -62.42 -42.27 -31.55
CA SER L 45 -62.02 -42.14 -30.16
C SER L 45 -62.25 -40.73 -29.63
N PHE L 46 -62.01 -39.72 -30.48
CA PHE L 46 -62.26 -38.34 -30.06
C PHE L 46 -63.73 -38.12 -29.74
N GLU L 47 -64.61 -38.43 -30.70
CA GLU L 47 -66.03 -38.21 -30.47
C GLU L 47 -66.61 -39.14 -29.41
N SER L 48 -65.96 -40.25 -29.11
CA SER L 48 -66.46 -41.15 -28.07
C SER L 48 -66.04 -40.67 -26.68
N SER L 49 -64.77 -40.32 -26.50
CA SER L 49 -64.27 -39.96 -25.18
C SER L 49 -64.63 -38.53 -24.79
N SER L 50 -64.83 -37.64 -25.76
CA SER L 50 -65.21 -36.27 -25.47
C SER L 50 -66.71 -36.07 -25.37
N GLY L 51 -67.52 -37.06 -25.77
CA GLY L 51 -68.96 -36.92 -25.75
C GLY L 51 -69.54 -35.98 -26.77
N LEU L 52 -68.72 -35.41 -27.64
CA LEU L 52 -69.20 -34.47 -28.66
C LEU L 52 -69.83 -35.25 -29.80
N VAL L 53 -71.09 -34.93 -30.10
CA VAL L 53 -71.85 -35.58 -31.17
C VAL L 53 -71.95 -34.62 -32.34
N TRP L 54 -71.60 -35.10 -33.53
CA TRP L 54 -71.60 -34.28 -34.74
C TRP L 54 -72.94 -34.42 -35.45
N THR L 55 -73.66 -33.31 -35.57
CA THR L 55 -74.91 -33.26 -36.32
C THR L 55 -74.66 -32.52 -37.63
N SER L 56 -75.15 -33.10 -38.72
CA SER L 56 -74.88 -32.58 -40.07
C SER L 56 -76.06 -31.69 -40.48
N GLY L 57 -76.01 -30.44 -40.03
CA GLY L 57 -77.01 -29.46 -40.36
C GLY L 57 -77.02 -29.16 -41.85
N PRO L 58 -78.02 -28.40 -42.31
CA PRO L 58 -78.14 -28.10 -43.75
C PRO L 58 -76.96 -27.25 -44.21
N ALA L 59 -76.21 -27.75 -45.19
CA ALA L 59 -76.47 -29.07 -45.77
C ALA L 59 -75.18 -29.87 -45.92
N GLY L 60 -74.11 -29.18 -46.29
CA GLY L 60 -72.82 -29.82 -46.46
C GLY L 60 -71.90 -29.66 -45.26
N GLU L 61 -72.29 -28.81 -44.31
CA GLU L 61 -71.51 -28.61 -43.09
C GLU L 61 -72.17 -29.30 -41.91
N GLY L 62 -71.95 -28.76 -40.72
CA GLY L 62 -72.49 -29.35 -39.51
C GLY L 62 -71.83 -28.74 -38.30
N SER L 63 -72.10 -29.33 -37.14
CA SER L 63 -71.57 -28.78 -35.89
C SER L 63 -71.61 -29.84 -34.80
N TYR L 64 -70.78 -29.64 -33.79
CA TYR L 64 -70.79 -30.47 -32.59
C TYR L 64 -71.79 -29.95 -31.58
N SER L 65 -72.45 -30.86 -30.88
CA SER L 65 -73.43 -30.51 -29.86
C SER L 65 -72.75 -30.48 -28.50
N ILE L 66 -72.61 -29.29 -27.93
CA ILE L 66 -71.93 -29.11 -26.65
C ILE L 66 -72.91 -29.36 -25.53
N THR L 67 -72.58 -30.31 -24.66
CA THR L 67 -73.43 -30.67 -23.52
C THR L 67 -72.87 -30.20 -22.18
N THR L 68 -71.54 -30.11 -22.05
CA THR L 68 -70.88 -29.57 -20.87
C THR L 68 -69.73 -28.70 -21.34
N PRO L 69 -69.37 -27.67 -20.56
CA PRO L 69 -68.30 -26.77 -20.99
C PRO L 69 -66.92 -27.39 -20.99
N SER L 70 -66.72 -28.49 -20.26
CA SER L 70 -65.42 -29.17 -20.27
C SER L 70 -64.99 -29.54 -21.68
N GLN L 71 -65.95 -29.91 -22.53
CA GLN L 71 -65.66 -30.27 -23.91
C GLN L 71 -64.91 -29.17 -24.66
N PHE L 72 -64.98 -27.92 -24.19
CA PHE L 72 -64.26 -26.85 -24.87
C PHE L 72 -62.76 -27.10 -24.88
N VAL L 73 -62.24 -27.80 -23.86
CA VAL L 73 -60.82 -28.14 -23.86
C VAL L 73 -60.46 -28.98 -25.08
N PHE L 74 -61.38 -29.87 -25.49
CA PHE L 74 -61.14 -30.68 -26.67
C PHE L 74 -61.10 -29.85 -27.96
N LEU L 75 -61.65 -28.64 -27.94
CA LEU L 75 -61.73 -27.82 -29.14
C LEU L 75 -60.70 -26.68 -29.14
N SER L 76 -59.73 -26.73 -28.24
CA SER L 76 -58.70 -25.71 -28.16
C SER L 76 -57.50 -26.07 -29.02
N SER L 77 -56.45 -25.25 -28.95
CA SER L 77 -55.20 -25.50 -29.65
C SER L 77 -54.37 -26.48 -28.82
N ALA L 78 -54.71 -27.76 -28.95
CA ALA L 78 -54.11 -28.79 -28.09
C ALA L 78 -53.98 -30.11 -28.85
N TRP L 79 -53.63 -30.04 -30.13
CA TRP L 79 -53.49 -31.24 -30.94
C TRP L 79 -52.26 -31.15 -31.82
N ALA L 80 -51.51 -32.26 -31.90
CA ALA L 80 -50.29 -32.32 -32.69
C ALA L 80 -50.25 -33.62 -33.48
N ASP L 81 -49.60 -33.57 -34.64
CA ASP L 81 -49.43 -34.77 -35.44
C ASP L 81 -48.47 -35.73 -34.72
N PRO L 82 -48.79 -37.02 -34.62
CA PRO L 82 -47.90 -37.94 -33.88
C PRO L 82 -46.51 -38.04 -34.46
N ILE L 83 -46.39 -38.14 -35.79
CA ILE L 83 -45.09 -38.26 -36.42
C ILE L 83 -44.26 -37.01 -36.18
N GLU L 84 -44.88 -35.83 -36.33
CA GLU L 84 -44.16 -34.58 -36.06
C GLU L 84 -43.67 -34.52 -34.62
N LEU L 85 -44.49 -34.98 -33.68
CA LEU L 85 -44.11 -34.89 -32.27
C LEU L 85 -42.98 -35.86 -31.94
N ILE L 86 -43.05 -37.09 -32.44
CA ILE L 86 -41.99 -38.05 -32.15
C ILE L 86 -40.70 -37.67 -32.87
N ASN L 87 -40.79 -37.09 -34.07
CA ASN L 87 -39.59 -36.58 -34.73
C ASN L 87 -39.00 -35.40 -33.95
N LEU L 88 -39.85 -34.55 -33.40
CA LEU L 88 -39.36 -33.46 -32.56
C LEU L 88 -38.61 -34.01 -31.35
N CYS L 89 -39.15 -35.05 -30.72
CA CYS L 89 -38.45 -35.68 -29.60
C CYS L 89 -37.11 -36.25 -30.04
N THR L 90 -37.09 -36.98 -31.16
CA THR L 90 -35.86 -37.57 -31.67
C THR L 90 -34.79 -36.51 -31.90
N ASN L 91 -35.15 -35.44 -32.62
CA ASN L 91 -34.17 -34.39 -32.92
C ASN L 91 -33.78 -33.60 -31.68
N ALA L 92 -34.70 -33.45 -30.72
CA ALA L 92 -34.39 -32.71 -29.50
C ALA L 92 -33.42 -33.47 -28.62
N LEU L 93 -33.49 -34.81 -28.60
CA LEU L 93 -32.57 -35.58 -27.78
C LEU L 93 -31.11 -35.40 -28.20
N GLY L 94 -30.86 -34.85 -29.39
CA GLY L 94 -29.49 -34.63 -29.84
C GLY L 94 -29.10 -33.17 -29.82
N ASN L 95 -29.41 -32.48 -28.72
CA ASN L 95 -29.12 -31.06 -28.57
C ASN L 95 -28.16 -30.84 -27.41
N GLN L 96 -27.51 -29.68 -27.42
CA GLN L 96 -26.60 -29.26 -26.35
C GLN L 96 -27.40 -28.49 -25.31
N PHE L 97 -28.06 -29.22 -24.43
CA PHE L 97 -28.88 -28.60 -23.39
C PHE L 97 -28.07 -27.97 -22.28
N GLN L 98 -26.74 -28.11 -22.29
CA GLN L 98 -25.91 -27.29 -21.42
C GLN L 98 -26.02 -25.82 -21.77
N THR L 99 -26.38 -25.50 -23.02
CA THR L 99 -26.56 -24.13 -23.45
C THR L 99 -28.00 -23.68 -23.19
N GLN L 100 -28.16 -22.41 -22.84
CA GLN L 100 -29.49 -21.85 -22.65
C GLN L 100 -30.26 -21.74 -23.96
N HIS L 101 -29.56 -21.48 -25.06
CA HIS L 101 -30.22 -21.27 -26.35
C HIS L 101 -31.00 -22.50 -26.78
N ALA L 102 -30.38 -23.68 -26.69
CA ALA L 102 -31.06 -24.91 -27.08
C ALA L 102 -32.27 -25.16 -26.19
N ARG L 103 -32.14 -24.89 -24.88
CA ARG L 103 -33.27 -25.07 -23.98
C ARG L 103 -34.44 -24.19 -24.38
N THR L 104 -34.18 -22.89 -24.61
CA THR L 104 -35.23 -21.97 -25.03
C THR L 104 -35.89 -22.43 -26.33
N VAL L 105 -35.06 -22.81 -27.31
CA VAL L 105 -35.58 -23.15 -28.63
C VAL L 105 -36.46 -24.40 -28.56
N VAL L 106 -35.97 -25.46 -27.92
CA VAL L 106 -36.75 -26.69 -27.88
C VAL L 106 -37.96 -26.55 -26.96
N GLN L 107 -37.90 -25.66 -25.96
CA GLN L 107 -39.10 -25.38 -25.18
C GLN L 107 -40.16 -24.72 -26.04
N ARG L 108 -39.77 -23.73 -26.83
CA ARG L 108 -40.70 -23.10 -27.75
C ARG L 108 -41.24 -24.11 -28.77
N GLN L 109 -40.39 -25.06 -29.18
CA GLN L 109 -40.84 -26.08 -30.13
C GLN L 109 -41.87 -27.01 -29.51
N PHE L 110 -41.64 -27.47 -28.28
CA PHE L 110 -42.62 -28.31 -27.60
C PHE L 110 -43.88 -27.54 -27.22
N SER L 111 -43.80 -26.21 -27.12
CA SER L 111 -44.99 -25.42 -26.80
C SER L 111 -45.82 -25.12 -28.04
N GLU L 112 -45.18 -24.92 -29.19
CA GLU L 112 -45.88 -24.53 -30.41
C GLU L 112 -46.38 -25.71 -31.23
N VAL L 113 -45.99 -26.94 -30.87
CA VAL L 113 -46.41 -28.10 -31.65
C VAL L 113 -47.91 -28.36 -31.49
N TRP L 114 -48.55 -27.81 -30.47
CA TRP L 114 -49.96 -28.04 -30.21
C TRP L 114 -50.81 -27.01 -30.97
N LYS L 115 -51.50 -27.48 -32.00
CA LYS L 115 -52.37 -26.68 -32.84
C LYS L 115 -53.80 -27.17 -32.70
N PRO L 116 -54.79 -26.37 -33.08
CA PRO L 116 -56.18 -26.84 -33.05
C PRO L 116 -56.53 -27.67 -34.27
N SER L 117 -57.39 -28.67 -34.05
CA SER L 117 -57.91 -29.45 -35.17
C SER L 117 -59.44 -29.52 -35.11
N PRO L 118 -60.05 -30.05 -34.05
CA PRO L 118 -61.52 -30.02 -33.99
C PRO L 118 -62.03 -28.71 -33.42
N GLN L 119 -63.08 -28.18 -34.04
CA GLN L 119 -63.73 -26.95 -33.60
C GLN L 119 -65.24 -27.17 -33.57
N VAL L 120 -65.97 -26.14 -33.15
CA VAL L 120 -67.42 -26.24 -33.06
C VAL L 120 -68.02 -26.48 -34.43
N THR L 121 -67.46 -25.86 -35.46
CA THR L 121 -67.94 -26.00 -36.83
C THR L 121 -66.99 -26.80 -37.71
N VAL L 122 -65.95 -27.40 -37.13
CA VAL L 122 -64.95 -28.18 -37.87
C VAL L 122 -64.86 -29.55 -37.22
N ARG L 123 -65.27 -30.58 -37.95
CA ARG L 123 -65.25 -31.93 -37.41
C ARG L 123 -63.82 -32.48 -37.39
N PHE L 124 -63.57 -33.39 -36.47
CA PHE L 124 -62.29 -34.08 -36.40
C PHE L 124 -61.93 -34.68 -37.76
N PRO L 125 -60.67 -34.63 -38.18
CA PRO L 125 -60.29 -35.20 -39.48
C PRO L 125 -60.72 -36.65 -39.63
N ASP L 126 -61.03 -37.02 -40.87
CA ASP L 126 -61.67 -38.31 -41.13
C ASP L 126 -60.75 -39.48 -40.80
N SER L 127 -59.51 -39.44 -41.26
CA SER L 127 -58.61 -40.58 -41.13
C SER L 127 -57.33 -40.28 -40.36
N ASP L 128 -56.95 -39.02 -40.18
CA ASP L 128 -55.70 -38.72 -39.51
C ASP L 128 -55.82 -38.96 -38.02
N PHE L 129 -54.67 -39.03 -37.36
CA PHE L 129 -54.60 -39.13 -35.91
C PHE L 129 -54.00 -37.85 -35.33
N LYS L 130 -54.38 -37.54 -34.09
CA LYS L 130 -53.90 -36.35 -33.41
C LYS L 130 -53.57 -36.69 -31.97
N VAL L 131 -52.62 -35.93 -31.40
CA VAL L 131 -52.15 -36.13 -30.04
C VAL L 131 -52.77 -35.07 -29.14
N TYR L 132 -53.40 -35.51 -28.06
CA TYR L 132 -54.15 -34.62 -27.18
C TYR L 132 -53.23 -34.08 -26.10
N ARG L 133 -53.06 -32.76 -26.06
CA ARG L 133 -52.18 -32.13 -25.08
C ARG L 133 -52.62 -32.42 -23.65
N TYR L 134 -53.92 -32.52 -23.41
CA TYR L 134 -54.45 -32.70 -22.07
C TYR L 134 -55.01 -34.11 -21.85
N ASN L 135 -54.46 -35.08 -22.56
CA ASN L 135 -54.74 -36.48 -22.25
C ASN L 135 -54.28 -36.81 -20.84
N ALA L 136 -55.03 -37.68 -20.17
CA ALA L 136 -54.80 -37.94 -18.75
C ALA L 136 -53.38 -38.44 -18.48
N VAL L 137 -52.76 -39.11 -19.46
CA VAL L 137 -51.41 -39.62 -19.27
C VAL L 137 -50.36 -38.66 -19.79
N LEU L 138 -50.60 -38.05 -20.95
CA LEU L 138 -49.60 -37.19 -21.56
C LEU L 138 -49.51 -35.82 -20.90
N ASP L 139 -50.58 -35.37 -20.25
CA ASP L 139 -50.57 -34.03 -19.65
C ASP L 139 -49.45 -33.84 -18.63
N PRO L 140 -49.29 -34.70 -17.62
CA PRO L 140 -48.20 -34.46 -16.65
C PRO L 140 -46.82 -34.54 -17.29
N LEU L 141 -46.63 -35.43 -18.26
CA LEU L 141 -45.33 -35.55 -18.91
C LEU L 141 -45.00 -34.30 -19.71
N VAL L 142 -45.97 -33.79 -20.48
CA VAL L 142 -45.72 -32.57 -21.26
C VAL L 142 -45.51 -31.38 -20.34
N THR L 143 -46.24 -31.32 -19.23
CA THR L 143 -46.06 -30.23 -18.28
C THR L 143 -44.67 -30.27 -17.66
N ALA L 144 -44.24 -31.45 -17.19
CA ALA L 144 -42.91 -31.57 -16.61
C ALA L 144 -41.82 -31.28 -17.64
N LEU L 145 -42.04 -31.69 -18.89
CA LEU L 145 -41.06 -31.40 -19.94
C LEU L 145 -40.93 -29.90 -20.18
N LEU L 146 -42.07 -29.22 -20.34
CA LEU L 146 -42.03 -27.78 -20.55
C LEU L 146 -41.43 -27.04 -19.35
N GLY L 147 -41.67 -27.55 -18.14
CA GLY L 147 -41.11 -26.93 -16.96
C GLY L 147 -39.64 -27.22 -16.74
N ALA L 148 -39.13 -28.32 -17.28
CA ALA L 148 -37.73 -28.67 -17.08
C ALA L 148 -36.79 -27.70 -17.78
N PHE L 149 -37.23 -27.07 -18.86
CA PHE L 149 -36.40 -26.10 -19.57
C PHE L 149 -36.26 -24.79 -18.82
N ASP L 150 -37.10 -24.54 -17.81
CA ASP L 150 -37.12 -23.26 -17.10
C ASP L 150 -36.03 -23.24 -16.03
N THR L 151 -34.79 -23.17 -16.49
CA THR L 151 -33.63 -23.05 -15.60
C THR L 151 -32.58 -22.22 -16.32
N ARG L 152 -32.28 -21.05 -15.78
CA ARG L 152 -31.31 -20.13 -16.35
C ARG L 152 -30.16 -19.86 -15.38
N ASN L 153 -29.14 -19.18 -15.89
CA ASN L 153 -27.98 -18.80 -15.09
C ASN L 153 -27.85 -17.29 -15.02
N ARG M 14 -20.50 20.45 21.57
CA ARG M 14 -21.22 19.98 22.75
C ARG M 14 -21.24 21.04 23.83
N ARG M 15 -20.38 22.04 23.69
CA ARG M 15 -20.33 23.16 24.63
C ARG M 15 -21.27 24.29 24.23
N VAL M 16 -21.72 24.32 22.98
CA VAL M 16 -22.62 25.38 22.52
C VAL M 16 -23.96 25.28 23.22
N ASP M 17 -24.42 24.07 23.52
CA ASP M 17 -25.68 23.91 24.25
C ASP M 17 -25.57 24.50 25.65
N ASP M 18 -24.47 24.20 26.35
CA ASP M 18 -24.25 24.77 27.67
C ASP M 18 -24.16 26.29 27.61
N ALA M 19 -23.46 26.81 26.61
CA ALA M 19 -23.36 28.26 26.45
C ALA M 19 -24.74 28.88 26.25
N THR M 20 -25.56 28.27 25.39
CA THR M 20 -26.90 28.79 25.14
C THR M 20 -27.73 28.78 26.42
N VAL M 21 -27.71 27.66 27.15
CA VAL M 21 -28.49 27.56 28.38
C VAL M 21 -28.05 28.60 29.40
N ALA M 22 -26.73 28.79 29.55
CA ALA M 22 -26.23 29.77 30.50
C ALA M 22 -26.64 31.19 30.10
N ILE M 23 -26.54 31.51 28.81
CA ILE M 23 -26.95 32.82 28.32
C ILE M 23 -28.43 33.06 28.62
N ARG M 24 -29.28 32.07 28.31
CA ARG M 24 -30.71 32.22 28.57
C ARG M 24 -30.99 32.39 30.05
N SER M 25 -30.29 31.64 30.90
CA SER M 25 -30.50 31.77 32.35
C SER M 25 -30.11 33.15 32.84
N ALA M 26 -28.98 33.68 32.35
CA ALA M 26 -28.56 35.01 32.76
C ALA M 26 -29.55 36.08 32.30
N ILE M 27 -30.05 35.94 31.07
CA ILE M 27 -31.04 36.90 30.57
C ILE M 27 -32.30 36.83 31.42
N ASN M 28 -32.73 35.62 31.77
CA ASN M 28 -33.94 35.45 32.57
C ASN M 28 -33.78 36.05 33.96
N ASN M 29 -32.60 35.88 34.58
CA ASN M 29 -32.39 36.46 35.90
C ASN M 29 -32.36 37.98 35.85
N LEU M 30 -31.67 38.54 34.85
CA LEU M 30 -31.67 39.99 34.68
C LEU M 30 -33.10 40.51 34.47
N ILE M 31 -33.90 39.78 33.68
CA ILE M 31 -35.29 40.17 33.45
C ILE M 31 -36.09 40.10 34.75
N VAL M 32 -35.87 39.05 35.54
CA VAL M 32 -36.59 38.90 36.81
C VAL M 32 -36.33 40.11 37.70
N GLU M 33 -35.07 40.56 37.78
CA GLU M 33 -34.79 41.71 38.63
C GLU M 33 -35.21 43.04 38.00
N LEU M 34 -35.21 43.14 36.67
CA LEU M 34 -35.64 44.38 36.03
C LEU M 34 -37.16 44.55 36.11
N ILE M 35 -37.91 43.46 36.12
CA ILE M 35 -39.36 43.54 36.21
C ILE M 35 -39.78 44.18 37.53
N ARG M 36 -39.12 43.79 38.62
CA ARG M 36 -39.41 44.38 39.93
C ARG M 36 -38.95 45.83 40.02
N GLY M 37 -38.24 46.35 39.03
CA GLY M 37 -37.80 47.73 39.02
C GLY M 37 -36.55 48.01 39.82
N THR M 38 -35.94 47.00 40.44
CA THR M 38 -34.75 47.23 41.26
C THR M 38 -33.59 47.73 40.40
N GLY M 39 -32.77 48.59 40.99
CA GLY M 39 -31.67 49.20 40.29
C GLY M 39 -32.04 50.40 39.45
N SER M 40 -33.25 50.91 39.57
CA SER M 40 -33.70 52.09 38.84
C SER M 40 -33.76 53.28 39.78
N TYR M 41 -33.21 54.41 39.34
CA TYR M 41 -33.07 55.59 40.18
C TYR M 41 -33.68 56.81 39.49
N ASN M 42 -34.35 57.65 40.27
CA ASN M 42 -34.72 58.98 39.84
C ASN M 42 -33.72 59.97 40.46
N ARG M 43 -33.98 61.27 40.29
CA ARG M 43 -33.07 62.28 40.85
C ARG M 43 -32.98 62.16 42.36
N SER M 44 -34.13 62.00 43.03
CA SER M 44 -34.14 61.91 44.49
C SER M 44 -33.34 60.71 44.98
N SER M 45 -33.66 59.52 44.47
CA SER M 45 -32.98 58.31 44.93
C SER M 45 -31.51 58.32 44.55
N PHE M 46 -31.18 58.84 43.36
CA PHE M 46 -29.79 58.94 42.96
C PHE M 46 -29.01 59.83 43.92
N GLU M 47 -29.49 61.07 44.13
CA GLU M 47 -28.79 61.99 45.01
C GLU M 47 -28.80 61.55 46.46
N SER M 48 -29.74 60.68 46.86
CA SER M 48 -29.78 60.19 48.23
C SER M 48 -28.80 59.04 48.45
N SER M 49 -28.79 58.06 47.53
CA SER M 49 -27.96 56.88 47.72
C SER M 49 -26.50 57.13 47.36
N SER M 50 -26.23 58.09 46.48
CA SER M 50 -24.87 58.44 46.11
C SER M 50 -24.26 59.50 47.01
N GLY M 51 -25.05 60.16 47.85
CA GLY M 51 -24.55 61.20 48.71
C GLY M 51 -24.16 62.48 48.00
N LEU M 52 -24.36 62.56 46.69
CA LEU M 52 -23.99 63.75 45.92
C LEU M 52 -25.03 64.85 46.13
N VAL M 53 -24.58 66.01 46.58
CA VAL M 53 -25.43 67.17 46.83
C VAL M 53 -25.22 68.18 45.73
N TRP M 54 -26.31 68.66 45.13
CA TRP M 54 -26.24 69.58 44.01
C TRP M 54 -26.26 71.01 44.53
N THR M 55 -25.19 71.76 44.27
CA THR M 55 -25.09 73.17 44.61
C THR M 55 -25.23 73.97 43.32
N SER M 56 -26.09 75.00 43.37
CA SER M 56 -26.42 75.80 42.19
C SER M 56 -25.55 77.05 42.20
N GLY M 57 -24.33 76.90 41.70
CA GLY M 57 -23.40 78.00 41.58
C GLY M 57 -23.91 79.04 40.60
N PRO M 58 -23.24 80.20 40.55
CA PRO M 58 -23.69 81.28 39.66
C PRO M 58 -23.51 80.88 38.20
N ALA M 59 -24.60 80.89 37.44
CA ALA M 59 -25.92 81.23 37.96
C ALA M 59 -26.97 80.26 37.45
N GLY M 60 -26.84 79.86 36.19
CA GLY M 60 -27.77 78.93 35.58
C GLY M 60 -27.27 77.50 35.57
N GLU M 61 -26.00 77.31 35.93
CA GLU M 61 -25.44 75.97 36.02
C GLU M 61 -25.31 75.53 37.47
N GLY M 62 -24.33 74.66 37.74
CA GLY M 62 -24.15 74.14 39.08
C GLY M 62 -23.23 72.93 39.04
N SER M 63 -23.13 72.26 40.19
CA SER M 63 -22.23 71.12 40.27
C SER M 63 -22.58 70.27 41.48
N TYR M 64 -22.15 69.02 41.42
CA TYR M 64 -22.27 68.11 42.57
C TYR M 64 -21.05 68.26 43.47
N SER M 65 -21.28 68.17 44.77
CA SER M 65 -20.22 68.29 45.77
C SER M 65 -19.71 66.90 46.10
N ILE M 66 -18.48 66.60 45.69
CA ILE M 66 -17.89 65.28 45.88
C ILE M 66 -17.27 65.22 47.28
N THR M 67 -17.70 64.25 48.07
CA THR M 67 -17.21 64.06 49.43
C THR M 67 -16.28 62.87 49.57
N THR M 68 -16.46 61.83 48.76
CA THR M 68 -15.58 60.69 48.68
C THR M 68 -15.39 60.32 47.23
N PRO M 69 -14.24 59.75 46.86
CA PRO M 69 -14.01 59.43 45.43
C PRO M 69 -14.85 58.27 44.93
N SER M 70 -15.38 57.42 45.81
CA SER M 70 -16.24 56.32 45.38
C SER M 70 -17.40 56.83 44.54
N GLN M 71 -17.93 58.00 44.88
CA GLN M 71 -19.05 58.58 44.15
C GLN M 71 -18.76 58.74 42.66
N PHE M 72 -17.48 58.73 42.26
CA PHE M 72 -17.16 58.84 40.84
C PHE M 72 -17.77 57.71 40.03
N VAL M 73 -17.94 56.53 40.65
CA VAL M 73 -18.58 55.42 39.95
C VAL M 73 -20.00 55.81 39.52
N PHE M 74 -20.70 56.57 40.37
CA PHE M 74 -22.04 57.04 40.02
C PHE M 74 -22.03 58.00 38.84
N LEU M 75 -20.89 58.61 38.53
CA LEU M 75 -20.79 59.60 37.46
C LEU M 75 -20.14 59.06 36.21
N SER M 76 -20.00 57.74 36.10
CA SER M 76 -19.39 57.13 34.94
C SER M 76 -20.45 56.79 33.89
N SER M 77 -20.01 56.15 32.81
CA SER M 77 -20.91 55.66 31.76
C SER M 77 -21.48 54.32 32.21
N ALA M 78 -22.51 54.41 33.07
CA ALA M 78 -23.05 53.22 33.72
C ALA M 78 -24.56 53.37 33.93
N TRP M 79 -25.25 53.96 32.97
CA TRP M 79 -26.69 54.17 33.08
C TRP M 79 -27.37 53.84 31.76
N ALA M 80 -28.52 53.17 31.85
CA ALA M 80 -29.26 52.76 30.68
C ALA M 80 -30.75 53.07 30.89
N ASP M 81 -31.44 53.34 29.79
CA ASP M 81 -32.87 53.58 29.85
C ASP M 81 -33.59 52.29 30.23
N PRO M 82 -34.52 52.32 31.18
CA PRO M 82 -35.18 51.07 31.59
C PRO M 82 -35.96 50.42 30.47
N ILE M 83 -36.73 51.20 29.70
CA ILE M 83 -37.50 50.63 28.60
C ILE M 83 -36.57 50.07 27.53
N GLU M 84 -35.52 50.81 27.19
CA GLU M 84 -34.56 50.31 26.21
C GLU M 84 -33.92 49.01 26.68
N LEU M 85 -33.58 48.93 27.96
CA LEU M 85 -32.91 47.74 28.47
C LEU M 85 -33.83 46.52 28.48
N ILE M 86 -35.08 46.71 28.92
CA ILE M 86 -36.00 45.58 28.95
C ILE M 86 -36.40 45.16 27.53
N ASN M 87 -36.49 46.12 26.60
CA ASN M 87 -36.73 45.76 25.21
C ASN M 87 -35.55 45.00 24.63
N LEU M 88 -34.33 45.40 25.00
CA LEU M 88 -33.14 44.68 24.57
C LEU M 88 -33.17 43.24 25.08
N CYS M 89 -33.57 43.05 26.34
CA CYS M 89 -33.70 41.70 26.89
C CYS M 89 -34.74 40.90 26.12
N THR M 90 -35.90 41.49 25.88
CA THR M 90 -36.97 40.81 25.14
C THR M 90 -36.49 40.37 23.77
N ASN M 91 -35.88 41.28 23.01
CA ASN M 91 -35.43 40.94 21.67
C ASN M 91 -34.25 39.97 21.69
N ALA M 92 -33.41 40.03 22.73
CA ALA M 92 -32.28 39.12 22.83
C ALA M 92 -32.75 37.70 23.10
N LEU M 93 -33.83 37.53 23.87
CA LEU M 93 -34.32 36.18 24.13
C LEU M 93 -34.76 35.45 22.86
N GLY M 94 -34.95 36.17 21.76
CA GLY M 94 -35.33 35.56 20.50
C GLY M 94 -34.22 35.50 19.48
N ASN M 95 -33.03 35.09 19.91
CA ASN M 95 -31.86 35.01 19.05
C ASN M 95 -31.38 33.57 18.94
N GLN M 96 -30.59 33.31 17.89
CA GLN M 96 -29.98 32.00 17.68
C GLN M 96 -28.61 32.01 18.34
N PHE M 97 -28.61 31.76 19.65
CA PHE M 97 -27.38 31.77 20.43
C PHE M 97 -26.51 30.54 20.20
N GLN M 98 -26.98 29.56 19.42
CA GLN M 98 -26.09 28.49 18.97
C GLN M 98 -24.98 29.03 18.08
N THR M 99 -25.21 30.16 17.43
CA THR M 99 -24.21 30.79 16.58
C THR M 99 -23.35 31.76 17.39
N GLN M 100 -22.07 31.85 17.03
CA GLN M 100 -21.18 32.80 17.68
C GLN M 100 -21.54 34.23 17.34
N HIS M 101 -22.06 34.46 16.12
CA HIS M 101 -22.37 35.82 15.67
C HIS M 101 -23.41 36.48 16.56
N ALA M 102 -24.50 35.77 16.85
CA ALA M 102 -25.54 36.32 17.70
C ALA M 102 -25.02 36.62 19.10
N ARG M 103 -24.18 35.72 19.64
CA ARG M 103 -23.58 35.95 20.95
C ARG M 103 -22.77 37.24 20.94
N THR M 104 -21.88 37.40 19.95
CA THR M 104 -21.09 38.62 19.85
C THR M 104 -21.96 39.86 19.76
N VAL M 105 -22.99 39.81 18.91
CA VAL M 105 -23.81 40.99 18.66
C VAL M 105 -24.56 41.40 19.92
N VAL M 106 -25.25 40.45 20.57
CA VAL M 106 -26.04 40.82 21.73
C VAL M 106 -25.14 41.13 22.93
N GLN M 107 -23.93 40.55 22.96
CA GLN M 107 -22.97 40.94 24.00
C GLN M 107 -22.57 42.39 23.83
N ARG M 108 -22.25 42.80 22.60
CA ARG M 108 -21.94 44.21 22.36
C ARG M 108 -23.13 45.10 22.67
N GLN M 109 -24.35 44.61 22.41
CA GLN M 109 -25.55 45.40 22.71
C GLN M 109 -25.71 45.60 24.21
N PHE M 110 -25.53 44.55 25.00
CA PHE M 110 -25.60 44.68 26.46
C PHE M 110 -24.43 45.45 27.02
N SER M 111 -23.32 45.55 26.28
CA SER M 111 -22.17 46.30 26.76
C SER M 111 -22.30 47.79 26.47
N GLU M 112 -22.90 48.15 25.33
CA GLU M 112 -22.99 49.54 24.91
C GLU M 112 -24.23 50.25 25.44
N VAL M 113 -25.17 49.52 26.05
CA VAL M 113 -26.39 50.16 26.53
C VAL M 113 -26.14 51.08 27.72
N TRP M 114 -25.00 50.94 28.40
CA TRP M 114 -24.69 51.75 29.57
C TRP M 114 -24.03 53.04 29.11
N LYS M 115 -24.75 54.15 29.21
CA LYS M 115 -24.29 55.47 28.81
C LYS M 115 -24.25 56.39 30.03
N PRO M 116 -23.54 57.50 29.96
CA PRO M 116 -23.54 58.44 31.08
C PRO M 116 -24.76 59.35 31.08
N SER M 117 -25.22 59.67 32.27
CA SER M 117 -26.30 60.66 32.42
C SER M 117 -25.92 61.68 33.48
N PRO M 118 -25.63 61.29 34.73
CA PRO M 118 -25.19 62.29 35.71
C PRO M 118 -23.68 62.51 35.61
N GLN M 119 -23.29 63.78 35.67
CA GLN M 119 -21.89 64.16 35.62
C GLN M 119 -21.61 65.18 36.73
N VAL M 120 -20.34 65.59 36.83
CA VAL M 120 -19.95 66.54 37.87
C VAL M 120 -20.66 67.88 37.66
N THR M 121 -20.82 68.29 36.39
CA THR M 121 -21.48 69.54 36.05
C THR M 121 -22.84 69.33 35.40
N VAL M 122 -23.33 68.09 35.38
CA VAL M 122 -24.61 67.75 34.76
C VAL M 122 -25.42 67.00 35.81
N ARG M 123 -26.52 67.61 36.25
CA ARG M 123 -27.36 66.99 37.27
C ARG M 123 -28.16 65.83 36.68
N PHE M 124 -28.50 64.88 37.55
CA PHE M 124 -29.37 63.78 37.15
C PHE M 124 -30.63 64.33 36.48
N PRO M 125 -31.14 63.67 35.44
CA PRO M 125 -32.33 64.19 34.74
C PRO M 125 -33.48 64.41 35.71
N ASP M 126 -34.31 65.42 35.37
CA ASP M 126 -35.31 65.90 36.32
C ASP M 126 -36.37 64.85 36.61
N SER M 127 -36.92 64.22 35.57
CA SER M 127 -38.04 63.32 35.72
C SER M 127 -37.80 61.89 35.24
N ASP M 128 -36.79 61.65 34.41
CA ASP M 128 -36.57 60.33 33.87
C ASP M 128 -35.97 59.40 34.93
N PHE M 129 -36.02 58.10 34.62
CA PHE M 129 -35.38 57.06 35.42
C PHE M 129 -34.20 56.47 34.67
N LYS M 130 -33.23 55.97 35.43
CA LYS M 130 -32.03 55.37 34.86
C LYS M 130 -31.69 54.09 35.63
N VAL M 131 -31.05 53.16 34.94
CA VAL M 131 -30.67 51.87 35.52
C VAL M 131 -29.18 51.90 35.81
N TYR M 132 -28.81 51.57 37.05
CA TYR M 132 -27.44 51.68 37.51
C TYR M 132 -26.70 50.38 37.23
N ARG M 133 -25.64 50.46 36.41
CA ARG M 133 -24.88 49.27 36.04
C ARG M 133 -24.27 48.60 37.27
N TYR M 134 -23.89 49.38 38.28
CA TYR M 134 -23.20 48.86 39.45
C TYR M 134 -24.08 48.86 40.69
N ASN M 135 -25.40 48.72 40.50
CA ASN M 135 -26.30 48.48 41.61
C ASN M 135 -25.95 47.17 42.29
N ALA M 136 -26.10 47.12 43.61
CA ALA M 136 -25.66 45.97 44.39
C ALA M 136 -26.32 44.68 43.94
N VAL M 137 -27.54 44.76 43.40
CA VAL M 137 -28.26 43.57 42.96
C VAL M 137 -28.02 43.29 41.48
N LEU M 138 -28.06 44.32 40.65
CA LEU M 138 -27.92 44.14 39.20
C LEU M 138 -26.49 43.89 38.75
N ASP M 139 -25.50 44.33 39.52
CA ASP M 139 -24.10 44.17 39.10
C ASP M 139 -23.72 42.72 38.84
N PRO M 140 -23.94 41.77 39.77
CA PRO M 140 -23.53 40.38 39.48
C PRO M 140 -24.30 39.78 38.31
N LEU M 141 -25.59 40.12 38.18
CA LEU M 141 -26.38 39.58 37.09
C LEU M 141 -25.89 40.07 35.74
N VAL M 142 -25.62 41.37 35.62
CA VAL M 142 -25.12 41.92 34.36
C VAL M 142 -23.73 41.37 34.05
N THR M 143 -22.89 41.22 35.08
CA THR M 143 -21.56 40.66 34.87
C THR M 143 -21.64 39.22 34.37
N ALA M 144 -22.47 38.40 35.01
CA ALA M 144 -22.63 37.02 34.59
C ALA M 144 -23.23 36.93 33.19
N LEU M 145 -24.14 37.85 32.86
CA LEU M 145 -24.71 37.87 31.51
C LEU M 145 -23.65 38.17 30.47
N LEU M 146 -22.84 39.22 30.70
CA LEU M 146 -21.77 39.54 29.76
C LEU M 146 -20.75 38.41 29.66
N GLY M 147 -20.51 37.70 30.78
CA GLY M 147 -19.59 36.58 30.75
C GLY M 147 -20.13 35.33 30.09
N ALA M 148 -21.46 35.17 30.05
CA ALA M 148 -22.05 33.98 29.44
C ALA M 148 -21.82 33.95 27.93
N PHE M 149 -21.71 35.13 27.30
CA PHE M 149 -21.45 35.18 25.87
C PHE M 149 -20.01 34.81 25.54
N ASP M 150 -19.12 34.80 26.53
CA ASP M 150 -17.70 34.55 26.29
C ASP M 150 -17.44 33.04 26.23
N THR M 151 -17.93 32.45 25.13
CA THR M 151 -17.72 31.03 24.88
C THR M 151 -17.65 30.83 23.37
N ARG M 152 -16.50 30.39 22.87
CA ARG M 152 -16.29 30.19 21.45
C ARG M 152 -15.99 28.73 21.17
N ASN M 153 -15.99 28.38 19.89
CA ASN M 153 -15.69 27.02 19.46
C ASN M 153 -14.49 26.98 18.53
N ARG N 14 -31.53 -16.76 -6.34
CA ARG N 14 -31.97 -17.95 -5.63
C ARG N 14 -33.49 -17.95 -5.41
N ARG N 15 -34.10 -16.79 -5.56
CA ARG N 15 -35.55 -16.65 -5.45
C ARG N 15 -36.28 -16.84 -6.77
N VAL N 16 -35.57 -16.72 -7.89
CA VAL N 16 -36.21 -16.89 -9.20
C VAL N 16 -36.67 -18.32 -9.39
N ASP N 17 -35.93 -19.29 -8.85
CA ASP N 17 -36.36 -20.68 -8.95
C ASP N 17 -37.68 -20.90 -8.21
N ASP N 18 -37.78 -20.36 -6.99
CA ASP N 18 -39.02 -20.46 -6.24
C ASP N 18 -40.17 -19.77 -6.97
N ALA N 19 -39.91 -18.60 -7.55
CA ALA N 19 -40.93 -17.91 -8.33
C ALA N 19 -41.39 -18.75 -9.51
N THR N 20 -40.44 -19.38 -10.22
CA THR N 20 -40.79 -20.22 -11.36
C THR N 20 -41.67 -21.39 -10.92
N VAL N 21 -41.27 -22.07 -9.82
CA VAL N 21 -42.04 -23.22 -9.36
C VAL N 21 -43.45 -22.80 -8.95
N ALA N 22 -43.57 -21.67 -8.26
CA ALA N 22 -44.89 -21.20 -7.84
C ALA N 22 -45.76 -20.85 -9.04
N ILE N 23 -45.18 -20.17 -10.03
CA ILE N 23 -45.92 -19.85 -11.25
C ILE N 23 -46.43 -21.11 -11.93
N ARG N 24 -45.55 -22.10 -12.09
CA ARG N 24 -45.94 -23.35 -12.74
C ARG N 24 -47.04 -24.06 -11.97
N SER N 25 -46.94 -24.06 -10.63
CA SER N 25 -47.99 -24.71 -9.84
C SER N 25 -49.32 -24.00 -9.99
N ALA N 26 -49.32 -22.66 -9.99
CA ALA N 26 -50.58 -21.94 -10.14
C ALA N 26 -51.19 -22.19 -11.52
N ILE N 27 -50.36 -22.20 -12.56
CA ILE N 27 -50.88 -22.47 -13.90
C ILE N 27 -51.46 -23.87 -13.97
N ASN N 28 -50.77 -24.85 -13.37
CA ASN N 28 -51.26 -26.22 -13.40
C ASN N 28 -52.57 -26.37 -12.65
N ASN N 29 -52.72 -25.68 -11.52
CA ASN N 29 -53.98 -25.77 -10.76
C ASN N 29 -55.13 -25.13 -11.54
N LEU N 30 -54.89 -23.95 -12.12
CA LEU N 30 -55.91 -23.32 -12.96
C LEU N 30 -56.29 -24.23 -14.12
N ILE N 31 -55.30 -24.90 -14.73
CA ILE N 31 -55.58 -25.82 -15.84
C ILE N 31 -56.42 -26.99 -15.35
N VAL N 32 -56.08 -27.54 -14.19
CA VAL N 32 -56.84 -28.67 -13.65
C VAL N 32 -58.30 -28.29 -13.49
N GLU N 33 -58.57 -27.09 -12.96
CA GLU N 33 -59.96 -26.71 -12.79
C GLU N 33 -60.65 -26.29 -14.09
N LEU N 34 -59.89 -25.76 -15.06
CA LEU N 34 -60.50 -25.40 -16.34
C LEU N 34 -60.83 -26.63 -17.17
N ILE N 35 -60.07 -27.73 -17.01
CA ILE N 35 -60.34 -28.95 -17.75
C ILE N 35 -61.72 -29.50 -17.37
N ARG N 36 -62.05 -29.47 -16.08
CA ARG N 36 -63.35 -29.91 -15.60
C ARG N 36 -64.48 -28.97 -16.03
N GLY N 37 -64.16 -27.82 -16.60
CA GLY N 37 -65.17 -26.89 -17.04
C GLY N 37 -65.76 -26.00 -15.97
N THR N 38 -65.31 -26.12 -14.72
CA THR N 38 -65.88 -25.33 -13.64
C THR N 38 -65.63 -23.85 -13.85
N GLY N 39 -66.59 -23.04 -13.42
CA GLY N 39 -66.53 -21.61 -13.63
C GLY N 39 -66.97 -21.14 -14.99
N SER N 40 -67.55 -22.01 -15.81
CA SER N 40 -68.03 -21.66 -17.13
C SER N 40 -69.55 -21.56 -17.11
N TYR N 41 -70.07 -20.48 -17.68
CA TYR N 41 -71.50 -20.19 -17.64
C TYR N 41 -72.04 -19.96 -19.03
N ASN N 42 -73.25 -20.47 -19.27
CA ASN N 42 -74.05 -20.06 -20.41
C ASN N 42 -75.11 -19.07 -19.92
N ARG N 43 -76.03 -18.69 -20.81
CA ARG N 43 -77.06 -17.73 -20.40
C ARG N 43 -77.92 -18.30 -19.27
N SER N 44 -78.30 -19.57 -19.37
CA SER N 44 -79.15 -20.18 -18.35
C SER N 44 -78.47 -20.17 -16.98
N SER N 45 -77.26 -20.73 -16.91
CA SER N 45 -76.56 -20.82 -15.63
C SER N 45 -76.23 -19.45 -15.06
N PHE N 46 -75.85 -18.51 -15.94
CA PHE N 46 -75.55 -17.15 -15.49
C PHE N 46 -76.79 -16.51 -14.87
N GLU N 47 -77.90 -16.48 -15.62
CA GLU N 47 -79.10 -15.85 -15.11
C GLU N 47 -79.71 -16.59 -13.93
N SER N 48 -79.38 -17.87 -13.75
CA SER N 48 -79.88 -18.61 -12.60
C SER N 48 -79.06 -18.34 -11.35
N SER N 49 -77.73 -18.40 -11.47
CA SER N 49 -76.88 -18.27 -10.30
C SER N 49 -76.68 -16.82 -9.87
N SER N 50 -76.80 -15.87 -10.79
CA SER N 50 -76.66 -14.46 -10.46
C SER N 50 -77.95 -13.81 -10.01
N GLY N 51 -79.09 -14.48 -10.19
CA GLY N 51 -80.38 -13.91 -9.82
C GLY N 51 -80.85 -12.79 -10.71
N LEU N 52 -80.10 -12.45 -11.77
CA LEU N 52 -80.50 -11.38 -12.67
C LEU N 52 -81.56 -11.89 -13.63
N VAL N 53 -82.71 -11.22 -13.66
CA VAL N 53 -83.83 -11.57 -14.52
C VAL N 53 -83.90 -10.56 -15.65
N TRP N 54 -83.96 -11.07 -16.88
CA TRP N 54 -83.96 -10.23 -18.07
C TRP N 54 -85.40 -9.93 -18.48
N THR N 55 -85.77 -8.65 -18.46
CA THR N 55 -87.07 -8.21 -18.94
C THR N 55 -86.88 -7.52 -20.28
N SER N 56 -87.72 -7.87 -21.25
CA SER N 56 -87.59 -7.38 -22.62
C SER N 56 -88.47 -6.15 -22.78
N GLY N 57 -87.94 -5.01 -22.34
CA GLY N 57 -88.60 -3.73 -22.47
C GLY N 57 -88.81 -3.33 -23.91
N PRO N 58 -89.56 -2.25 -24.13
CA PRO N 58 -89.87 -1.81 -25.50
C PRO N 58 -88.60 -1.35 -26.21
N ALA N 59 -88.29 -1.99 -27.33
CA ALA N 59 -89.09 -3.10 -27.86
C ALA N 59 -88.21 -4.26 -28.30
N GLY N 60 -87.07 -3.92 -28.91
CA GLY N 60 -86.13 -4.92 -29.36
C GLY N 60 -84.99 -5.15 -28.39
N GLU N 61 -84.89 -4.28 -27.38
CA GLU N 61 -83.87 -4.43 -26.34
C GLU N 61 -84.47 -4.94 -25.05
N GLY N 62 -83.85 -4.56 -23.93
CA GLY N 62 -84.30 -5.02 -22.63
C GLY N 62 -83.23 -4.71 -21.60
N SER N 63 -83.43 -5.25 -20.40
CA SER N 63 -82.49 -4.98 -19.32
C SER N 63 -82.65 -6.03 -18.23
N TYR N 64 -81.59 -6.17 -17.42
CA TYR N 64 -81.61 -7.01 -16.25
C TYR N 64 -82.15 -6.23 -15.06
N SER N 65 -82.93 -6.90 -14.21
CA SER N 65 -83.49 -6.28 -13.02
C SER N 65 -82.58 -6.55 -11.84
N ILE N 66 -81.92 -5.52 -11.34
CA ILE N 66 -80.98 -5.65 -10.23
C ILE N 66 -81.76 -5.57 -8.92
N THR N 67 -81.64 -6.60 -8.09
CA THR N 67 -82.33 -6.66 -6.82
C THR N 67 -81.43 -6.47 -5.61
N THR N 68 -80.15 -6.82 -5.72
CA THR N 68 -79.15 -6.58 -4.70
C THR N 68 -77.88 -6.11 -5.38
N PRO N 69 -77.07 -5.30 -4.68
CA PRO N 69 -75.86 -4.77 -5.33
C PRO N 69 -74.79 -5.80 -5.61
N SER N 70 -74.82 -6.96 -4.94
CA SER N 70 -73.84 -8.01 -5.20
C SER N 70 -73.85 -8.40 -6.68
N GLN N 71 -75.03 -8.41 -7.30
CA GLN N 71 -75.15 -8.76 -8.71
C GLN N 71 -74.26 -7.91 -9.62
N PHE N 72 -73.85 -6.72 -9.16
CA PHE N 72 -72.99 -5.88 -9.97
C PHE N 72 -71.68 -6.59 -10.32
N VAL N 73 -71.20 -7.47 -9.43
CA VAL N 73 -69.98 -8.22 -9.73
C VAL N 73 -70.15 -9.05 -11.00
N PHE N 74 -71.35 -9.60 -11.20
CA PHE N 74 -71.60 -10.38 -12.42
C PHE N 74 -71.58 -9.52 -13.68
N LEU N 75 -71.74 -8.21 -13.54
CA LEU N 75 -71.81 -7.32 -14.71
C LEU N 75 -70.53 -6.53 -14.92
N SER N 76 -69.44 -6.92 -14.27
CA SER N 76 -68.16 -6.24 -14.42
C SER N 76 -67.33 -6.91 -15.52
N SER N 77 -66.11 -6.43 -15.69
CA SER N 77 -65.16 -6.99 -16.65
C SER N 77 -64.51 -8.22 -16.01
N ALA N 78 -65.24 -9.35 -16.07
CA ALA N 78 -64.82 -10.55 -15.36
C ALA N 78 -65.22 -11.79 -16.12
N TRP N 79 -65.11 -11.75 -17.46
CA TRP N 79 -65.48 -12.88 -18.29
C TRP N 79 -64.46 -13.08 -19.39
N ALA N 80 -64.11 -14.34 -19.64
CA ALA N 80 -63.13 -14.70 -20.66
C ALA N 80 -63.64 -15.88 -21.47
N ASP N 81 -63.23 -15.94 -22.73
CA ASP N 81 -63.58 -17.06 -23.58
C ASP N 81 -62.86 -18.32 -23.10
N PRO N 82 -63.57 -19.45 -22.97
CA PRO N 82 -62.91 -20.65 -22.44
C PRO N 82 -61.75 -21.14 -23.31
N ILE N 83 -61.94 -21.18 -24.62
CA ILE N 83 -60.88 -21.67 -25.51
C ILE N 83 -59.68 -20.72 -25.45
N GLU N 84 -59.94 -19.41 -25.47
CA GLU N 84 -58.85 -18.44 -25.37
C GLU N 84 -58.08 -18.60 -24.07
N LEU N 85 -58.79 -18.84 -22.97
CA LEU N 85 -58.13 -18.95 -21.67
C LEU N 85 -57.29 -20.22 -21.57
N ILE N 86 -57.84 -21.36 -22.04
CA ILE N 86 -57.07 -22.59 -21.96
C ILE N 86 -55.90 -22.56 -22.93
N ASN N 87 -56.05 -21.90 -24.09
CA ASN N 87 -54.90 -21.72 -24.98
C ASN N 87 -53.85 -20.83 -24.35
N LEU N 88 -54.28 -19.79 -23.63
CA LEU N 88 -53.33 -18.94 -22.90
C LEU N 88 -52.55 -19.76 -21.88
N CYS N 89 -53.24 -20.64 -21.15
CA CYS N 89 -52.55 -21.51 -20.19
C CYS N 89 -51.55 -22.41 -20.90
N THR N 90 -51.98 -23.05 -22.00
CA THR N 90 -51.10 -23.95 -22.75
C THR N 90 -49.83 -23.23 -23.20
N ASN N 91 -49.99 -22.05 -23.82
CA ASN N 91 -48.82 -21.32 -24.31
C ASN N 91 -47.99 -20.75 -23.17
N ALA N 92 -48.62 -20.41 -22.04
CA ALA N 92 -47.87 -19.87 -20.91
C ALA N 92 -46.99 -20.93 -20.27
N LEU N 93 -47.44 -22.18 -20.25
CA LEU N 93 -46.61 -23.23 -19.66
C LEU N 93 -45.30 -23.44 -20.41
N GLY N 94 -45.18 -22.91 -21.63
CA GLY N 94 -43.94 -23.04 -22.37
C GLY N 94 -43.14 -21.76 -22.46
N ASN N 95 -42.99 -21.06 -21.34
CA ASN N 95 -42.26 -19.80 -21.29
C ASN N 95 -41.06 -19.93 -20.36
N GLN N 96 -40.11 -19.00 -20.54
CA GLN N 96 -38.91 -18.95 -19.69
C GLN N 96 -39.21 -18.02 -18.52
N PHE N 97 -39.85 -18.59 -17.50
CA PHE N 97 -40.22 -17.82 -16.32
C PHE N 97 -39.05 -17.48 -15.42
N GLN N 98 -37.85 -17.98 -15.72
CA GLN N 98 -36.65 -17.48 -15.06
C GLN N 98 -36.41 -16.01 -15.38
N THR N 99 -36.92 -15.53 -16.51
CA THR N 99 -36.80 -14.13 -16.89
C THR N 99 -37.95 -13.31 -16.33
N GLN N 100 -37.64 -12.06 -15.97
CA GLN N 100 -38.67 -11.14 -15.50
C GLN N 100 -39.63 -10.76 -16.62
N HIS N 101 -39.13 -10.71 -17.86
CA HIS N 101 -39.93 -10.27 -18.99
C HIS N 101 -41.12 -11.21 -19.21
N ALA N 102 -40.87 -12.52 -19.23
CA ALA N 102 -41.94 -13.48 -19.43
C ALA N 102 -42.97 -13.40 -18.30
N ARG N 103 -42.50 -13.25 -17.06
CA ARG N 103 -43.41 -13.12 -15.93
C ARG N 103 -44.33 -11.92 -16.11
N THR N 104 -43.76 -10.75 -16.41
CA THR N 104 -44.56 -9.54 -16.62
C THR N 104 -45.56 -9.74 -17.76
N VAL N 105 -45.10 -10.29 -18.88
CA VAL N 105 -45.95 -10.40 -20.06
C VAL N 105 -47.13 -11.34 -19.79
N VAL N 106 -46.85 -12.53 -19.26
CA VAL N 106 -47.95 -13.47 -19.04
C VAL N 106 -48.83 -13.04 -17.87
N GLN N 107 -48.31 -12.26 -16.91
CA GLN N 107 -49.17 -11.69 -15.89
C GLN N 107 -50.16 -10.72 -16.51
N ARG N 108 -49.67 -9.83 -17.36
CA ARG N 108 -50.57 -8.91 -18.06
C ARG N 108 -51.56 -9.67 -18.93
N GLN N 109 -51.13 -10.79 -19.53
CA GLN N 109 -52.03 -11.58 -20.35
C GLN N 109 -53.15 -12.22 -19.52
N PHE N 110 -52.81 -12.78 -18.36
CA PHE N 110 -53.83 -13.34 -17.48
C PHE N 110 -54.69 -12.26 -16.84
N SER N 111 -54.21 -11.02 -16.78
CA SER N 111 -55.01 -9.94 -16.22
C SER N 111 -55.97 -9.35 -17.24
N GLU N 112 -55.55 -9.28 -18.50
CA GLU N 112 -56.36 -8.65 -19.54
C GLU N 112 -57.33 -9.61 -20.22
N VAL N 113 -57.24 -10.91 -19.95
CA VAL N 113 -58.13 -11.87 -20.60
C VAL N 113 -59.56 -11.71 -20.10
N TRP N 114 -59.77 -11.05 -18.97
CA TRP N 114 -61.10 -10.88 -18.38
C TRP N 114 -61.73 -9.62 -18.97
N LYS N 115 -62.72 -9.81 -19.83
CA LYS N 115 -63.46 -8.74 -20.48
C LYS N 115 -64.91 -8.77 -20.05
N PRO N 116 -65.65 -7.68 -20.24
CA PRO N 116 -67.08 -7.69 -19.92
C PRO N 116 -67.91 -8.32 -21.02
N SER N 117 -68.97 -9.00 -20.61
CA SER N 117 -69.93 -9.54 -21.57
C SER N 117 -71.36 -9.19 -21.15
N PRO N 118 -71.84 -9.58 -19.96
CA PRO N 118 -73.18 -9.16 -19.55
C PRO N 118 -73.14 -7.79 -18.89
N GLN N 119 -74.12 -6.97 -19.24
CA GLN N 119 -74.26 -5.63 -18.68
C GLN N 119 -75.73 -5.43 -18.28
N VAL N 120 -76.00 -4.26 -17.71
CA VAL N 120 -77.36 -3.96 -17.26
C VAL N 120 -78.32 -3.93 -18.45
N THR N 121 -77.86 -3.42 -19.59
CA THR N 121 -78.67 -3.34 -20.80
C THR N 121 -78.22 -4.29 -21.88
N VAL N 122 -77.29 -5.19 -21.58
CA VAL N 122 -76.77 -6.16 -22.55
C VAL N 122 -76.90 -7.54 -21.93
N ARG N 123 -77.73 -8.38 -22.53
CA ARG N 123 -77.97 -9.72 -22.00
C ARG N 123 -76.78 -10.63 -22.26
N PHE N 124 -76.62 -11.62 -21.39
CA PHE N 124 -75.61 -12.66 -21.58
C PHE N 124 -75.76 -13.27 -22.97
N PRO N 125 -74.66 -13.59 -23.66
CA PRO N 125 -74.76 -14.15 -25.01
C PRO N 125 -75.64 -15.39 -25.03
N ASP N 126 -76.32 -15.57 -26.17
CA ASP N 126 -77.38 -16.57 -26.27
C ASP N 126 -76.84 -17.99 -26.15
N SER N 127 -75.77 -18.30 -26.89
CA SER N 127 -75.26 -19.66 -26.96
C SER N 127 -73.82 -19.82 -26.52
N ASP N 128 -73.04 -18.75 -26.45
CA ASP N 128 -71.64 -18.87 -26.09
C ASP N 128 -71.48 -19.17 -24.60
N PHE N 129 -70.28 -19.60 -24.24
CA PHE N 129 -69.91 -19.81 -22.84
C PHE N 129 -68.86 -18.78 -22.43
N LYS N 130 -68.84 -18.47 -21.14
CA LYS N 130 -67.91 -17.50 -20.59
C LYS N 130 -67.37 -18.01 -19.27
N VAL N 131 -66.15 -17.58 -18.93
CA VAL N 131 -65.46 -17.99 -17.71
C VAL N 131 -65.53 -16.85 -16.71
N TYR N 132 -66.01 -17.13 -15.50
CA TYR N 132 -66.28 -16.11 -14.50
C TYR N 132 -65.03 -15.91 -13.64
N ARG N 133 -64.50 -14.68 -13.66
CA ARG N 133 -63.29 -14.37 -12.89
C ARG N 133 -63.49 -14.61 -11.39
N TYR N 134 -64.69 -14.36 -10.88
CA TYR N 134 -64.97 -14.46 -9.45
C TYR N 134 -65.84 -15.67 -9.11
N ASN N 135 -65.74 -16.73 -9.91
CA ASN N 135 -66.34 -18.00 -9.55
C ASN N 135 -65.71 -18.53 -8.27
N ALA N 136 -66.52 -19.20 -7.44
CA ALA N 136 -66.07 -19.60 -6.11
C ALA N 136 -64.84 -20.50 -6.17
N VAL N 137 -64.66 -21.25 -7.25
CA VAL N 137 -63.51 -22.14 -7.38
C VAL N 137 -62.36 -21.46 -8.12
N LEU N 138 -62.65 -20.72 -9.18
CA LEU N 138 -61.62 -20.11 -10.00
C LEU N 138 -61.01 -18.87 -9.36
N ASP N 139 -61.74 -18.19 -8.49
CA ASP N 139 -61.24 -16.94 -7.90
C ASP N 139 -59.92 -17.13 -7.16
N PRO N 140 -59.78 -18.07 -6.20
CA PRO N 140 -58.49 -18.19 -5.51
C PRO N 140 -57.37 -18.64 -6.43
N LEU N 141 -57.66 -19.50 -7.41
CA LEU N 141 -56.62 -19.96 -8.33
C LEU N 141 -56.11 -18.82 -9.20
N VAL N 142 -57.01 -18.01 -9.75
CA VAL N 142 -56.59 -16.88 -10.58
C VAL N 142 -55.85 -15.85 -9.74
N THR N 143 -56.31 -15.63 -8.50
CA THR N 143 -55.62 -14.68 -7.62
C THR N 143 -54.20 -15.14 -7.31
N ALA N 144 -54.04 -16.42 -6.94
CA ALA N 144 -52.72 -16.95 -6.65
C ALA N 144 -51.84 -16.93 -7.89
N LEU N 145 -52.42 -17.18 -9.06
CA LEU N 145 -51.66 -17.13 -10.30
C LEU N 145 -51.13 -15.72 -10.56
N LEU N 146 -52.01 -14.73 -10.48
CA LEU N 146 -51.58 -13.34 -10.69
C LEU N 146 -50.56 -12.91 -9.63
N GLY N 147 -50.69 -13.41 -8.40
CA GLY N 147 -49.75 -13.06 -7.35
C GLY N 147 -48.40 -13.75 -7.46
N ALA N 148 -48.35 -14.91 -8.12
CA ALA N 148 -47.08 -15.63 -8.23
C ALA N 148 -46.07 -14.89 -9.10
N PHE N 149 -46.56 -14.09 -10.05
CA PHE N 149 -45.67 -13.32 -10.92
C PHE N 149 -44.99 -12.16 -10.21
N ASP N 150 -45.46 -11.77 -9.03
CA ASP N 150 -44.93 -10.61 -8.32
C ASP N 150 -43.67 -11.00 -7.55
N THR N 151 -42.61 -11.24 -8.31
CA THR N 151 -41.30 -11.55 -7.72
C THR N 151 -40.22 -10.98 -8.63
N ARG N 152 -39.48 -10.01 -8.11
CA ARG N 152 -38.41 -9.32 -8.84
C ARG N 152 -37.09 -9.50 -8.10
N ASN N 153 -36.02 -9.05 -8.76
CA ASN N 153 -34.68 -9.12 -8.17
C ASN N 153 -34.11 -7.71 -7.99
N ARG O 14 -8.71 24.21 25.65
CA ARG O 14 -9.28 23.98 26.97
C ARG O 14 -8.70 24.97 27.98
N ARG O 15 -7.62 25.64 27.59
CA ARG O 15 -7.01 26.66 28.42
C ARG O 15 -7.59 28.04 28.18
N VAL O 16 -8.26 28.25 27.05
CA VAL O 16 -8.87 29.55 26.77
C VAL O 16 -10.01 29.82 27.73
N ASP O 17 -10.75 28.79 28.14
CA ASP O 17 -11.83 28.98 29.10
C ASP O 17 -11.28 29.43 30.45
N ASP O 18 -10.22 28.78 30.93
CA ASP O 18 -9.59 29.20 32.17
C ASP O 18 -9.03 30.61 32.07
N ALA O 19 -8.42 30.94 30.93
CA ALA O 19 -7.91 32.29 30.72
C ALA O 19 -9.04 33.31 30.79
N THR O 20 -10.18 33.01 30.16
CA THR O 20 -11.32 33.91 30.20
C THR O 20 -11.83 34.09 31.63
N VAL O 21 -11.95 32.99 32.37
CA VAL O 21 -12.44 33.07 33.74
C VAL O 21 -11.49 33.90 34.61
N ALA O 22 -10.18 33.70 34.43
CA ALA O 22 -9.21 34.48 35.21
C ALA O 22 -9.28 35.96 34.86
N ILE O 23 -9.39 36.28 33.58
CA ILE O 23 -9.51 37.68 33.17
C ILE O 23 -10.74 38.31 33.78
N ARG O 24 -11.89 37.62 33.71
CA ARG O 24 -13.12 38.15 34.27
C ARG O 24 -13.00 38.34 35.78
N SER O 25 -12.37 37.38 36.46
CA SER O 25 -12.20 37.50 37.91
C SER O 25 -11.34 38.70 38.27
N ALA O 26 -10.25 38.91 37.53
CA ALA O 26 -9.38 40.05 37.81
C ALA O 26 -10.12 41.36 37.56
N ILE O 27 -10.90 41.42 36.48
CA ILE O 27 -11.67 42.63 36.19
C ILE O 27 -12.69 42.89 37.29
N ASN O 28 -13.36 41.83 37.77
CA ASN O 28 -14.36 41.99 38.81
C ASN O 28 -13.73 42.44 40.12
N ASN O 29 -12.56 41.92 40.47
CA ASN O 29 -11.90 42.36 41.70
C ASN O 29 -11.45 43.81 41.61
N LEU O 30 -10.86 44.18 40.47
CA LEU O 30 -10.49 45.58 40.27
C LEU O 30 -11.72 46.49 40.36
N ILE O 31 -12.85 46.06 39.79
CA ILE O 31 -14.07 46.84 39.85
C ILE O 31 -14.57 46.96 41.28
N VAL O 32 -14.52 45.86 42.04
CA VAL O 32 -14.95 45.88 43.43
C VAL O 32 -14.17 46.91 44.22
N GLU O 33 -12.84 46.95 44.02
CA GLU O 33 -12.05 47.92 44.79
C GLU O 33 -12.17 49.34 44.23
N LEU O 34 -12.42 49.51 42.93
CA LEU O 34 -12.60 50.85 42.39
C LEU O 34 -13.93 51.45 42.80
N ILE O 35 -14.95 50.61 43.01
CA ILE O 35 -16.26 51.09 43.43
C ILE O 35 -16.16 51.75 44.80
N ARG O 36 -15.40 51.14 45.71
CA ARG O 36 -15.21 51.70 47.05
C ARG O 36 -14.37 52.97 47.03
N GLY O 37 -13.79 53.34 45.88
CA GLY O 37 -13.01 54.55 45.77
C GLY O 37 -11.58 54.46 46.25
N THR O 38 -11.14 53.29 46.71
CA THR O 38 -9.79 53.15 47.23
C THR O 38 -8.76 53.36 46.12
N GLY O 39 -7.63 53.94 46.50
CA GLY O 39 -6.59 54.25 45.54
C GLY O 39 -6.77 55.54 44.77
N SER O 40 -7.74 56.38 45.14
CA SER O 40 -7.97 57.65 44.48
C SER O 40 -7.45 58.78 45.37
N TYR O 41 -6.69 59.70 44.76
CA TYR O 41 -6.03 60.76 45.51
C TYR O 41 -6.36 62.11 44.89
N ASN O 42 -6.59 63.10 45.75
CA ASN O 42 -6.59 64.49 45.36
C ASN O 42 -5.27 65.11 45.80
N ARG O 43 -5.13 66.44 45.65
CA ARG O 43 -3.89 67.10 46.04
C ARG O 43 -3.60 66.90 47.53
N SER O 44 -4.62 67.03 48.37
CA SER O 44 -4.41 66.89 49.81
C SER O 44 -3.91 65.49 50.15
N SER O 45 -4.64 64.46 49.73
CA SER O 45 -4.27 63.09 50.08
C SER O 45 -2.95 62.69 49.43
N PHE O 46 -2.70 63.13 48.19
CA PHE O 46 -1.43 62.82 47.54
C PHE O 46 -0.26 63.43 48.30
N GLU O 47 -0.30 64.74 48.53
CA GLU O 47 0.80 65.40 49.22
C GLU O 47 0.92 64.99 50.68
N SER O 48 -0.15 64.46 51.27
CA SER O 48 -0.08 64.00 52.66
C SER O 48 0.52 62.60 52.76
N SER O 49 0.03 61.67 51.93
CA SER O 49 0.47 60.29 52.04
C SER O 49 1.83 60.04 51.36
N SER O 50 2.18 60.86 50.38
CA SER O 50 3.46 60.71 49.69
C SER O 50 4.59 61.47 50.36
N GLY O 51 4.29 62.35 51.32
CA GLY O 51 5.31 63.13 51.99
C GLY O 51 5.95 64.21 51.16
N LEU O 52 5.52 64.40 49.91
CA LEU O 52 6.08 65.42 49.05
C LEU O 52 5.48 66.77 49.44
N VAL O 53 6.35 67.73 49.78
CA VAL O 53 5.93 69.06 50.19
C VAL O 53 6.21 70.03 49.05
N TRP O 54 5.21 70.81 48.68
CA TRP O 54 5.32 71.74 47.55
C TRP O 54 5.79 73.10 48.06
N THR O 55 6.95 73.54 47.58
CA THR O 55 7.47 74.86 47.88
C THR O 55 7.31 75.75 46.65
N SER O 56 6.80 76.96 46.86
CA SER O 56 6.46 77.87 45.77
C SER O 56 7.63 78.84 45.56
N GLY O 57 8.62 78.36 44.81
CA GLY O 57 9.77 79.17 44.47
C GLY O 57 9.40 80.35 43.61
N PRO O 58 10.36 81.26 43.40
CA PRO O 58 10.09 82.46 42.60
C PRO O 58 9.83 82.10 41.14
N ALA O 59 8.66 82.48 40.63
CA ALA O 59 7.65 83.19 41.43
C ALA O 59 6.27 82.59 41.18
N GLY O 60 6.01 82.22 39.94
CA GLY O 60 4.73 81.63 39.57
C GLY O 60 4.77 80.12 39.51
N GLU O 61 5.97 79.54 39.57
CA GLU O 61 6.11 78.09 39.57
C GLU O 61 6.46 77.58 40.97
N GLY O 62 7.16 76.47 41.02
CA GLY O 62 7.51 75.86 42.28
C GLY O 62 8.00 74.44 42.05
N SER O 63 8.18 73.71 43.16
CA SER O 63 8.71 72.36 43.04
C SER O 63 8.40 71.57 44.30
N TYR O 64 8.43 70.24 44.16
CA TYR O 64 8.30 69.35 45.30
C TYR O 64 9.68 69.10 45.91
N SER O 65 9.71 69.02 47.24
CA SER O 65 10.92 68.76 47.98
C SER O 65 11.02 67.26 48.26
N ILE O 66 11.98 66.62 47.62
CA ILE O 66 12.15 65.17 47.74
C ILE O 66 12.97 64.87 49.00
N THR O 67 12.39 64.07 49.89
CA THR O 67 13.05 63.71 51.14
C THR O 67 13.59 62.29 51.15
N THR O 68 12.97 61.39 50.41
CA THR O 68 13.46 60.04 50.20
C THR O 68 13.26 59.69 48.73
N PRO O 69 14.12 58.84 48.15
CA PRO O 69 14.00 58.54 46.72
C PRO O 69 12.78 57.70 46.38
N SER O 70 12.19 56.99 47.34
CA SER O 70 11.00 56.20 47.08
C SER O 70 9.89 57.06 46.47
N GLN O 71 9.79 58.31 46.91
CA GLN O 71 8.77 59.22 46.41
C GLN O 71 8.81 59.39 44.90
N PHE O 72 9.92 59.04 44.24
CA PHE O 72 9.98 59.14 42.80
C PHE O 72 8.91 58.27 42.14
N VAL O 73 8.54 57.15 42.78
CA VAL O 73 7.47 56.31 42.24
C VAL O 73 6.17 57.10 42.13
N PHE O 74 5.91 57.99 43.09
CA PHE O 74 4.71 58.82 43.04
C PHE O 74 4.71 59.78 41.86
N LEU O 75 5.87 60.07 41.27
CA LEU O 75 5.95 61.05 40.20
C LEU O 75 6.13 60.40 38.83
N SER O 76 5.89 59.10 38.72
CA SER O 76 6.03 58.40 37.44
C SER O 76 4.69 58.39 36.70
N SER O 77 4.67 57.69 35.56
CA SER O 77 3.46 57.53 34.77
C SER O 77 2.63 56.42 35.40
N ALA O 78 1.91 56.76 36.46
CA ALA O 78 1.18 55.78 37.25
C ALA O 78 -0.10 56.38 37.81
N TRP O 79 -0.77 57.21 37.02
CA TRP O 79 -2.00 57.86 37.44
C TRP O 79 -3.02 57.80 36.32
N ALA O 80 -4.27 57.51 36.67
CA ALA O 80 -5.34 57.38 35.70
C ALA O 80 -6.59 58.10 36.22
N ASP O 81 -7.38 58.60 35.29
CA ASP O 81 -8.65 59.22 35.66
C ASP O 81 -9.62 58.17 36.19
N PRO O 82 -10.28 58.41 37.32
CA PRO O 82 -11.18 57.37 37.87
C PRO O 82 -12.32 57.01 36.93
N ILE O 83 -12.98 58.01 36.33
CA ILE O 83 -14.08 57.74 35.43
C ILE O 83 -13.61 56.99 34.21
N GLU O 84 -12.47 57.40 33.63
CA GLU O 84 -11.92 56.71 32.48
C GLU O 84 -11.60 55.25 32.81
N LEU O 85 -11.05 55.00 33.99
CA LEU O 85 -10.67 53.64 34.36
C LEU O 85 -11.90 52.76 34.60
N ILE O 86 -12.91 53.28 35.30
CA ILE O 86 -14.09 52.47 35.55
C ILE O 86 -14.89 52.25 34.26
N ASN O 87 -14.90 53.23 33.36
CA ASN O 87 -15.52 53.02 32.05
C ASN O 87 -14.75 51.97 31.25
N LEU O 88 -13.42 51.99 31.36
CA LEU O 88 -12.61 50.96 30.71
C LEU O 88 -12.97 49.58 31.24
N CYS O 89 -13.15 49.47 32.55
CA CYS O 89 -13.56 48.19 33.13
C CYS O 89 -14.93 47.75 32.60
N THR O 90 -15.89 48.69 32.59
CA THR O 90 -17.23 48.38 32.10
C THR O 90 -17.19 47.87 30.67
N ASN O 91 -16.48 48.59 29.79
CA ASN O 91 -16.42 48.18 28.39
C ASN O 91 -15.61 46.91 28.20
N ALA O 92 -14.62 46.66 29.06
CA ALA O 92 -13.81 45.45 28.95
C ALA O 92 -14.62 44.21 29.32
N LEU O 93 -15.52 44.34 30.29
CA LEU O 93 -16.34 43.18 30.67
C LEU O 93 -17.22 42.69 29.52
N GLY O 94 -17.42 43.49 28.49
CA GLY O 94 -18.24 43.07 27.36
C GLY O 94 -17.45 42.75 26.11
N ASN O 95 -16.35 42.00 26.26
CA ASN O 95 -15.49 41.63 25.15
C ASN O 95 -15.47 40.12 24.97
N GLN O 96 -15.06 39.70 23.77
CA GLN O 96 -14.92 38.28 23.45
C GLN O 96 -13.48 37.86 23.76
N PHE O 97 -13.25 37.56 25.04
CA PHE O 97 -11.92 37.18 25.50
C PHE O 97 -11.52 35.76 25.08
N GLN O 98 -12.40 35.02 24.42
CA GLN O 98 -11.99 33.77 23.78
C GLN O 98 -10.97 34.03 22.68
N THR O 99 -11.00 35.22 22.09
CA THR O 99 -10.06 35.60 21.05
C THR O 99 -8.81 36.22 21.65
N GLN O 100 -7.67 35.96 21.00
CA GLN O 100 -6.42 36.57 21.42
C GLN O 100 -6.40 38.08 21.18
N HIS O 101 -7.07 38.52 20.11
CA HIS O 101 -7.05 39.93 19.74
C HIS O 101 -7.65 40.81 20.82
N ALA O 102 -8.82 40.43 21.34
CA ALA O 102 -9.47 41.21 22.39
C ALA O 102 -8.60 41.25 23.64
N ARG O 103 -7.99 40.12 24.00
CA ARG O 103 -7.11 40.09 25.16
C ARG O 103 -5.95 41.07 24.99
N THR O 104 -5.28 41.02 23.85
CA THR O 104 -4.17 41.94 23.59
C THR O 104 -4.64 43.39 23.66
N VAL O 105 -5.77 43.70 23.02
CA VAL O 105 -6.23 45.08 22.94
C VAL O 105 -6.56 45.63 24.32
N VAL O 106 -7.36 44.88 25.10
CA VAL O 106 -7.74 45.39 26.42
C VAL O 106 -6.57 45.36 27.39
N GLN O 107 -5.58 44.48 27.18
CA GLN O 107 -4.37 44.54 27.99
C GLN O 107 -3.62 45.83 27.72
N ARG O 108 -3.45 46.19 26.44
CA ARG O 108 -2.83 47.47 26.12
C ARG O 108 -3.63 48.64 26.68
N GLN O 109 -4.97 48.51 26.69
CA GLN O 109 -5.81 49.59 27.22
C GLN O 109 -5.60 49.76 28.72
N PHE O 110 -5.57 48.65 29.47
CA PHE O 110 -5.30 48.74 30.91
C PHE O 110 -3.86 49.13 31.22
N SER O 111 -2.93 48.92 30.28
CA SER O 111 -1.55 49.29 30.52
C SER O 111 -1.29 50.76 30.22
N GLU O 112 -1.95 51.31 29.20
CA GLU O 112 -1.69 52.69 28.77
C GLU O 112 -2.53 53.72 29.50
N VAL O 113 -3.52 53.29 30.31
CA VAL O 113 -4.37 54.25 31.00
C VAL O 113 -3.62 54.99 32.09
N TRP O 114 -2.47 54.47 32.52
CA TRP O 114 -1.68 55.10 33.58
C TRP O 114 -0.77 56.14 32.97
N LYS O 115 -1.07 57.41 33.19
CA LYS O 115 -0.33 58.53 32.66
C LYS O 115 0.28 59.33 33.82
N PRO O 116 1.28 60.17 33.55
CA PRO O 116 1.82 61.02 34.61
C PRO O 116 0.97 62.26 34.83
N SER O 117 0.89 62.67 36.08
CA SER O 117 0.22 63.94 36.41
C SER O 117 1.08 64.77 37.36
N PRO O 118 1.49 64.26 38.53
CA PRO O 118 2.40 65.04 39.37
C PRO O 118 3.85 64.83 38.95
N GLN O 119 4.59 65.92 38.89
CA GLN O 119 6.00 65.89 38.54
C GLN O 119 6.78 66.76 39.52
N VAL O 120 8.11 66.78 39.35
CA VAL O 120 8.96 67.57 40.23
C VAL O 120 8.63 69.05 40.12
N THR O 121 8.32 69.51 38.92
CA THR O 121 7.99 70.91 38.68
C THR O 121 6.52 71.12 38.35
N VAL O 122 5.70 70.08 38.47
CA VAL O 122 4.27 70.15 38.17
C VAL O 122 3.52 69.62 39.39
N ARG O 123 2.78 70.50 40.05
CA ARG O 123 2.05 70.10 41.24
C ARG O 123 0.82 69.28 40.87
N PHE O 124 0.41 68.42 41.80
CA PHE O 124 -0.82 67.65 41.64
C PHE O 124 -1.98 68.59 41.29
N PRO O 125 -2.88 68.19 40.40
CA PRO O 125 -4.00 69.06 40.02
C PRO O 125 -4.79 69.53 41.24
N ASP O 126 -5.35 70.74 41.12
CA ASP O 126 -5.94 71.42 42.27
C ASP O 126 -7.18 70.68 42.78
N SER O 127 -8.08 70.28 41.87
CA SER O 127 -9.36 69.73 42.27
C SER O 127 -9.62 68.32 41.74
N ASP O 128 -8.89 67.86 40.74
CA ASP O 128 -9.16 66.55 40.15
C ASP O 128 -8.71 65.42 41.08
N PHE O 129 -9.21 64.22 40.79
CA PHE O 129 -8.79 62.99 41.44
C PHE O 129 -8.04 62.13 40.45
N LYS O 130 -7.13 61.31 40.98
CA LYS O 130 -6.32 60.41 40.16
C LYS O 130 -6.22 59.06 40.84
N VAL O 131 -6.05 58.01 40.05
CA VAL O 131 -5.95 56.64 40.54
C VAL O 131 -4.48 56.23 40.51
N TYR O 132 -3.97 55.78 41.64
CA TYR O 132 -2.55 55.47 41.79
C TYR O 132 -2.31 54.02 41.42
N ARG O 133 -1.47 53.80 40.40
CA ARG O 133 -1.17 52.44 39.94
C ARG O 133 -0.55 51.60 41.05
N TYR O 134 0.25 52.23 41.93
CA TYR O 134 0.98 51.50 42.96
C TYR O 134 0.40 51.72 44.35
N ASN O 135 -0.91 51.97 44.42
CA ASN O 135 -1.60 51.97 45.71
C ASN O 135 -1.52 50.58 46.32
N ALA O 136 -1.40 50.53 47.65
CA ALA O 136 -1.15 49.27 48.35
C ALA O 136 -2.23 48.22 48.07
N VAL O 137 -3.46 48.65 47.79
CA VAL O 137 -4.53 47.71 47.54
C VAL O 137 -4.72 47.44 46.04
N LEU O 138 -4.64 48.49 45.22
CA LEU O 138 -4.88 48.36 43.79
C LEU O 138 -3.72 47.72 43.03
N ASP O 139 -2.50 47.80 43.55
CA ASP O 139 -1.34 47.26 42.84
C ASP O 139 -1.47 45.78 42.54
N PRO O 140 -1.76 44.89 43.51
CA PRO O 140 -1.87 43.46 43.16
C PRO O 140 -3.00 43.17 42.19
N LEU O 141 -4.12 43.88 42.30
CA LEU O 141 -5.24 43.64 41.41
C LEU O 141 -4.90 44.04 39.98
N VAL O 142 -4.28 45.21 39.80
CA VAL O 142 -3.90 45.65 38.45
C VAL O 142 -2.83 44.73 37.88
N THR O 143 -1.89 44.29 38.72
CA THR O 143 -0.86 43.38 38.25
C THR O 143 -1.45 42.05 37.80
N ALA O 144 -2.35 41.48 38.61
CA ALA O 144 -2.99 40.22 38.24
C ALA O 144 -3.84 40.37 36.98
N LEU O 145 -4.49 41.53 36.83
CA LEU O 145 -5.27 41.78 35.62
C LEU O 145 -4.38 41.81 34.40
N LEU O 146 -3.28 42.55 34.46
CA LEU O 146 -2.37 42.62 33.32
C LEU O 146 -1.75 41.26 33.03
N GLY O 147 -1.52 40.44 34.06
CA GLY O 147 -0.98 39.11 33.86
C GLY O 147 -1.97 38.09 33.35
N ALA O 148 -3.26 38.30 33.59
CA ALA O 148 -4.26 37.33 33.15
C ALA O 148 -4.39 37.29 31.64
N PHE O 149 -4.09 38.39 30.95
CA PHE O 149 -4.14 38.41 29.49
C PHE O 149 -2.99 37.64 28.84
N ASP O 150 -1.95 37.32 29.60
CA ASP O 150 -0.76 36.66 29.04
C ASP O 150 -1.01 35.15 28.96
N THR O 151 -1.87 34.78 28.02
CA THR O 151 -2.18 33.39 27.76
C THR O 151 -2.47 33.23 26.26
N ARG O 152 -1.63 32.46 25.58
CA ARG O 152 -1.76 32.23 24.15
C ARG O 152 -1.96 30.74 23.88
N ASN O 153 -2.31 30.44 22.64
CA ASN O 153 -2.50 29.06 22.21
C ASN O 153 -1.55 28.67 21.09
N ARG P 14 -29.89 13.19 15.75
CA ARG P 14 -30.70 12.56 16.79
C ARG P 14 -31.20 13.60 17.79
N ARG P 15 -30.58 14.78 17.76
CA ARG P 15 -31.00 15.89 18.61
C ARG P 15 -32.05 16.76 17.97
N VAL P 16 -32.19 16.71 16.64
CA VAL P 16 -33.19 17.50 15.95
C VAL P 16 -34.59 17.01 16.31
N ASP P 17 -34.76 15.70 16.53
CA ASP P 17 -36.06 15.16 16.93
C ASP P 17 -36.46 15.71 18.30
N ASP P 18 -35.53 15.70 19.26
CA ASP P 18 -35.82 16.25 20.57
C ASP P 18 -36.12 17.75 20.49
N ALA P 19 -35.36 18.47 19.67
CA ALA P 19 -35.62 19.90 19.50
C ALA P 19 -37.02 20.14 18.93
N THR P 20 -37.40 19.37 17.92
CA THR P 20 -38.73 19.50 17.33
C THR P 20 -39.82 19.21 18.35
N VAL P 21 -39.67 18.13 19.12
CA VAL P 21 -40.68 17.78 20.12
C VAL P 21 -40.79 18.87 21.17
N ALA P 22 -39.66 19.42 21.61
CA ALA P 22 -39.69 20.49 22.60
C ALA P 22 -40.36 21.73 22.06
N ILE P 23 -40.06 22.09 20.81
CA ILE P 23 -40.72 23.23 20.17
C ILE P 23 -42.23 23.03 20.14
N ARG P 24 -42.66 21.85 19.71
CA ARG P 24 -44.10 21.57 19.63
C ARG P 24 -44.74 21.63 21.01
N SER P 25 -44.06 21.12 22.03
CA SER P 25 -44.61 21.16 23.38
C SER P 25 -44.75 22.60 23.87
N ALA P 26 -43.75 23.44 23.59
CA ALA P 26 -43.83 24.84 24.01
C ALA P 26 -44.95 25.57 23.29
N ILE P 27 -45.12 25.30 21.98
CA ILE P 27 -46.20 25.92 21.23
C ILE P 27 -47.55 25.48 21.79
N ASN P 28 -47.67 24.19 22.11
CA ASN P 28 -48.93 23.67 22.64
C ASN P 28 -49.26 24.27 24.00
N ASN P 29 -48.26 24.46 24.85
CA ASN P 29 -48.52 25.06 26.16
C ASN P 29 -48.92 26.52 26.02
N LEU P 30 -48.21 27.27 25.17
CA LEU P 30 -48.61 28.65 24.92
C LEU P 30 -50.03 28.72 24.38
N ILE P 31 -50.39 27.80 23.48
CA ILE P 31 -51.75 27.77 22.94
C ILE P 31 -52.77 27.46 24.04
N VAL P 32 -52.44 26.50 24.91
CA VAL P 32 -53.34 26.15 26.01
C VAL P 32 -53.65 27.36 26.85
N GLU P 33 -52.62 28.16 27.17
CA GLU P 33 -52.89 29.33 27.99
C GLU P 33 -53.52 30.49 27.21
N LEU P 34 -53.25 30.58 25.91
CA LEU P 34 -53.88 31.64 25.10
C LEU P 34 -55.35 31.37 24.85
N ILE P 35 -55.75 30.11 24.78
CA ILE P 35 -57.16 29.77 24.55
C ILE P 35 -58.01 30.28 25.71
N ARG P 36 -57.53 30.09 26.94
CA ARG P 36 -58.25 30.56 28.12
C ARG P 36 -58.25 32.09 28.22
N GLY P 37 -57.49 32.79 27.37
CA GLY P 37 -57.46 34.24 27.39
C GLY P 37 -56.56 34.84 28.44
N THR P 38 -55.85 34.02 29.23
CA THR P 38 -55.00 34.54 30.28
C THR P 38 -53.85 35.36 29.70
N GLY P 39 -53.46 36.41 30.41
CA GLY P 39 -52.45 37.31 29.92
C GLY P 39 -52.95 38.37 28.96
N SER P 40 -54.27 38.49 28.80
CA SER P 40 -54.86 39.49 27.93
C SER P 40 -55.45 40.62 28.78
N TYR P 41 -55.16 41.85 28.41
CA TYR P 41 -55.56 43.02 29.18
C TYR P 41 -56.32 43.99 28.29
N ASN P 42 -57.37 44.60 28.83
CA ASN P 42 -57.99 45.77 28.25
C ASN P 42 -57.52 47.00 29.02
N ARG P 43 -58.09 48.17 28.71
CA ARG P 43 -57.68 49.39 29.40
C ARG P 43 -57.92 49.29 30.90
N SER P 44 -59.08 48.77 31.30
CA SER P 44 -59.41 48.67 32.72
C SER P 44 -58.43 47.75 33.44
N SER P 45 -58.25 46.53 32.95
CA SER P 45 -57.39 45.57 33.62
C SER P 45 -55.93 46.01 33.59
N PHE P 46 -55.49 46.61 32.49
CA PHE P 46 -54.13 47.12 32.42
C PHE P 46 -53.90 48.21 33.46
N GLU P 47 -54.75 49.24 33.47
CA GLU P 47 -54.57 50.33 34.41
C GLU P 47 -54.82 49.91 35.85
N SER P 48 -55.53 48.81 36.08
CA SER P 48 -55.75 48.33 37.43
C SER P 48 -54.56 47.50 37.94
N SER P 49 -54.07 46.58 37.13
CA SER P 49 -53.01 45.68 37.59
C SER P 49 -51.64 46.34 37.55
N SER P 50 -51.44 47.33 36.68
CA SER P 50 -50.16 48.02 36.60
C SER P 50 -50.07 49.22 37.54
N GLY P 51 -51.18 49.64 38.14
CA GLY P 51 -51.19 50.80 39.01
C GLY P 51 -51.00 52.13 38.32
N LEU P 52 -50.91 52.15 36.99
CA LEU P 52 -50.72 53.38 36.24
C LEU P 52 -52.04 54.13 36.13
N VAL P 53 -52.07 55.38 36.57
CA VAL P 53 -53.25 56.23 36.56
C VAL P 53 -53.09 57.26 35.44
N TRP P 54 -54.10 57.36 34.59
CA TRP P 54 -54.07 58.26 33.44
C TRP P 54 -54.65 59.61 33.83
N THR P 55 -53.83 60.65 33.73
CA THR P 55 -54.26 62.03 33.99
C THR P 55 -54.38 62.77 32.66
N SER P 56 -55.50 63.45 32.47
CA SER P 56 -55.81 64.14 31.21
C SER P 56 -55.41 65.60 31.36
N GLY P 57 -54.12 65.87 31.16
CA GLY P 57 -53.60 67.22 31.21
C GLY P 57 -54.16 68.08 30.10
N PRO P 58 -53.92 69.39 30.17
CA PRO P 58 -54.45 70.31 29.14
C PRO P 58 -53.78 70.04 27.80
N ALA P 59 -54.59 69.72 26.78
CA ALA P 59 -56.04 69.60 26.95
C ALA P 59 -56.53 68.33 26.26
N GLY P 60 -55.93 68.02 25.12
CA GLY P 60 -56.32 66.84 24.37
C GLY P 60 -55.45 65.61 24.56
N GLU P 61 -54.30 65.78 25.22
CA GLU P 61 -53.41 64.67 25.49
C GLU P 61 -53.52 64.28 26.97
N GLY P 62 -52.45 63.75 27.53
CA GLY P 62 -52.43 63.31 28.90
C GLY P 62 -51.21 62.43 29.13
N SER P 63 -51.15 61.82 30.31
CA SER P 63 -49.99 60.98 30.63
C SER P 63 -50.31 60.06 31.79
N TYR P 64 -49.53 58.98 31.88
CA TYR P 64 -49.61 58.08 33.02
C TYR P 64 -48.71 58.57 34.15
N SER P 65 -49.20 58.39 35.38
CA SER P 65 -48.46 58.80 36.57
C SER P 65 -47.66 57.60 37.10
N ILE P 66 -46.34 57.68 36.98
CA ILE P 66 -45.45 56.60 37.39
C ILE P 66 -45.16 56.73 38.89
N THR P 67 -45.47 55.68 39.65
CA THR P 67 -45.25 55.67 41.08
C THR P 67 -44.08 54.81 41.52
N THR P 68 -43.77 53.75 40.77
CA THR P 68 -42.60 52.92 40.99
C THR P 68 -41.99 52.59 39.64
N PRO P 69 -40.67 52.37 39.57
CA PRO P 69 -40.04 52.12 38.27
C PRO P 69 -40.41 50.79 37.64
N SER P 70 -40.90 49.82 38.42
CA SER P 70 -41.33 48.54 37.85
C SER P 70 -42.35 48.74 36.75
N GLN P 71 -43.22 49.74 36.90
CA GLN P 71 -44.25 50.03 35.89
C GLN P 71 -43.67 50.26 34.50
N PHE P 72 -42.38 50.59 34.40
CA PHE P 72 -41.78 50.79 33.08
C PHE P 72 -41.88 49.53 32.22
N VAL P 73 -41.87 48.35 32.85
CA VAL P 73 -42.02 47.11 32.09
C VAL P 73 -43.35 47.11 31.36
N PHE P 74 -44.40 47.64 31.99
CA PHE P 74 -45.71 47.70 31.33
C PHE P 74 -45.72 48.62 30.13
N LEU P 75 -44.77 49.55 30.02
CA LEU P 75 -44.75 50.52 28.94
C LEU P 75 -43.71 50.22 27.88
N SER P 76 -43.15 49.01 27.90
CA SER P 76 -42.13 48.62 26.92
C SER P 76 -42.80 47.95 25.71
N SER P 77 -41.96 47.46 24.79
CA SER P 77 -42.43 46.74 23.61
C SER P 77 -42.69 45.29 24.01
N ALA P 78 -43.86 45.06 24.60
CA ALA P 78 -44.18 43.76 25.17
C ALA P 78 -45.68 43.48 25.07
N TRP P 79 -46.28 43.87 23.94
CA TRP P 79 -47.71 43.68 23.74
C TRP P 79 -47.98 43.20 22.32
N ALA P 80 -48.89 42.23 22.19
CA ALA P 80 -49.22 41.66 20.90
C ALA P 80 -50.73 41.52 20.77
N ASP P 81 -51.21 41.61 19.55
CA ASP P 81 -52.63 41.40 19.28
C ASP P 81 -52.98 39.93 19.51
N PRO P 82 -54.06 39.63 20.22
CA PRO P 82 -54.38 38.22 20.51
C PRO P 82 -54.64 37.39 19.26
N ILE P 83 -55.39 37.93 18.30
CA ILE P 83 -55.70 37.19 17.08
C ILE P 83 -54.43 36.94 16.27
N GLU P 84 -53.57 37.95 16.14
CA GLU P 84 -52.31 37.76 15.43
C GLU P 84 -51.47 36.69 16.08
N LEU P 85 -51.43 36.67 17.42
CA LEU P 85 -50.58 35.70 18.13
C LEU P 85 -51.13 34.28 17.97
N ILE P 86 -52.45 34.11 18.10
CA ILE P 86 -53.01 32.77 17.97
C ILE P 86 -52.93 32.28 16.53
N ASN P 87 -53.06 33.18 15.54
CA ASN P 87 -52.85 32.80 14.15
C ASN P 87 -51.40 32.42 13.91
N LEU P 88 -50.46 33.13 14.54
CA LEU P 88 -49.05 32.77 14.44
C LEU P 88 -48.82 31.37 14.99
N CYS P 89 -49.43 31.06 16.13
CA CYS P 89 -49.32 29.70 16.69
C CYS P 89 -49.90 28.66 15.75
N THR P 90 -51.09 28.93 15.21
CA THR P 90 -51.74 27.98 14.30
C THR P 90 -50.86 27.69 13.09
N ASN P 91 -50.36 28.73 12.43
CA ASN P 91 -49.53 28.53 11.25
C ASN P 91 -48.17 27.95 11.59
N ALA P 92 -47.64 28.25 12.79
CA ALA P 92 -46.33 27.72 13.18
C ALA P 92 -46.40 26.22 13.44
N LEU P 93 -47.52 25.74 13.97
CA LEU P 93 -47.64 24.30 14.23
C LEU P 93 -47.56 23.48 12.95
N GLY P 94 -47.70 24.10 11.79
CA GLY P 94 -47.60 23.38 10.54
C GLY P 94 -46.32 23.65 9.77
N ASN P 95 -45.19 23.64 10.48
CA ASN P 95 -43.89 23.89 9.88
C ASN P 95 -43.00 22.67 10.03
N GLN P 96 -41.96 22.61 9.19
CA GLN P 96 -40.97 21.54 9.23
C GLN P 96 -39.83 21.97 10.14
N PHE P 97 -40.04 21.75 11.44
CA PHE P 97 -39.06 22.15 12.44
C PHE P 97 -37.83 21.24 12.46
N GLN P 98 -37.82 20.17 11.66
CA GLN P 98 -36.58 19.43 11.43
C GLN P 98 -35.53 20.29 10.75
N THR P 99 -35.96 21.30 10.01
CA THR P 99 -35.05 22.22 9.33
C THR P 99 -34.68 23.38 10.25
N GLN P 100 -33.44 23.85 10.12
CA GLN P 100 -32.99 25.01 10.88
C GLN P 100 -33.67 26.29 10.42
N HIS P 101 -33.97 26.40 9.11
CA HIS P 101 -34.55 27.62 8.57
C HIS P 101 -35.90 27.92 9.21
N ALA P 102 -36.77 26.92 9.28
CA ALA P 102 -38.09 27.13 9.88
C ALA P 102 -37.96 27.52 11.34
N ARG P 103 -37.05 26.89 12.07
CA ARG P 103 -36.83 27.25 13.47
C ARG P 103 -36.44 28.71 13.61
N THR P 104 -35.44 29.15 12.83
CA THR P 104 -35.00 30.54 12.89
C THR P 104 -36.14 31.49 12.54
N VAL P 105 -36.88 31.20 11.47
CA VAL P 105 -37.90 32.12 11.01
C VAL P 105 -39.03 32.25 12.03
N VAL P 106 -39.55 31.13 12.51
CA VAL P 106 -40.65 31.21 13.47
C VAL P 106 -40.18 31.71 14.83
N GLN P 107 -38.91 31.53 15.18
CA GLN P 107 -38.38 32.16 16.38
C GLN P 107 -38.39 33.67 16.24
N ARG P 108 -37.93 34.18 15.09
CA ARG P 108 -38.02 35.61 14.85
C ARG P 108 -39.46 36.10 14.85
N GLN P 109 -40.38 35.28 14.36
CA GLN P 109 -41.79 35.66 14.37
C GLN P 109 -42.34 35.77 15.78
N PHE P 110 -42.03 34.79 16.64
CA PHE P 110 -42.47 34.86 18.02
C PHE P 110 -41.75 35.94 18.82
N SER P 111 -40.57 36.37 18.36
CA SER P 111 -39.84 37.42 19.06
C SER P 111 -40.32 38.81 18.66
N GLU P 112 -40.67 39.00 17.39
CA GLU P 112 -41.04 40.31 16.88
C GLU P 112 -42.52 40.63 17.02
N VAL P 113 -43.35 39.66 17.43
CA VAL P 113 -44.78 39.90 17.55
C VAL P 113 -45.09 40.85 18.71
N TRP P 114 -44.15 41.02 19.64
CA TRP P 114 -44.36 41.87 20.81
C TRP P 114 -43.98 43.30 20.45
N LYS P 115 -44.99 44.16 20.31
CA LYS P 115 -44.82 45.56 19.98
C LYS P 115 -45.33 46.44 21.11
N PRO P 116 -44.95 47.71 21.15
CA PRO P 116 -45.48 48.61 22.17
C PRO P 116 -46.86 49.14 21.80
N SER P 117 -47.69 49.31 22.83
CA SER P 117 -48.99 49.95 22.66
C SER P 117 -49.21 51.01 23.74
N PRO P 118 -49.10 50.69 25.04
CA PRO P 118 -49.21 51.76 26.04
C PRO P 118 -47.86 52.42 26.26
N GLN P 119 -47.88 53.75 26.34
CA GLN P 119 -46.68 54.53 26.58
C GLN P 119 -46.96 55.57 27.66
N VAL P 120 -45.92 56.33 28.02
CA VAL P 120 -46.08 57.34 29.05
C VAL P 120 -47.07 58.42 28.60
N THR P 121 -47.05 58.76 27.32
CA THR P 121 -47.93 59.78 26.77
C THR P 121 -48.99 59.18 25.84
N VAL P 122 -49.11 57.86 25.79
CA VAL P 122 -50.06 57.17 24.94
C VAL P 122 -50.86 56.21 25.81
N ARG P 123 -52.15 56.47 25.97
CA ARG P 123 -52.98 55.64 26.83
C ARG P 123 -53.26 54.28 26.16
N PHE P 124 -53.48 53.28 27.00
CA PHE P 124 -53.87 51.96 26.52
C PHE P 124 -55.09 52.10 25.60
N PRO P 125 -55.16 51.34 24.50
CA PRO P 125 -56.31 51.47 23.59
C PRO P 125 -57.63 51.30 24.32
N ASP P 126 -58.66 52.00 23.81
CA ASP P 126 -59.91 52.12 24.54
C ASP P 126 -60.63 50.78 24.66
N SER P 127 -60.75 50.05 23.55
CA SER P 127 -61.53 48.83 23.51
C SER P 127 -60.76 47.59 23.10
N ASP P 128 -59.59 47.75 22.49
CA ASP P 128 -58.84 46.58 22.02
C ASP P 128 -58.23 45.83 23.20
N PHE P 129 -57.82 44.60 22.92
CA PHE P 129 -57.10 43.77 23.88
C PHE P 129 -55.66 43.56 23.43
N LYS P 130 -54.78 43.36 24.40
CA LYS P 130 -53.37 43.13 24.13
C LYS P 130 -52.85 42.01 25.03
N VAL P 131 -51.82 41.32 24.56
CA VAL P 131 -51.21 40.20 25.26
C VAL P 131 -49.90 40.67 25.90
N TYR P 132 -49.77 40.45 27.20
CA TYR P 132 -48.62 40.96 27.96
C TYR P 132 -47.51 39.92 27.93
N ARG P 133 -46.35 40.32 27.39
CA ARG P 133 -45.22 39.40 27.30
C ARG P 133 -44.76 38.90 28.66
N TYR P 134 -44.87 39.74 29.69
CA TYR P 134 -44.36 39.40 31.01
C TYR P 134 -45.48 39.14 32.01
N ASN P 135 -46.62 38.65 31.52
CA ASN P 135 -47.66 38.14 32.41
C ASN P 135 -47.12 36.95 33.21
N ALA P 136 -47.57 36.84 34.46
CA ALA P 136 -47.00 35.85 35.37
C ALA P 136 -47.14 34.43 34.83
N VAL P 137 -48.16 34.18 34.02
CA VAL P 137 -48.36 32.84 33.47
C VAL P 137 -47.73 32.70 32.09
N LEU P 138 -47.88 33.71 31.23
CA LEU P 138 -47.37 33.63 29.88
C LEU P 138 -45.86 33.82 29.79
N ASP P 139 -45.24 34.49 30.75
CA ASP P 139 -43.82 34.75 30.68
C ASP P 139 -42.98 33.47 30.59
N PRO P 140 -43.13 32.49 31.48
CA PRO P 140 -42.31 31.27 31.35
C PRO P 140 -42.60 30.51 30.08
N LEU P 141 -43.85 30.49 29.62
CA LEU P 141 -44.18 29.77 28.40
C LEU P 141 -43.52 30.40 27.19
N VAL P 142 -43.59 31.73 27.08
CA VAL P 142 -42.95 32.41 25.95
C VAL P 142 -41.43 32.26 26.03
N THR P 143 -40.88 32.31 27.23
CA THR P 143 -39.43 32.13 27.38
C THR P 143 -38.99 30.75 26.92
N ALA P 144 -39.70 29.71 27.38
CA ALA P 144 -39.35 28.35 26.98
C ALA P 144 -39.57 28.15 25.48
N LEU P 145 -40.60 28.78 24.92
CA LEU P 145 -40.82 28.68 23.48
C LEU P 145 -39.68 29.30 22.70
N LEU P 146 -39.27 30.51 23.06
CA LEU P 146 -38.16 31.16 22.38
C LEU P 146 -36.86 30.38 22.56
N GLY P 147 -36.68 29.74 23.71
CA GLY P 147 -35.49 28.94 23.94
C GLY P 147 -35.48 27.60 23.23
N ALA P 148 -36.66 27.07 22.90
CA ALA P 148 -36.71 25.77 22.23
C ALA P 148 -36.17 25.82 20.81
N PHE P 149 -36.27 26.97 20.15
CA PHE P 149 -35.74 27.10 18.79
C PHE P 149 -34.22 27.16 18.74
N ASP P 150 -33.56 27.40 19.89
CA ASP P 150 -32.11 27.59 19.92
C ASP P 150 -31.41 26.24 19.97
N THR P 151 -31.45 25.54 18.84
CA THR P 151 -30.77 24.25 18.70
C THR P 151 -30.29 24.09 17.27
N ARG P 152 -28.97 24.03 17.09
CA ARG P 152 -28.35 23.85 15.79
C ARG P 152 -27.54 22.57 15.76
N ASN P 153 -27.08 22.21 14.56
CA ASN P 153 -26.26 21.02 14.38
C ASN P 153 -24.89 21.37 13.82
N ARG Q 14 24.59 -25.35 -7.58
CA ARG Q 14 25.14 -26.34 -6.67
C ARG Q 14 25.38 -27.68 -7.37
N ARG Q 15 24.79 -27.84 -8.55
CA ARG Q 15 24.99 -29.04 -9.35
C ARG Q 15 26.16 -28.93 -10.32
N VAL Q 16 26.61 -27.70 -10.60
CA VAL Q 16 27.74 -27.52 -11.52
C VAL Q 16 29.02 -28.08 -10.91
N ASP Q 17 29.17 -27.97 -9.58
CA ASP Q 17 30.35 -28.53 -8.93
C ASP Q 17 30.39 -30.05 -9.07
N ASP Q 18 29.24 -30.71 -8.83
CA ASP Q 18 29.16 -32.15 -9.00
C ASP Q 18 29.41 -32.55 -10.45
N ALA Q 19 28.87 -31.79 -11.40
CA ALA Q 19 29.11 -32.09 -12.81
C ALA Q 19 30.59 -31.99 -13.14
N THR Q 20 31.26 -30.93 -12.65
CA THR Q 20 32.69 -30.78 -12.91
C THR Q 20 33.48 -31.93 -12.31
N VAL Q 21 33.18 -32.30 -11.06
CA VAL Q 21 33.92 -33.37 -10.40
C VAL Q 21 33.72 -34.69 -11.15
N ALA Q 22 32.48 -34.97 -11.58
CA ALA Q 22 32.23 -36.21 -12.32
C ALA Q 22 32.96 -36.23 -13.65
N ILE Q 23 32.95 -35.10 -14.37
CA ILE Q 23 33.67 -35.01 -15.64
C ILE Q 23 35.16 -35.28 -15.41
N ARG Q 24 35.75 -34.64 -14.40
CA ARG Q 24 37.17 -34.83 -14.13
C ARG Q 24 37.47 -36.27 -13.76
N SER Q 25 36.62 -36.91 -12.96
CA SER Q 25 36.83 -38.30 -12.59
C SER Q 25 36.79 -39.21 -13.80
N ALA Q 26 35.82 -38.98 -14.70
CA ALA Q 26 35.73 -39.80 -15.90
C ALA Q 26 36.95 -39.62 -16.80
N ILE Q 27 37.41 -38.37 -16.94
CA ILE Q 27 38.58 -38.10 -17.75
C ILE Q 27 39.81 -38.79 -17.16
N ASN Q 28 39.95 -38.73 -15.84
CA ASN Q 28 41.09 -39.35 -15.18
C ASN Q 28 41.06 -40.86 -15.32
N ASN Q 29 39.89 -41.48 -15.22
CA ASN Q 29 39.81 -42.93 -15.38
C ASN Q 29 40.14 -43.35 -16.81
N LEU Q 30 39.59 -42.63 -17.79
CA LEU Q 30 39.94 -42.91 -19.18
C LEU Q 30 41.43 -42.75 -19.42
N ILE Q 31 42.04 -41.72 -18.83
CA ILE Q 31 43.48 -41.51 -18.97
C ILE Q 31 44.26 -42.66 -18.33
N VAL Q 32 43.83 -43.09 -17.14
CA VAL Q 32 44.50 -44.20 -16.47
C VAL Q 32 44.51 -45.43 -17.36
N GLU Q 33 43.38 -45.73 -18.01
CA GLU Q 33 43.36 -46.92 -18.85
C GLU Q 33 44.07 -46.71 -20.18
N LEU Q 34 44.10 -45.48 -20.70
CA LEU Q 34 44.81 -45.23 -21.95
C LEU Q 34 46.32 -45.28 -21.76
N ILE Q 35 46.80 -44.89 -20.57
CA ILE Q 35 48.24 -44.93 -20.29
C ILE Q 35 48.75 -46.37 -20.36
N ARG Q 36 47.99 -47.32 -19.80
CA ARG Q 36 48.37 -48.72 -19.85
C ARG Q 36 48.27 -49.31 -21.25
N GLY Q 37 47.71 -48.57 -22.20
CA GLY Q 37 47.61 -49.03 -23.57
C GLY Q 37 46.45 -49.96 -23.88
N THR Q 38 45.61 -50.27 -22.89
CA THR Q 38 44.51 -51.20 -23.11
C THR Q 38 43.51 -50.64 -24.12
N GLY Q 39 42.93 -51.53 -24.91
CA GLY Q 39 42.00 -51.14 -25.95
C GLY Q 39 42.63 -50.67 -27.24
N SER Q 40 43.94 -50.85 -27.41
CA SER Q 40 44.64 -50.46 -28.62
C SER Q 40 44.97 -51.71 -29.43
N TYR Q 41 44.68 -51.66 -30.74
CA TYR Q 41 44.82 -52.81 -31.62
C TYR Q 41 45.70 -52.47 -32.81
N ASN Q 42 46.54 -53.43 -33.20
CA ASN Q 42 47.19 -53.41 -34.49
C ASN Q 42 46.45 -54.36 -35.43
N ARG Q 43 47.00 -54.58 -36.63
CA ARG Q 43 46.35 -55.49 -37.57
C ARG Q 43 46.23 -56.90 -37.00
N SER Q 44 47.29 -57.38 -36.35
CA SER Q 44 47.28 -58.73 -35.80
C SER Q 44 46.20 -58.89 -34.73
N SER Q 45 46.21 -58.02 -33.73
CA SER Q 45 45.26 -58.14 -32.63
C SER Q 45 43.82 -57.91 -33.10
N PHE Q 46 43.63 -56.96 -34.02
CA PHE Q 46 42.29 -56.73 -34.56
C PHE Q 46 41.77 -57.96 -35.28
N GLU Q 47 42.53 -58.47 -36.26
CA GLU Q 47 42.08 -59.62 -37.02
C GLU Q 47 42.02 -60.90 -36.18
N SER Q 48 42.74 -60.96 -35.06
CA SER Q 48 42.69 -62.14 -34.20
C SER Q 48 41.48 -62.10 -33.28
N SER Q 49 41.23 -60.96 -32.63
CA SER Q 49 40.15 -60.89 -31.64
C SER Q 49 38.79 -60.74 -32.28
N SER Q 50 38.72 -60.18 -33.50
CA SER Q 50 37.46 -60.02 -34.19
C SER Q 50 37.10 -61.23 -35.07
N GLY Q 51 38.03 -62.15 -35.27
CA GLY Q 51 37.79 -63.30 -36.13
C GLY Q 51 37.71 -63.00 -37.61
N LEU Q 52 37.93 -61.76 -38.02
CA LEU Q 52 37.85 -61.38 -39.43
C LEU Q 52 39.11 -61.83 -40.16
N VAL Q 53 38.94 -62.62 -41.21
CA VAL Q 53 40.06 -63.13 -42.01
C VAL Q 53 40.07 -62.38 -43.34
N TRP Q 54 41.23 -61.84 -43.69
CA TRP Q 54 41.40 -61.04 -44.90
C TRP Q 54 41.85 -61.94 -46.06
N THR Q 55 41.04 -61.99 -47.12
CA THR Q 55 41.40 -62.69 -48.34
C THR Q 55 41.78 -61.68 -49.41
N SER Q 56 42.94 -61.91 -50.05
CA SER Q 56 43.51 -60.98 -51.02
C SER Q 56 43.15 -61.45 -52.43
N GLY Q 57 41.94 -61.12 -52.85
CA GLY Q 57 41.50 -61.44 -54.19
C GLY Q 57 42.27 -60.69 -55.26
N PRO Q 58 42.09 -61.11 -56.51
CA PRO Q 58 42.77 -60.43 -57.63
C PRO Q 58 42.24 -59.02 -57.83
N ALA Q 59 43.14 -58.04 -57.76
CA ALA Q 59 44.55 -58.27 -57.51
C ALA Q 59 45.09 -57.29 -56.48
N GLY Q 60 44.63 -56.04 -56.56
CA GLY Q 60 45.07 -55.02 -55.63
C GLY Q 60 44.15 -54.76 -54.47
N GLU Q 61 42.94 -55.30 -54.50
CA GLU Q 61 42.01 -55.14 -53.39
C GLU Q 61 41.89 -56.47 -52.62
N GLY Q 62 40.77 -56.66 -51.95
CA GLY Q 62 40.54 -57.84 -51.14
C GLY Q 62 39.34 -57.58 -50.24
N SER Q 63 39.12 -58.50 -49.31
CA SER Q 63 37.96 -58.32 -48.44
C SER Q 63 38.09 -59.20 -47.20
N TYR Q 64 37.36 -58.80 -46.16
CA TYR Q 64 37.23 -59.60 -44.95
C TYR Q 64 36.07 -60.57 -45.09
N SER Q 65 36.25 -61.76 -44.53
CA SER Q 65 35.21 -62.79 -44.57
C SER Q 65 34.39 -62.70 -43.29
N ILE Q 66 33.12 -62.29 -43.42
CA ILE Q 66 32.26 -62.09 -42.27
C ILE Q 66 31.64 -63.43 -41.89
N THR Q 67 31.86 -63.86 -40.64
CA THR Q 67 31.36 -65.14 -40.16
C THR Q 67 30.22 -64.99 -39.17
N THR Q 68 30.17 -63.91 -38.40
CA THR Q 68 29.06 -63.58 -37.51
C THR Q 68 28.76 -62.10 -37.62
N PRO Q 69 27.52 -61.70 -37.40
CA PRO Q 69 27.18 -60.27 -37.56
C PRO Q 69 27.79 -59.38 -36.48
N SER Q 70 28.20 -59.94 -35.34
CA SER Q 70 28.85 -59.14 -34.31
C SER Q 70 30.06 -58.41 -34.87
N GLN Q 71 30.80 -59.05 -35.78
CA GLN Q 71 31.98 -58.46 -36.39
C GLN Q 71 31.68 -57.11 -37.04
N PHE Q 72 30.42 -56.84 -37.38
CA PHE Q 72 30.09 -55.55 -37.98
C PHE Q 72 30.44 -54.39 -37.06
N VAL Q 73 30.38 -54.61 -35.75
CA VAL Q 73 30.77 -53.56 -34.80
C VAL Q 73 32.24 -53.19 -35.02
N PHE Q 74 33.08 -54.18 -35.32
CA PHE Q 74 34.49 -53.90 -35.60
C PHE Q 74 34.68 -53.09 -36.86
N LEU Q 75 33.69 -53.07 -37.76
CA LEU Q 75 33.80 -52.38 -39.03
C LEU Q 75 33.04 -51.06 -39.05
N SER Q 76 32.62 -50.56 -37.90
CA SER Q 76 31.90 -49.31 -37.81
C SER Q 76 32.86 -48.15 -37.56
N SER Q 77 32.30 -46.96 -37.38
CA SER Q 77 33.08 -45.76 -37.06
C SER Q 77 33.34 -45.74 -35.55
N ALA Q 78 34.36 -46.50 -35.14
CA ALA Q 78 34.61 -46.71 -33.72
C ALA Q 78 36.11 -46.87 -33.46
N TRP Q 79 36.93 -46.09 -34.17
CA TRP Q 79 38.38 -46.15 -34.01
C TRP Q 79 38.96 -44.75 -33.99
N ALA Q 80 39.92 -44.54 -33.09
CA ALA Q 80 40.57 -43.24 -32.93
C ALA Q 80 42.07 -43.45 -32.79
N ASP Q 81 42.82 -42.45 -33.23
CA ASP Q 81 44.28 -42.49 -33.08
C ASP Q 81 44.64 -42.37 -31.60
N PRO Q 82 45.54 -43.20 -31.09
CA PRO Q 82 45.86 -43.13 -29.66
C PRO Q 82 46.46 -41.79 -29.24
N ILE Q 83 47.40 -41.27 -30.03
CA ILE Q 83 48.03 -40.00 -29.68
C ILE Q 83 47.01 -38.88 -29.71
N GLU Q 84 46.16 -38.85 -30.73
CA GLU Q 84 45.11 -37.85 -30.80
C GLU Q 84 44.17 -37.93 -29.59
N LEU Q 85 43.83 -39.15 -29.17
CA LEU Q 85 42.90 -39.32 -28.06
C LEU Q 85 43.51 -38.88 -26.74
N ILE Q 86 44.77 -39.24 -26.49
CA ILE Q 86 45.38 -38.84 -25.23
C ILE Q 86 45.67 -37.34 -25.22
N ASN Q 87 45.98 -36.75 -26.38
CA ASN Q 87 46.11 -35.29 -26.45
C ASN Q 87 44.78 -34.61 -26.19
N LEU Q 88 43.69 -35.20 -26.71
CA LEU Q 88 42.36 -34.67 -26.42
C LEU Q 88 42.07 -34.70 -24.92
N CYS Q 89 42.44 -35.79 -24.26
CA CYS Q 89 42.27 -35.88 -22.81
C CYS Q 89 43.09 -34.80 -22.10
N THR Q 90 44.36 -34.65 -22.50
CA THR Q 90 45.22 -33.64 -21.88
C THR Q 90 44.61 -32.25 -22.01
N ASN Q 91 44.18 -31.88 -23.22
CA ASN Q 91 43.61 -30.55 -23.42
C ASN Q 91 42.27 -30.39 -22.73
N ALA Q 92 41.50 -31.48 -22.60
CA ALA Q 92 40.20 -31.40 -21.93
C ALA Q 92 40.37 -31.17 -20.44
N LEU Q 93 41.41 -31.75 -19.84
CA LEU Q 93 41.64 -31.54 -18.41
C LEU Q 93 41.92 -30.08 -18.07
N GLY Q 94 42.24 -29.25 -19.05
CA GLY Q 94 42.50 -27.85 -18.81
C GLY Q 94 41.40 -26.94 -19.32
N ASN Q 95 40.15 -27.31 -19.07
CA ASN Q 95 39.00 -26.55 -19.51
C ASN Q 95 38.19 -26.07 -18.31
N GLN Q 96 37.36 -25.04 -18.55
CA GLN Q 96 36.48 -24.50 -17.52
C GLN Q 96 35.14 -25.23 -17.62
N PHE Q 97 35.08 -26.40 -16.99
CA PHE Q 97 33.87 -27.21 -17.02
C PHE Q 97 32.76 -26.67 -16.13
N GLN Q 98 33.02 -25.58 -15.40
CA GLN Q 98 31.92 -24.85 -14.76
C GLN Q 98 30.98 -24.26 -15.80
N THR Q 99 31.48 -23.99 -17.00
CA THR Q 99 30.68 -23.47 -18.09
C THR Q 99 30.05 -24.59 -18.90
N GLN Q 100 28.84 -24.33 -19.38
CA GLN Q 100 28.15 -25.30 -20.25
C GLN Q 100 28.83 -25.41 -21.62
N HIS Q 101 29.39 -24.31 -22.10
CA HIS Q 101 29.98 -24.29 -23.45
C HIS Q 101 31.14 -25.27 -23.57
N ALA Q 102 32.05 -25.25 -22.59
CA ALA Q 102 33.18 -26.17 -22.63
C ALA Q 102 32.72 -27.62 -22.56
N ARG Q 103 31.71 -27.90 -21.74
CA ARG Q 103 31.16 -29.24 -21.65
C ARG Q 103 30.64 -29.70 -23.00
N THR Q 104 29.82 -28.87 -23.65
CA THR Q 104 29.29 -29.22 -24.97
C THR Q 104 30.42 -29.47 -25.97
N VAL Q 105 31.41 -28.58 -25.99
CA VAL Q 105 32.46 -28.68 -27.00
C VAL Q 105 33.29 -29.95 -26.80
N VAL Q 106 33.74 -30.20 -25.57
CA VAL Q 106 34.58 -31.38 -25.36
C VAL Q 106 33.76 -32.67 -25.45
N GLN Q 107 32.45 -32.61 -25.17
CA GLN Q 107 31.61 -33.77 -25.41
C GLN Q 107 31.55 -34.10 -26.89
N ARG Q 108 31.31 -33.08 -27.73
CA ARG Q 108 31.32 -33.32 -29.17
C ARG Q 108 32.68 -33.81 -29.65
N GLN Q 109 33.77 -33.32 -29.03
CA GLN Q 109 35.10 -33.78 -29.42
C GLN Q 109 35.32 -35.25 -29.05
N PHE Q 110 34.90 -35.65 -27.85
CA PHE Q 110 35.02 -37.05 -27.46
C PHE Q 110 34.08 -37.95 -28.24
N SER Q 111 33.00 -37.39 -28.80
CA SER Q 111 32.08 -38.22 -29.58
C SER Q 111 32.54 -38.36 -31.03
N GLU Q 112 33.14 -37.32 -31.60
CA GLU Q 112 33.52 -37.32 -33.01
C GLU Q 112 34.92 -37.87 -33.27
N VAL Q 113 35.71 -38.12 -32.22
CA VAL Q 113 37.07 -38.61 -32.42
C VAL Q 113 37.08 -40.03 -32.97
N TRP Q 114 35.97 -40.76 -32.87
CA TRP Q 114 35.89 -42.14 -33.33
C TRP Q 114 35.51 -42.15 -34.81
N LYS Q 115 36.46 -42.50 -35.66
CA LYS Q 115 36.28 -42.59 -37.10
C LYS Q 115 36.47 -44.03 -37.55
N PRO Q 116 36.02 -44.38 -38.76
CA PRO Q 116 36.25 -45.73 -39.26
C PRO Q 116 37.64 -45.88 -39.86
N SER Q 117 38.21 -47.07 -39.66
CA SER Q 117 39.47 -47.43 -40.30
C SER Q 117 39.35 -48.79 -40.99
N PRO Q 118 38.95 -49.86 -40.31
CA PRO Q 118 38.73 -51.12 -41.02
C PRO Q 118 37.33 -51.18 -41.59
N GLN Q 119 37.24 -51.66 -42.83
CA GLN Q 119 35.96 -51.83 -43.50
C GLN Q 119 35.93 -53.21 -44.15
N VAL Q 120 34.78 -53.53 -44.77
CA VAL Q 120 34.62 -54.84 -45.40
C VAL Q 120 35.61 -55.00 -46.54
N THR Q 121 35.87 -53.93 -47.29
CA THR Q 121 36.80 -53.97 -48.42
C THR Q 121 38.08 -53.20 -48.15
N VAL Q 122 38.30 -52.74 -46.92
CA VAL Q 122 39.49 -51.98 -46.55
C VAL Q 122 40.12 -52.67 -45.34
N ARG Q 123 41.32 -53.20 -45.51
CA ARG Q 123 41.98 -53.93 -44.45
C ARG Q 123 42.50 -52.97 -43.38
N PHE Q 124 42.57 -53.47 -42.15
CA PHE Q 124 43.17 -52.73 -41.05
C PHE Q 124 44.58 -52.28 -41.43
N PRO Q 125 44.99 -51.07 -41.05
CA PRO Q 125 46.34 -50.60 -41.39
C PRO Q 125 47.42 -51.57 -40.93
N ASP Q 126 48.50 -51.62 -41.71
CA ASP Q 126 49.51 -52.66 -41.51
C ASP Q 126 50.25 -52.48 -40.19
N SER Q 127 50.69 -51.26 -39.89
CA SER Q 127 51.57 -51.02 -38.75
C SER Q 127 51.00 -50.08 -37.71
N ASP Q 128 49.98 -49.29 -38.04
CA ASP Q 128 49.46 -48.32 -37.08
C ASP Q 128 48.67 -49.02 -35.99
N PHE Q 129 48.42 -48.29 -34.91
CA PHE Q 129 47.55 -48.73 -33.83
C PHE Q 129 46.30 -47.88 -33.81
N LYS Q 130 45.20 -48.48 -33.34
CA LYS Q 130 43.91 -47.81 -33.24
C LYS Q 130 43.26 -48.17 -31.92
N VAL Q 131 42.42 -47.27 -31.42
CA VAL Q 131 41.72 -47.43 -30.15
C VAL Q 131 40.28 -47.84 -30.44
N TYR Q 132 39.83 -48.93 -29.83
CA TYR Q 132 38.52 -49.51 -30.10
C TYR Q 132 37.50 -48.91 -29.15
N ARG Q 133 36.49 -48.22 -29.71
CA ARG Q 133 35.47 -47.58 -28.89
C ARG Q 133 34.73 -48.59 -28.03
N TYR Q 134 34.56 -49.82 -28.52
CA TYR Q 134 33.78 -50.83 -27.81
C TYR Q 134 34.66 -51.93 -27.22
N ASN Q 135 35.89 -51.60 -26.87
CA ASN Q 135 36.71 -52.51 -26.08
C ASN Q 135 36.07 -52.72 -24.72
N ALA Q 136 36.19 -53.94 -24.19
CA ALA Q 136 35.47 -54.31 -22.97
C ALA Q 136 35.82 -53.41 -21.79
N VAL Q 137 37.02 -52.84 -21.77
CA VAL Q 137 37.44 -51.99 -20.66
C VAL Q 137 37.17 -50.52 -20.97
N LEU Q 138 37.46 -50.07 -22.20
CA LEU Q 138 37.31 -48.67 -22.54
C LEU Q 138 35.85 -48.27 -22.75
N ASP Q 139 34.99 -49.21 -23.11
CA ASP Q 139 33.59 -48.88 -23.38
C ASP Q 139 32.89 -48.25 -22.18
N PRO Q 140 32.91 -48.84 -20.97
CA PRO Q 140 32.21 -48.19 -19.85
C PRO Q 140 32.80 -46.84 -19.49
N LEU Q 141 34.13 -46.69 -19.59
CA LEU Q 141 34.75 -45.42 -19.27
C LEU Q 141 34.33 -44.33 -20.25
N VAL Q 142 34.34 -44.63 -21.55
CA VAL Q 142 33.93 -43.65 -22.54
C VAL Q 142 32.46 -43.33 -22.40
N THR Q 143 31.63 -44.34 -22.09
CA THR Q 143 30.20 -44.09 -21.89
C THR Q 143 29.97 -43.16 -20.69
N ALA Q 144 30.62 -43.46 -19.57
CA ALA Q 144 30.47 -42.60 -18.38
C ALA Q 144 31.01 -41.20 -18.64
N LEU Q 145 32.09 -41.09 -19.41
CA LEU Q 145 32.64 -39.78 -19.75
C LEU Q 145 31.64 -38.98 -20.58
N LEU Q 146 31.11 -39.58 -21.64
CA LEU Q 146 30.14 -38.87 -22.49
C LEU Q 146 28.88 -38.53 -21.71
N GLY Q 147 28.48 -39.38 -20.76
CA GLY Q 147 27.32 -39.08 -19.94
C GLY Q 147 27.56 -38.03 -18.88
N ALA Q 148 28.81 -37.84 -18.46
CA ALA Q 148 29.12 -36.87 -17.43
C ALA Q 148 28.92 -35.44 -17.91
N PHE Q 149 29.08 -35.20 -19.22
CA PHE Q 149 28.86 -33.86 -19.76
C PHE Q 149 27.39 -33.50 -19.83
N ASP Q 150 26.49 -34.48 -19.72
CA ASP Q 150 25.04 -34.25 -19.89
C ASP Q 150 24.46 -33.75 -18.57
N THR Q 151 24.81 -32.52 -18.23
CA THR Q 151 24.26 -31.84 -17.05
C THR Q 151 24.17 -30.36 -17.36
N ARG Q 152 22.95 -29.83 -17.38
CA ARG Q 152 22.71 -28.43 -17.69
C ARG Q 152 22.07 -27.74 -16.49
N ASN Q 153 22.01 -26.41 -16.58
CA ASN Q 153 21.41 -25.62 -15.51
C ASN Q 153 20.23 -24.79 -16.03
#